data_5ISO
#
_entry.id   5ISO
#
_cell.length_a   75.420
_cell.length_b   129.390
_cell.length_c   139.280
_cell.angle_alpha   90.00
_cell.angle_beta   92.73
_cell.angle_gamma   90.00
#
_symmetry.space_group_name_H-M   'P 1 21 1'
#
loop_
_entity.id
_entity.type
_entity.pdbx_description
1 polymer "5'-AMP-activated protein kinase catalytic subunit alpha-2"
2 polymer "5'-AMP-activated protein kinase subunit beta-1"
3 polymer "5'-AMP-activated protein kinase subunit gamma-1"
4 non-polymer STAUROSPORINE
5 non-polymer '5-[[6-chloranyl-5-(1-methylindol-5-yl)-1H-benzimidazol-2-yl]oxy]-2-methyl-benzoic acid'
6 non-polymer 'ADENOSINE MONOPHOSPHATE'
7 water water
#
loop_
_entity_poly.entity_id
_entity_poly.type
_entity_poly.pdbx_seq_one_letter_code
_entity_poly.pdbx_strand_id
1 'polypeptide(L)'
;MAEKQKHDGRVKIGHYVLGDTLGVGTFGKVKIGEHQLTGHKVAVKILNRQKIRSLDVVGKIKREIQNLKLFRHPHIIKLY
QVISTPTDFFMVMEYVSGGELFDYICKHGRVEEMEARRLFQQILSAVDYCHRHMVVHRDLKPENVLLDAHMNAKIADFGL
SNMMSDGEFLRTSCGSPNYAAPEVISGRLYAGPEVDIWSCGVILYALLCGTLPFDDEHVPTLFKKIRGGVFYIPEYLNRS
VATLLMHMLQVDPLKRATIKDIREHEWFKQDLPSYLFPEDPSYDANVIDDEAVKEVCEKFECTESEVMNSLYSGDPQDQL
AVAYHLIIDNRRIMNQASEFYLASSPPSGSFMDDSAMHIPPGLKPHPERMPPLIADSPKARCPLDALNTTKPKSLAVKKA
KWHLGIRSQSKPYDIMAEVYRAMKQLDFEWKVVNAYHLRVRRKNPVTGNYVKMSLQLYLVDNRSYLLDFKSIDDEVVEQR
SGSSTPQRSCSAAGLHRPRSSFDSTTAESHSLSGSLTGSLTGSTLSSVSPRLGSHTMDFFEMCASLITTLAR
;
A,C
2 'polypeptide(L)'
;MGLNDIFEAQKIEWHEMGNTSSERAALERHGGHKTPRRDSSGGTKDGDRPKILMDSPEDADLFHSEEIKAPEKEEFLAWQ
HDLEVNDKAPAQARPTVFRWTGGGKEVYLSGSFNNWSKLPLTR(SEP)HNNFVAILDLPEGEHQYKFFVDGQWTHDPSEP
IVTSQLGTVNNIIQVKKTDFEVFDALMVDSQKCSDVSELSSSPPGPYHQEPYVCKPEERFRAPPILPPHLLQVILNKDTG
ISCDPALLPEPNHVMLNHLYALSIKDGVMVLSATHRYKKKYVTTLLYKPI
;
B,D
3 'polypeptide(L)'
;METVISSDSSPAVENEHPQETPESNNSVYTSFMKSHRCYDLIPTSSKLVVFDTSLQVKKAFFALVTNGVRAAPLWDSKKQ
SFVGMLTITDFINILHRYYKSALVQIYELEEHKIETWREVYLQDSFKPLVCISPNASLFDAVSSLIRNKIHRLPVIDPES
GNTLYILTHKRILKFLKLFITEFPKPEFMSKSLEELQIGTYANIAMVRTTTPVYVALGIFVQHRVSALPVVDEKGRVVDI
YSKFDVINLAAEKTYNNLDVSVTKALQHRSHYFEGVLKCYLHETLETIINRLVEAEVHRLVVVDENDVVKGIVSLSDILQ
ALVLTGGEKKP
;
E,F
#
# COMPACT_ATOMS: atom_id res chain seq x y z
N GLY A 9 24.82 42.49 38.09
CA GLY A 9 24.22 43.21 36.97
C GLY A 9 24.79 42.83 35.62
N ARG A 10 25.48 41.70 35.57
CA ARG A 10 26.12 41.22 34.36
C ARG A 10 25.22 40.23 33.65
N VAL A 11 25.30 40.22 32.33
CA VAL A 11 24.54 39.28 31.52
C VAL A 11 25.44 38.07 31.25
N LYS A 12 25.11 36.93 31.84
CA LYS A 12 25.88 35.71 31.66
C LYS A 12 25.09 34.72 30.83
N ILE A 13 25.76 34.03 29.93
CA ILE A 13 25.20 32.88 29.24
C ILE A 13 26.21 31.75 29.37
N GLY A 14 25.83 30.71 30.11
CA GLY A 14 26.64 29.51 30.23
C GLY A 14 28.09 29.72 30.57
N HIS A 15 28.37 30.46 31.66
CA HIS A 15 29.67 30.80 32.24
C HIS A 15 30.32 32.04 31.60
N TYR A 16 29.78 32.59 30.53
CA TYR A 16 30.40 33.73 29.86
C TYR A 16 29.60 35.00 30.06
N VAL A 17 30.29 36.07 30.46
CA VAL A 17 29.71 37.40 30.52
C VAL A 17 29.71 38.01 29.12
N LEU A 18 28.56 38.53 28.71
CA LEU A 18 28.41 39.11 27.38
C LEU A 18 28.81 40.57 27.39
N GLY A 19 29.62 40.97 26.42
CA GLY A 19 30.13 42.31 26.29
C GLY A 19 29.48 43.08 25.16
N ASP A 20 30.27 43.97 24.55
CA ASP A 20 29.79 44.76 23.43
C ASP A 20 29.58 43.91 22.18
N THR A 21 28.75 44.44 21.28
CA THR A 21 28.59 43.89 19.93
C THR A 21 29.91 43.99 19.16
N LEU A 22 30.38 42.87 18.62
CA LEU A 22 31.49 42.92 17.69
C LEU A 22 31.02 43.34 16.29
N GLY A 23 29.81 42.97 15.92
CA GLY A 23 29.24 43.29 14.63
C GLY A 23 27.93 42.56 14.45
N VAL A 24 27.18 43.01 13.44
CA VAL A 24 25.93 42.38 13.04
C VAL A 24 26.20 41.65 11.73
N GLY A 25 26.10 40.33 11.76
CA GLY A 25 26.36 39.51 10.59
C GLY A 25 25.21 39.51 9.61
N THR A 26 25.29 38.58 8.66
CA THR A 26 24.19 38.43 7.70
C THR A 26 22.91 38.03 8.40
N PHE A 27 22.99 37.08 9.33
CA PHE A 27 21.86 36.66 10.14
C PHE A 27 22.34 36.51 11.59
N GLY A 28 21.88 37.39 12.47
CA GLY A 28 22.24 37.31 13.87
C GLY A 28 23.28 38.34 14.31
N LYS A 29 23.29 38.63 15.61
CA LYS A 29 24.16 39.63 16.22
C LYS A 29 25.27 38.94 17.00
N VAL A 30 26.51 39.41 16.83
CA VAL A 30 27.67 38.80 17.46
C VAL A 30 28.19 39.72 18.57
N LYS A 31 28.20 39.21 19.80
CA LYS A 31 28.72 39.91 20.95
C LYS A 31 29.91 39.15 21.50
N ILE A 32 30.84 39.87 22.10
CA ILE A 32 31.95 39.19 22.75
C ILE A 32 31.48 38.64 24.10
N GLY A 33 32.14 37.60 24.55
CA GLY A 33 31.89 37.10 25.88
C GLY A 33 33.19 36.68 26.51
N GLU A 34 33.23 36.79 27.82
CA GLU A 34 34.45 36.61 28.59
C GLU A 34 34.13 35.66 29.74
N HIS A 35 34.91 34.60 29.85
CA HIS A 35 34.70 33.60 30.89
C HIS A 35 34.82 34.23 32.28
N GLN A 36 33.80 34.04 33.12
CA GLN A 36 33.76 34.76 34.40
C GLN A 36 34.80 34.27 35.38
N LEU A 37 35.55 33.22 35.04
CA LEU A 37 36.61 32.70 35.87
C LEU A 37 37.98 32.99 35.28
N THR A 38 38.24 32.52 34.06
CA THR A 38 39.54 32.60 33.41
C THR A 38 39.72 33.79 32.48
N GLY A 39 38.65 34.54 32.18
CA GLY A 39 38.74 35.63 31.23
C GLY A 39 38.78 35.21 29.76
N HIS A 40 38.66 33.92 29.48
CA HIS A 40 38.78 33.45 28.12
C HIS A 40 37.71 34.12 27.25
N LYS A 41 38.12 34.62 26.08
CA LYS A 41 37.19 35.32 25.20
C LYS A 41 36.58 34.35 24.21
N VAL A 42 35.32 34.60 23.86
CA VAL A 42 34.62 33.89 22.81
C VAL A 42 33.79 34.92 22.05
N ALA A 43 33.28 34.49 20.89
CA ALA A 43 32.34 35.30 20.14
C ALA A 43 31.02 34.55 20.06
N VAL A 44 29.94 35.22 20.48
CA VAL A 44 28.62 34.62 20.64
C VAL A 44 27.72 35.18 19.57
N LYS A 45 27.34 34.35 18.60
CA LYS A 45 26.32 34.75 17.63
C LYS A 45 24.95 34.45 18.22
N ILE A 46 24.10 35.45 18.31
CA ILE A 46 22.75 35.30 18.84
C ILE A 46 21.78 35.21 17.68
N LEU A 47 20.89 34.21 17.72
CA LEU A 47 19.80 34.08 16.75
C LEU A 47 18.46 34.10 17.47
N ASN A 48 17.56 34.98 17.03
CA ASN A 48 16.24 35.06 17.64
C ASN A 48 15.33 33.98 17.07
N ARG A 49 14.70 33.20 17.95
CA ARG A 49 13.90 32.08 17.48
C ARG A 49 12.68 32.55 16.69
N GLN A 50 12.00 33.59 17.16
CA GLN A 50 10.81 34.08 16.47
C GLN A 50 11.16 34.61 15.08
N LYS A 51 12.29 35.31 14.94
CA LYS A 51 12.76 35.67 13.61
C LYS A 51 12.86 34.45 12.71
N ILE A 52 13.42 33.34 13.23
CA ILE A 52 13.65 32.16 12.40
C ILE A 52 12.33 31.56 11.93
N ARG A 53 11.32 31.54 12.80
CA ARG A 53 10.03 30.98 12.42
C ARG A 53 9.29 31.87 11.43
N SER A 54 9.40 33.19 11.61
CA SER A 54 8.70 34.14 10.73
C SER A 54 9.23 34.09 9.31
N LEU A 55 10.49 33.72 9.15
CA LEU A 55 11.11 33.52 7.83
C LEU A 55 11.04 32.08 7.36
N ASP A 56 10.53 31.16 8.19
CA ASP A 56 10.38 29.74 7.84
C ASP A 56 11.71 29.11 7.43
N VAL A 57 12.82 29.63 7.99
CA VAL A 57 14.17 29.14 7.71
C VAL A 57 14.67 28.16 8.75
N VAL A 58 13.80 27.66 9.63
CA VAL A 58 14.18 26.72 10.67
C VAL A 58 15.08 25.61 10.12
N GLY A 59 14.66 24.96 9.04
CA GLY A 59 15.47 23.92 8.45
C GLY A 59 16.85 24.39 8.04
N LYS A 60 16.96 25.59 7.48
CA LYS A 60 18.26 26.06 7.04
C LYS A 60 19.17 26.34 8.24
N ILE A 61 18.60 26.77 9.38
CA ILE A 61 19.39 26.97 10.59
C ILE A 61 19.85 25.62 11.16
N LYS A 62 18.93 24.64 11.24
CA LYS A 62 19.31 23.33 11.77
C LYS A 62 20.45 22.72 10.97
N ARG A 63 20.34 22.71 9.64
CA ARG A 63 21.42 22.18 8.81
C ARG A 63 22.69 23.01 8.98
N GLU A 64 22.54 24.33 9.16
CA GLU A 64 23.72 25.18 9.34
C GLU A 64 24.39 24.89 10.67
N ILE A 65 23.62 24.44 11.66
CA ILE A 65 24.20 24.13 12.96
C ILE A 65 24.87 22.77 12.95
N GLN A 66 24.24 21.77 12.31
CA GLN A 66 24.84 20.45 12.21
C GLN A 66 26.17 20.52 11.46
N ASN A 67 26.26 21.38 10.44
CA ASN A 67 27.45 21.44 9.61
C ASN A 67 28.58 22.21 10.28
N LEU A 68 28.30 23.41 10.78
CA LEU A 68 29.33 24.18 11.46
C LEU A 68 29.83 23.46 12.72
N LYS A 69 29.01 22.55 13.28
CA LYS A 69 29.42 21.84 14.48
C LYS A 69 30.47 20.78 14.17
N LEU A 70 30.40 20.13 13.01
CA LEU A 70 31.42 19.16 12.66
C LEU A 70 32.53 19.75 11.80
N PHE A 71 32.50 21.06 11.53
CA PHE A 71 33.57 21.71 10.80
C PHE A 71 34.74 21.94 11.74
N ARG A 72 35.87 21.28 11.47
CA ARG A 72 37.10 21.52 12.21
C ARG A 72 38.22 21.71 11.19
N HIS A 73 38.62 22.95 11.01
CA HIS A 73 39.61 23.34 10.02
C HIS A 73 40.32 24.51 10.67
N PRO A 74 41.65 24.62 10.52
CA PRO A 74 42.37 25.66 11.27
C PRO A 74 42.06 27.08 10.79
N HIS A 75 41.63 27.25 9.54
CA HIS A 75 41.30 28.55 8.96
C HIS A 75 39.79 28.81 8.84
N ILE A 76 38.94 28.01 9.47
CA ILE A 76 37.53 28.31 9.65
C ILE A 76 37.25 28.52 11.13
N ILE A 77 36.56 29.61 11.46
CA ILE A 77 36.16 29.89 12.85
C ILE A 77 35.37 28.72 13.41
N LYS A 78 35.81 28.19 14.55
CA LYS A 78 35.15 27.01 15.13
C LYS A 78 33.94 27.39 15.97
N LEU A 79 32.96 26.49 15.97
CA LEU A 79 31.80 26.57 16.86
C LEU A 79 32.03 25.63 18.05
N TYR A 80 31.95 26.16 19.27
CA TYR A 80 32.21 25.36 20.48
C TYR A 80 30.94 24.71 20.99
N GLN A 81 29.93 25.52 21.34
CA GLN A 81 28.66 24.96 21.78
C GLN A 81 27.53 25.86 21.28
N VAL A 82 26.33 25.31 21.37
CA VAL A 82 25.10 26.06 21.14
C VAL A 82 24.25 25.98 22.39
N ILE A 83 23.89 27.13 22.95
CA ILE A 83 23.05 27.18 24.13
C ILE A 83 21.67 27.67 23.71
N SER A 84 20.66 26.90 24.08
CA SER A 84 19.28 27.16 23.68
C SER A 84 18.47 27.79 24.81
N THR A 85 17.64 28.75 24.47
CA THR A 85 16.71 29.42 25.38
C THR A 85 15.33 29.46 24.75
N PRO A 86 14.29 29.77 25.54
CA PRO A 86 12.94 29.94 24.95
C PRO A 86 12.88 30.89 23.76
N THR A 87 13.51 32.06 23.84
CA THR A 87 13.46 33.02 22.76
C THR A 87 14.67 33.04 21.82
N ASP A 88 15.82 32.47 22.19
CA ASP A 88 17.02 32.71 21.40
C ASP A 88 17.99 31.53 21.45
N PHE A 89 18.77 31.39 20.36
CA PHE A 89 19.93 30.50 20.31
C PHE A 89 21.21 31.31 20.46
N PHE A 90 22.14 30.78 21.25
CA PHE A 90 23.45 31.38 21.43
C PHE A 90 24.50 30.40 20.90
N MET A 91 25.34 30.89 19.99
CA MET A 91 26.35 30.07 19.33
C MET A 91 27.70 30.59 19.79
N VAL A 92 28.36 29.82 20.65
CA VAL A 92 29.62 30.22 21.24
C VAL A 92 30.73 29.82 20.27
N MET A 93 31.48 30.80 19.80
CA MET A 93 32.49 30.55 18.79
C MET A 93 33.86 31.00 19.27
N GLU A 94 34.87 30.50 18.56
CA GLU A 94 36.23 30.95 18.74
C GLU A 94 36.33 32.44 18.44
N TYR A 95 37.01 33.17 19.32
CA TYR A 95 37.27 34.58 19.13
C TYR A 95 38.70 34.79 18.65
N VAL A 96 38.87 35.69 17.68
CA VAL A 96 40.20 36.10 17.22
C VAL A 96 40.29 37.61 17.27
N SER A 97 41.45 38.10 17.70
CA SER A 97 41.64 39.49 18.09
C SER A 97 42.18 40.38 16.99
N GLY A 98 42.57 39.81 15.85
CA GLY A 98 43.20 40.61 14.79
C GLY A 98 42.24 41.47 14.00
N GLY A 99 40.92 41.33 14.20
CA GLY A 99 39.95 42.01 13.38
C GLY A 99 39.93 41.55 11.92
N GLU A 100 39.23 42.34 11.11
CA GLU A 100 39.02 41.99 9.72
C GLU A 100 40.31 42.05 8.90
N LEU A 101 40.37 41.19 7.89
CA LEU A 101 41.41 41.33 6.87
C LEU A 101 41.26 42.65 6.13
N PHE A 102 40.01 43.09 5.93
CA PHE A 102 39.77 44.36 5.28
C PHE A 102 40.47 45.50 6.02
N ASP A 103 40.40 45.53 7.35
CA ASP A 103 41.09 46.58 8.08
C ASP A 103 42.61 46.45 7.93
N TYR A 104 43.12 45.23 7.83
CA TYR A 104 44.56 45.05 7.67
C TYR A 104 45.04 45.65 6.35
N ILE A 105 44.43 45.25 5.23
CA ILE A 105 44.78 45.81 3.92
C ILE A 105 44.70 47.33 3.95
N CYS A 106 43.57 47.87 4.43
CA CYS A 106 43.39 49.31 4.45
C CYS A 106 44.53 50.03 5.15
N LYS A 107 44.91 49.54 6.33
CA LYS A 107 45.90 50.23 7.13
C LYS A 107 47.32 50.01 6.61
N HIS A 108 47.57 48.94 5.88
CA HIS A 108 48.90 48.72 5.30
C HIS A 108 49.01 49.17 3.85
N GLY A 109 47.95 49.68 3.24
CA GLY A 109 48.00 49.87 1.80
C GLY A 109 47.97 48.54 1.07
N ARG A 110 49.01 48.23 0.30
CA ARG A 110 49.13 46.88 -0.27
C ARG A 110 49.72 45.92 0.78
N VAL A 111 49.82 44.66 0.40
CA VAL A 111 50.39 43.61 1.24
C VAL A 111 51.52 42.92 0.46
N GLU A 112 52.66 42.74 1.11
CA GLU A 112 53.85 42.20 0.44
C GLU A 112 53.59 40.79 -0.06
N GLU A 113 54.28 40.42 -1.15
CA GLU A 113 53.92 39.22 -1.89
C GLU A 113 54.00 37.97 -1.03
N MET A 114 55.04 37.84 -0.22
CA MET A 114 55.18 36.64 0.60
C MET A 114 54.09 36.54 1.66
N GLU A 115 53.64 37.66 2.21
CA GLU A 115 52.54 37.59 3.18
C GLU A 115 51.20 37.44 2.47
N ALA A 116 50.98 38.13 1.36
CA ALA A 116 49.74 37.97 0.60
C ALA A 116 49.54 36.54 0.14
N ARG A 117 50.61 35.86 -0.27
CA ARG A 117 50.48 34.47 -0.70
C ARG A 117 50.14 33.56 0.47
N ARG A 118 50.77 33.79 1.62
CA ARG A 118 50.46 32.99 2.81
C ARG A 118 48.99 33.07 3.15
N LEU A 119 48.46 34.30 3.30
CA LEU A 119 47.05 34.50 3.57
C LEU A 119 46.15 33.81 2.53
N PHE A 120 46.46 34.00 1.25
CA PHE A 120 45.62 33.43 0.20
C PHE A 120 45.61 31.92 0.26
N GLN A 121 46.77 31.31 0.58
CA GLN A 121 46.84 29.85 0.72
C GLN A 121 45.97 29.38 1.87
N GLN A 122 45.91 30.13 2.97
CA GLN A 122 45.08 29.74 4.09
C GLN A 122 43.61 29.89 3.75
N ILE A 123 43.25 31.00 3.12
CA ILE A 123 41.86 31.25 2.78
C ILE A 123 41.36 30.19 1.81
N LEU A 124 42.14 29.93 0.77
CA LEU A 124 41.75 28.92 -0.21
C LEU A 124 41.65 27.53 0.42
N SER A 125 42.48 27.25 1.43
CA SER A 125 42.38 25.97 2.11
C SER A 125 41.02 25.80 2.77
N ALA A 126 40.51 26.86 3.40
CA ALA A 126 39.23 26.76 4.09
C ALA A 126 38.08 26.65 3.09
N VAL A 127 38.21 27.34 1.96
CA VAL A 127 37.20 27.27 0.91
C VAL A 127 37.12 25.86 0.34
N ASP A 128 38.28 25.29 0.01
CA ASP A 128 38.31 23.90 -0.46
C ASP A 128 37.73 22.96 0.59
N TYR A 129 37.99 23.24 1.87
CA TYR A 129 37.41 22.40 2.90
C TYR A 129 35.88 22.49 2.91
N CYS A 130 35.34 23.70 2.77
CA CYS A 130 33.88 23.83 2.65
C CYS A 130 33.35 23.04 1.47
N HIS A 131 33.91 23.27 0.28
CA HIS A 131 33.38 22.62 -0.92
C HIS A 131 33.44 21.09 -0.80
N ARG A 132 34.54 20.55 -0.27
CA ARG A 132 34.61 19.11 -0.13
C ARG A 132 33.59 18.59 0.86
N HIS A 133 33.06 19.45 1.74
CA HIS A 133 31.95 19.12 2.62
C HIS A 133 30.60 19.55 2.04
N MET A 134 30.56 19.91 0.75
CA MET A 134 29.33 20.25 0.03
C MET A 134 28.68 21.52 0.55
N VAL A 135 29.50 22.47 1.01
CA VAL A 135 29.05 23.77 1.45
C VAL A 135 29.73 24.84 0.61
N VAL A 136 28.96 25.82 0.16
CA VAL A 136 29.49 26.99 -0.52
C VAL A 136 29.20 28.20 0.35
N HIS A 137 30.22 29.04 0.56
CA HIS A 137 30.10 30.13 1.54
C HIS A 137 29.28 31.31 1.01
N ARG A 138 29.59 31.77 -0.21
CA ARG A 138 28.82 32.77 -0.96
C ARG A 138 28.95 34.21 -0.46
N ASP A 139 29.44 34.41 0.76
CA ASP A 139 29.77 35.74 1.28
C ASP A 139 31.28 36.02 1.34
N LEU A 140 32.10 35.27 0.63
CA LEU A 140 33.55 35.45 0.75
C LEU A 140 33.98 36.87 0.42
N LYS A 141 34.71 37.50 1.35
CA LYS A 141 35.23 38.86 1.20
C LYS A 141 36.10 39.25 2.41
N PRO A 142 37.02 40.20 2.25
CA PRO A 142 37.98 40.50 3.32
C PRO A 142 37.35 40.95 4.64
N GLU A 143 36.08 41.37 4.63
CA GLU A 143 35.40 41.72 5.86
C GLU A 143 34.95 40.49 6.65
N ASN A 144 34.81 39.35 5.97
CA ASN A 144 34.47 38.09 6.60
C ASN A 144 35.68 37.17 6.80
N VAL A 145 36.88 37.66 6.51
CA VAL A 145 38.10 36.94 6.84
C VAL A 145 38.72 37.63 8.05
N LEU A 146 38.82 36.92 9.16
CA LEU A 146 39.36 37.47 10.39
C LEU A 146 40.78 36.97 10.60
N LEU A 147 41.59 37.77 11.31
CA LEU A 147 42.92 37.35 11.70
C LEU A 147 42.98 37.06 13.20
N ASP A 148 43.81 36.10 13.59
CA ASP A 148 44.16 35.93 14.99
C ASP A 148 45.41 36.74 15.30
N ALA A 149 45.88 36.64 16.54
CA ALA A 149 47.06 37.40 16.94
C ALA A 149 48.30 37.06 16.12
N HIS A 150 48.32 35.89 15.47
CA HIS A 150 49.47 35.41 14.72
C HIS A 150 49.38 35.66 13.21
N MET A 151 48.36 36.40 12.76
CA MET A 151 48.13 36.69 11.33
C MET A 151 47.72 35.44 10.56
N ASN A 152 46.94 34.57 11.18
CA ASN A 152 46.33 33.45 10.48
C ASN A 152 44.90 33.83 10.14
N ALA A 153 44.49 33.49 8.92
CA ALA A 153 43.18 33.90 8.43
C ALA A 153 42.10 32.93 8.91
N LYS A 154 40.91 33.49 9.16
CA LYS A 154 39.75 32.70 9.56
C LYS A 154 38.50 33.18 8.82
N ILE A 155 37.91 32.30 8.00
CA ILE A 155 36.59 32.57 7.42
C ILE A 155 35.54 32.49 8.51
N ALA A 156 34.55 33.38 8.46
CA ALA A 156 33.66 33.57 9.60
C ALA A 156 32.18 33.37 9.26
N ASP A 157 31.56 34.27 8.49
CA ASP A 157 30.10 34.38 8.54
C ASP A 157 29.46 33.47 7.48
N PHE A 158 28.74 32.45 7.92
CA PHE A 158 28.09 31.48 7.05
C PHE A 158 26.61 31.76 6.82
N GLY A 159 26.12 32.91 7.28
CA GLY A 159 24.69 33.24 7.18
C GLY A 159 24.10 33.10 5.80
N LEU A 160 24.89 33.36 4.76
CA LEU A 160 24.45 33.23 3.38
C LEU A 160 24.83 31.90 2.74
N SER A 161 25.45 31.00 3.48
CA SER A 161 25.96 29.81 2.80
C SER A 161 24.80 28.86 2.45
N ASN A 162 25.12 27.83 1.69
CA ASN A 162 24.13 26.85 1.30
C ASN A 162 24.79 25.52 1.04
N MET A 163 24.03 24.45 1.28
CA MET A 163 24.45 23.12 0.88
C MET A 163 24.35 22.98 -0.63
N MET A 164 25.29 22.26 -1.22
CA MET A 164 25.25 21.95 -2.64
C MET A 164 24.60 20.57 -2.79
N SER A 165 23.39 20.55 -3.35
CA SER A 165 22.68 19.30 -3.53
C SER A 165 22.90 18.74 -4.93
N ASP A 166 22.99 17.41 -5.02
CA ASP A 166 23.11 16.75 -6.31
C ASP A 166 22.01 17.16 -7.27
N GLY A 167 22.42 17.57 -8.48
CA GLY A 167 21.52 17.92 -9.55
C GLY A 167 20.89 19.29 -9.46
N GLU A 168 21.21 20.08 -8.44
CA GLU A 168 20.50 21.31 -8.15
C GLU A 168 21.43 22.50 -8.35
N PHE A 169 20.82 23.65 -8.58
CA PHE A 169 21.56 24.89 -8.79
C PHE A 169 21.16 25.92 -7.75
N LEU A 170 22.00 26.92 -7.61
CA LEU A 170 21.72 28.04 -6.73
C LEU A 170 21.36 29.24 -7.58
N ARG A 171 20.30 29.94 -7.17
CA ARG A 171 19.90 31.20 -7.77
C ARG A 171 20.32 32.37 -6.90
N THR A 172 19.98 32.31 -5.61
CA THR A 172 19.87 33.49 -4.75
C THR A 172 21.02 34.46 -4.95
N SER A 173 20.66 35.71 -5.19
CA SER A 173 21.62 36.79 -5.37
C SER A 173 21.63 37.61 -4.08
N CYS A 174 22.71 37.48 -3.32
CA CYS A 174 22.94 38.29 -2.13
C CYS A 174 24.43 38.37 -1.91
N GLY A 175 24.84 39.34 -1.13
CA GLY A 175 26.25 39.63 -0.91
C GLY A 175 26.68 40.92 -1.58
N SER A 176 27.93 41.27 -1.34
CA SER A 176 28.45 42.53 -1.84
C SER A 176 28.69 42.44 -3.34
N PRO A 177 28.16 43.38 -4.13
CA PRO A 177 28.33 43.31 -5.59
C PRO A 177 29.79 43.21 -6.02
N ASN A 178 30.70 43.89 -5.32
CA ASN A 178 32.08 43.94 -5.77
C ASN A 178 32.73 42.57 -5.80
N TYR A 179 32.30 41.66 -4.95
CA TYR A 179 32.83 40.31 -4.91
C TYR A 179 31.94 39.30 -5.64
N ALA A 180 30.87 39.78 -6.27
CA ALA A 180 29.90 38.95 -6.95
C ALA A 180 30.37 38.60 -8.36
N ALA A 181 30.27 37.32 -8.71
CA ALA A 181 30.62 36.83 -10.01
C ALA A 181 29.63 37.30 -11.08
N PRO A 182 30.06 37.33 -12.36
CA PRO A 182 29.16 37.82 -13.41
C PRO A 182 27.84 37.08 -13.49
N GLU A 183 27.80 35.80 -13.12
CA GLU A 183 26.55 35.06 -13.19
C GLU A 183 25.59 35.41 -12.05
N VAL A 184 26.10 35.67 -10.84
CA VAL A 184 25.18 36.05 -9.78
C VAL A 184 24.60 37.44 -10.03
N ILE A 185 25.36 38.36 -10.62
CA ILE A 185 24.80 39.68 -10.83
C ILE A 185 23.79 39.68 -11.96
N SER A 186 23.86 38.67 -12.83
CA SER A 186 22.92 38.54 -13.93
C SER A 186 21.62 37.83 -13.55
N GLY A 187 21.59 37.13 -12.41
CA GLY A 187 20.43 36.37 -12.01
C GLY A 187 20.37 34.97 -12.58
N ARG A 188 21.45 34.49 -13.21
CA ARG A 188 21.52 33.16 -13.77
C ARG A 188 21.69 32.12 -12.66
N LEU A 189 21.37 30.87 -13.00
CA LEU A 189 21.65 29.75 -12.11
C LEU A 189 23.13 29.40 -12.18
N TYR A 190 23.71 29.01 -11.04
CA TYR A 190 25.12 28.61 -11.00
C TYR A 190 25.28 27.42 -10.07
N ALA A 191 26.42 26.75 -10.18
CA ALA A 191 26.69 25.58 -9.35
C ALA A 191 27.11 25.97 -7.94
N GLY A 192 27.87 27.05 -7.83
CA GLY A 192 28.25 27.64 -6.58
C GLY A 192 29.71 27.53 -6.14
N PRO A 193 30.44 26.46 -6.45
CA PRO A 193 31.88 26.52 -6.15
C PRO A 193 32.63 27.46 -7.09
N GLU A 194 32.16 27.63 -8.33
CA GLU A 194 32.78 28.62 -9.22
C GLU A 194 32.62 30.05 -8.69
N VAL A 195 31.52 30.31 -7.98
CA VAL A 195 31.26 31.66 -7.50
C VAL A 195 32.16 32.01 -6.32
N ASP A 196 32.48 31.03 -5.47
CA ASP A 196 33.43 31.26 -4.38
C ASP A 196 34.82 31.59 -4.94
N ILE A 197 35.24 30.89 -6.01
CA ILE A 197 36.59 31.12 -6.54
C ILE A 197 36.71 32.52 -7.12
N TRP A 198 35.66 33.00 -7.79
CA TRP A 198 35.65 34.39 -8.24
C TRP A 198 35.92 35.34 -7.08
N SER A 199 35.29 35.10 -5.93
CA SER A 199 35.50 35.96 -4.77
C SER A 199 36.94 35.86 -4.26
N CYS A 200 37.49 34.64 -4.26
CA CYS A 200 38.91 34.50 -3.90
C CYS A 200 39.80 35.23 -4.90
N GLY A 201 39.35 35.35 -6.14
CA GLY A 201 40.07 36.17 -7.09
C GLY A 201 40.06 37.64 -6.69
N VAL A 202 38.91 38.14 -6.24
CA VAL A 202 38.83 39.55 -5.85
C VAL A 202 39.60 39.78 -4.57
N ILE A 203 39.58 38.80 -3.65
CA ILE A 203 40.35 38.92 -2.42
C ILE A 203 41.85 38.92 -2.72
N LEU A 204 42.29 38.00 -3.57
CA LEU A 204 43.68 37.99 -4.00
C LEU A 204 44.08 39.34 -4.60
N TYR A 205 43.21 39.89 -5.45
CA TYR A 205 43.50 41.18 -6.05
C TYR A 205 43.54 42.27 -5.00
N ALA A 206 42.62 42.23 -4.03
CA ALA A 206 42.62 43.21 -2.96
C ALA A 206 43.82 43.03 -2.03
N LEU A 207 44.34 41.81 -1.94
CA LEU A 207 45.55 41.57 -1.15
C LEU A 207 46.77 42.21 -1.80
N LEU A 208 46.96 41.99 -3.11
CA LEU A 208 48.16 42.44 -3.81
C LEU A 208 48.12 43.93 -4.11
N CYS A 209 47.00 44.44 -4.63
CA CYS A 209 46.74 45.86 -4.78
C CYS A 209 45.73 46.27 -3.72
N GLY A 210 45.89 47.48 -3.21
CA GLY A 210 44.99 47.87 -2.14
C GLY A 210 43.57 48.17 -2.57
N THR A 211 43.20 47.76 -3.78
CA THR A 211 41.96 48.20 -4.40
C THR A 211 41.21 47.00 -4.97
N LEU A 212 39.96 47.25 -5.36
CA LEU A 212 39.11 46.23 -5.98
C LEU A 212 39.30 46.23 -7.50
N PRO A 213 39.29 45.05 -8.13
CA PRO A 213 39.45 45.02 -9.59
C PRO A 213 38.28 45.70 -10.30
N PHE A 214 37.06 45.49 -9.82
CA PHE A 214 35.86 46.10 -10.37
C PHE A 214 35.26 46.98 -9.28
N ASP A 215 35.26 48.29 -9.52
CA ASP A 215 34.67 49.22 -8.57
C ASP A 215 34.11 50.40 -9.34
N ASP A 216 32.92 50.83 -8.96
CA ASP A 216 32.38 52.11 -9.42
C ASP A 216 31.36 52.62 -8.42
N GLU A 217 31.28 53.96 -8.30
CA GLU A 217 30.28 54.57 -7.44
C GLU A 217 28.87 54.42 -7.99
N HIS A 218 28.75 54.20 -9.29
CA HIS A 218 27.47 54.04 -9.98
C HIS A 218 27.23 52.54 -10.14
N VAL A 219 26.23 52.02 -9.46
CA VAL A 219 26.09 50.56 -9.32
C VAL A 219 25.80 49.88 -10.66
N PRO A 220 24.87 50.36 -11.51
CA PRO A 220 24.73 49.72 -12.83
C PRO A 220 26.00 49.75 -13.67
N THR A 221 26.85 50.77 -13.50
CA THR A 221 28.13 50.78 -14.18
C THR A 221 29.02 49.65 -13.66
N LEU A 222 29.08 49.46 -12.34
CA LEU A 222 29.84 48.37 -11.77
C LEU A 222 29.42 47.02 -12.37
N PHE A 223 28.13 46.86 -12.65
CA PHE A 223 27.66 45.56 -13.13
C PHE A 223 28.12 45.30 -14.56
N LYS A 224 28.26 46.37 -15.36
CA LYS A 224 28.79 46.22 -16.71
C LYS A 224 30.29 45.90 -16.69
N LYS A 225 31.04 46.45 -15.74
CA LYS A 225 32.47 46.15 -15.66
C LYS A 225 32.70 44.70 -15.28
N ILE A 226 31.94 44.19 -14.32
CA ILE A 226 32.09 42.80 -13.89
C ILE A 226 31.70 41.86 -15.02
N ARG A 227 30.55 42.10 -15.64
CA ARG A 227 30.10 41.25 -16.73
C ARG A 227 31.10 41.25 -17.88
N GLY A 228 31.72 42.39 -18.16
CA GLY A 228 32.78 42.43 -19.17
C GLY A 228 34.05 41.75 -18.72
N GLY A 229 34.37 41.82 -17.42
CA GLY A 229 35.50 41.10 -16.90
C GLY A 229 36.85 41.69 -17.23
N VAL A 230 36.90 42.93 -17.68
CA VAL A 230 38.16 43.60 -17.97
C VAL A 230 38.59 44.37 -16.72
N PHE A 231 39.81 44.12 -16.25
CA PHE A 231 40.34 44.82 -15.10
C PHE A 231 41.81 45.13 -15.33
N TYR A 232 42.30 46.12 -14.58
CA TYR A 232 43.68 46.59 -14.72
C TYR A 232 44.60 45.74 -13.84
N ILE A 233 45.67 45.25 -14.44
CA ILE A 233 46.68 44.45 -13.75
C ILE A 233 47.96 45.29 -13.68
N PRO A 234 48.36 45.77 -12.51
CA PRO A 234 49.52 46.65 -12.42
C PRO A 234 50.81 45.90 -12.76
N GLU A 235 51.82 46.68 -13.11
CA GLU A 235 53.10 46.14 -13.57
C GLU A 235 54.05 45.80 -12.43
N TYR A 236 53.69 46.14 -11.19
CA TYR A 236 54.50 45.69 -10.07
C TYR A 236 54.19 44.26 -9.66
N LEU A 237 53.12 43.66 -10.19
CA LEU A 237 52.86 42.25 -10.03
C LEU A 237 53.57 41.46 -11.13
N ASN A 238 54.15 40.33 -10.77
CA ASN A 238 54.82 39.53 -11.78
C ASN A 238 53.78 38.84 -12.67
N ARG A 239 54.28 38.18 -13.70
CA ARG A 239 53.36 37.65 -14.71
C ARG A 239 52.69 36.35 -14.26
N SER A 240 53.37 35.53 -13.45
CA SER A 240 52.78 34.26 -13.02
C SER A 240 51.50 34.51 -12.23
N VAL A 241 51.55 35.44 -11.27
CA VAL A 241 50.35 35.75 -10.49
C VAL A 241 49.34 36.51 -11.32
N ALA A 242 49.80 37.24 -12.35
CA ALA A 242 48.86 37.84 -13.30
C ALA A 242 48.06 36.75 -14.02
N THR A 243 48.73 35.66 -14.41
CA THR A 243 48.03 34.53 -15.02
C THR A 243 47.04 33.91 -14.03
N LEU A 244 47.44 33.78 -12.78
CA LEU A 244 46.54 33.21 -11.77
C LEU A 244 45.31 34.07 -11.57
N LEU A 245 45.43 35.39 -11.67
CA LEU A 245 44.28 36.27 -11.50
C LEU A 245 43.31 36.16 -12.68
N MET A 246 43.83 36.20 -13.91
CA MET A 246 42.97 36.13 -15.09
C MET A 246 42.30 34.78 -15.20
N HIS A 247 42.93 33.74 -14.66
CA HIS A 247 42.31 32.43 -14.63
C HIS A 247 41.16 32.38 -13.65
N MET A 248 41.32 33.00 -12.47
CA MET A 248 40.26 33.03 -11.46
C MET A 248 39.17 34.05 -11.77
N LEU A 249 39.52 35.14 -12.44
CA LEU A 249 38.57 36.18 -12.80
C LEU A 249 38.00 36.00 -14.21
N GLN A 250 38.25 34.85 -14.83
CA GLN A 250 37.62 34.50 -16.10
C GLN A 250 36.10 34.69 -16.03
N VAL A 251 35.55 35.31 -17.08
CA VAL A 251 34.12 35.60 -17.19
C VAL A 251 33.29 34.34 -17.45
N ASP A 252 33.77 33.41 -18.30
CA ASP A 252 33.05 32.17 -18.58
C ASP A 252 33.22 31.22 -17.40
N PRO A 253 32.16 30.85 -16.68
CA PRO A 253 32.34 30.00 -15.50
C PRO A 253 32.98 28.65 -15.80
N LEU A 254 32.83 28.15 -17.04
CA LEU A 254 33.47 26.91 -17.44
C LEU A 254 34.95 27.08 -17.76
N LYS A 255 35.38 28.29 -18.11
CA LYS A 255 36.79 28.55 -18.31
C LYS A 255 37.49 29.04 -17.04
N ARG A 256 36.75 29.22 -15.95
CA ARG A 256 37.32 29.76 -14.73
C ARG A 256 38.10 28.68 -13.98
N ALA A 257 39.22 29.10 -13.39
CA ALA A 257 40.08 28.19 -12.65
C ALA A 257 39.32 27.48 -11.53
N THR A 258 39.67 26.22 -11.30
CA THR A 258 39.15 25.47 -10.16
C THR A 258 40.20 25.47 -9.07
N ILE A 259 39.85 24.88 -7.93
CA ILE A 259 40.82 24.76 -6.85
C ILE A 259 42.04 23.95 -7.29
N LYS A 260 41.80 22.83 -7.99
CA LYS A 260 42.93 22.03 -8.46
C LYS A 260 43.80 22.81 -9.43
N ASP A 261 43.20 23.63 -10.28
CA ASP A 261 43.99 24.53 -11.11
C ASP A 261 44.91 25.38 -10.25
N ILE A 262 44.34 26.09 -9.27
CA ILE A 262 45.13 27.00 -8.44
C ILE A 262 46.25 26.25 -7.73
N ARG A 263 45.95 25.10 -7.14
CA ARG A 263 46.97 24.34 -6.42
C ARG A 263 48.10 23.87 -7.32
N GLU A 264 47.88 23.80 -8.63
CA GLU A 264 48.93 23.43 -9.55
C GLU A 264 49.69 24.64 -10.10
N HIS A 265 49.23 25.86 -9.82
CA HIS A 265 49.87 27.05 -10.36
C HIS A 265 51.16 27.36 -9.61
N GLU A 266 52.20 27.73 -10.37
CA GLU A 266 53.54 27.83 -9.82
C GLU A 266 53.64 28.90 -8.73
N TRP A 267 52.91 29.99 -8.87
CA TRP A 267 52.98 31.06 -7.88
C TRP A 267 52.32 30.64 -6.56
N PHE A 268 51.34 29.74 -6.63
CA PHE A 268 50.65 29.27 -5.45
C PHE A 268 51.44 28.17 -4.72
N LYS A 269 52.12 27.32 -5.48
CA LYS A 269 52.86 26.22 -4.89
C LYS A 269 54.06 26.70 -4.08
N GLN A 270 54.57 27.89 -4.35
CA GLN A 270 55.81 28.32 -3.73
C GLN A 270 55.61 28.58 -2.24
N ASP A 271 56.41 27.91 -1.42
CA ASP A 271 56.37 28.04 0.04
C ASP A 271 55.03 27.60 0.61
N LEU A 272 54.38 26.64 -0.04
CA LEU A 272 53.06 26.19 0.39
C LEU A 272 53.19 25.17 1.51
N PRO A 273 52.54 25.38 2.65
CA PRO A 273 52.64 24.42 3.76
C PRO A 273 51.95 23.10 3.44
N SER A 274 52.55 22.00 3.94
CA SER A 274 52.10 20.65 3.60
C SER A 274 50.76 20.29 4.23
N TYR A 275 50.21 21.09 5.14
CA TYR A 275 49.02 20.70 5.88
C TYR A 275 47.71 21.23 5.30
N LEU A 276 47.77 22.11 4.30
CA LEU A 276 46.57 22.85 3.93
C LEU A 276 45.63 22.07 3.01
N PHE A 277 46.10 21.05 2.32
CA PHE A 277 45.24 20.38 1.35
C PHE A 277 45.39 18.87 1.45
N PRO A 278 44.32 18.12 1.12
CA PRO A 278 44.29 16.68 1.45
C PRO A 278 45.29 15.81 0.72
N GLU A 279 45.76 16.19 -0.46
CA GLU A 279 46.71 15.36 -1.21
C GLU A 279 48.15 15.61 -0.77
N ASP A 280 48.34 16.35 0.31
CA ASP A 280 49.64 16.86 0.63
C ASP A 280 50.21 16.16 1.88
N PRO A 281 51.54 16.08 1.99
CA PRO A 281 52.16 15.18 2.98
C PRO A 281 51.60 15.24 4.39
N SER A 282 51.35 16.43 4.92
CA SER A 282 51.03 16.57 6.34
C SER A 282 49.54 16.67 6.65
N TYR A 283 48.67 16.59 5.64
CA TYR A 283 47.24 16.81 5.87
C TYR A 283 46.65 15.78 6.82
N ASP A 284 46.94 14.49 6.57
CA ASP A 284 46.32 13.42 7.34
C ASP A 284 46.68 13.52 8.81
N ALA A 285 47.93 13.87 9.12
CA ALA A 285 48.37 13.97 10.50
C ALA A 285 47.79 15.19 11.21
N ASN A 286 47.14 16.11 10.50
CA ASN A 286 46.64 17.34 11.10
C ASN A 286 45.13 17.48 11.00
N VAL A 287 44.56 17.51 9.80
CA VAL A 287 43.13 17.77 9.65
C VAL A 287 42.35 16.48 9.80
N ILE A 288 41.37 16.50 10.70
CA ILE A 288 40.59 15.29 11.00
C ILE A 288 39.65 14.98 9.83
N ASP A 289 39.55 13.70 9.48
CA ASP A 289 38.67 13.24 8.43
C ASP A 289 37.36 12.77 9.05
N ASP A 290 36.28 13.53 8.80
CA ASP A 290 35.00 13.28 9.47
C ASP A 290 34.33 11.98 9.02
N GLU A 291 34.67 11.46 7.84
CA GLU A 291 34.12 10.17 7.42
C GLU A 291 34.82 8.99 8.06
N ALA A 292 36.12 9.12 8.37
CA ALA A 292 36.81 8.04 9.07
C ALA A 292 36.46 7.99 10.55
N VAL A 293 36.19 9.15 11.18
CA VAL A 293 35.74 9.11 12.58
C VAL A 293 34.34 8.54 12.66
N LYS A 294 33.52 8.74 11.62
CA LYS A 294 32.20 8.10 11.60
C LYS A 294 32.32 6.60 11.37
N GLU A 295 33.36 6.17 10.66
CA GLU A 295 33.51 4.74 10.36
C GLU A 295 34.02 3.97 11.57
N VAL A 296 35.01 4.53 12.28
CA VAL A 296 35.58 3.83 13.43
C VAL A 296 34.53 3.65 14.52
N CYS A 297 33.67 4.66 14.72
CA CYS A 297 32.64 4.58 15.74
C CYS A 297 31.37 3.93 15.23
N GLU A 298 31.37 3.45 13.99
CA GLU A 298 30.41 2.44 13.57
C GLU A 298 30.86 1.05 14.01
N LYS A 299 32.16 0.77 13.87
CA LYS A 299 32.72 -0.52 14.30
C LYS A 299 32.64 -0.70 15.81
N PHE A 300 33.20 0.25 16.56
CA PHE A 300 33.06 0.28 18.00
C PHE A 300 31.88 1.19 18.33
N GLU A 301 31.15 0.87 19.39
CA GLU A 301 29.99 1.71 19.70
C GLU A 301 30.50 2.81 20.63
N CYS A 302 30.61 4.01 20.08
CA CYS A 302 31.19 5.13 20.81
C CYS A 302 30.80 6.42 20.09
N THR A 303 30.88 7.53 20.82
CA THR A 303 30.55 8.83 20.24
C THR A 303 31.74 9.39 19.45
N GLU A 304 31.42 10.32 18.54
CA GLU A 304 32.45 11.02 17.79
C GLU A 304 33.39 11.81 18.70
N SER A 305 32.98 12.11 19.93
CA SER A 305 33.86 12.83 20.85
C SER A 305 34.91 11.93 21.48
N GLU A 306 34.61 10.64 21.62
CA GLU A 306 35.60 9.71 22.19
C GLU A 306 36.72 9.42 21.20
N VAL A 307 36.37 9.17 19.94
CA VAL A 307 37.38 8.92 18.91
C VAL A 307 38.30 10.11 18.76
N MET A 308 37.75 11.32 18.81
CA MET A 308 38.58 12.51 18.69
C MET A 308 39.40 12.76 19.95
N ASN A 309 38.99 12.21 21.09
CA ASN A 309 39.78 12.39 22.31
C ASN A 309 41.01 11.49 22.34
N SER A 310 40.91 10.27 21.77
CA SER A 310 42.08 9.40 21.74
C SER A 310 43.10 9.87 20.70
N LEU A 311 42.65 10.56 19.66
CA LEU A 311 43.57 11.12 18.68
C LEU A 311 44.29 12.35 19.22
N TYR A 312 43.56 13.25 19.88
CA TYR A 312 44.17 14.48 20.36
C TYR A 312 45.03 14.21 21.59
N SER A 313 44.41 13.74 22.68
CA SER A 313 45.06 13.58 23.98
C SER A 313 45.57 12.18 24.25
N GLY A 314 45.37 11.23 23.35
CA GLY A 314 45.55 9.82 23.67
C GLY A 314 46.92 9.26 23.30
N ASP A 315 47.10 7.98 23.64
CA ASP A 315 48.30 7.24 23.30
C ASP A 315 48.15 6.65 21.90
N PRO A 316 49.16 6.74 21.03
CA PRO A 316 49.01 6.22 19.66
C PRO A 316 48.48 4.80 19.54
N GLN A 317 48.81 3.89 20.47
CA GLN A 317 48.44 2.49 20.33
C GLN A 317 47.00 2.19 20.79
N ASP A 318 46.25 3.23 21.16
CA ASP A 318 44.82 3.08 21.44
C ASP A 318 44.10 2.45 20.25
N GLN A 319 43.04 1.69 20.57
CA GLN A 319 42.34 0.95 19.52
C GLN A 319 41.48 1.85 18.65
N LEU A 320 40.89 2.90 19.23
CA LEU A 320 40.18 3.90 18.43
C LEU A 320 41.13 4.61 17.47
N ALA A 321 42.36 4.86 17.93
CA ALA A 321 43.35 5.57 17.11
C ALA A 321 43.91 4.69 16.01
N VAL A 322 44.28 3.44 16.34
CA VAL A 322 44.87 2.55 15.35
C VAL A 322 43.85 2.21 14.26
N ALA A 323 42.58 2.04 14.64
CA ALA A 323 41.53 1.86 13.64
C ALA A 323 41.46 3.08 12.73
N TYR A 324 41.40 4.27 13.33
CA TYR A 324 41.32 5.51 12.56
C TYR A 324 42.48 5.62 11.59
N HIS A 325 43.70 5.51 12.12
CA HIS A 325 44.90 5.62 11.28
C HIS A 325 44.94 4.54 10.22
N LEU A 326 44.41 3.36 10.50
CA LEU A 326 44.39 2.30 9.51
C LEU A 326 43.48 2.66 8.33
N ILE A 327 42.31 3.23 8.61
CA ILE A 327 41.44 3.71 7.54
C ILE A 327 42.15 4.75 6.70
N ILE A 328 42.84 5.68 7.36
CA ILE A 328 43.52 6.76 6.63
C ILE A 328 44.64 6.18 5.77
N ASP A 329 45.32 5.15 6.27
CA ASP A 329 46.38 4.54 5.47
C ASP A 329 45.81 3.86 4.24
N ASN A 330 44.72 3.10 4.40
CA ASN A 330 44.09 2.46 3.24
C ASN A 330 43.63 3.50 2.23
N ARG A 331 42.96 4.55 2.70
CA ARG A 331 42.53 5.61 1.81
C ARG A 331 43.70 6.34 1.15
N ARG A 332 44.89 6.31 1.74
CA ARG A 332 46.03 6.90 1.02
C ARG A 332 46.45 6.01 -0.13
N ILE A 333 46.57 4.71 0.11
CA ILE A 333 46.91 3.75 -0.94
C ILE A 333 45.95 3.89 -2.12
N MET A 334 44.64 3.95 -1.82
CA MET A 334 43.65 4.05 -2.89
C MET A 334 43.72 5.40 -3.61
N ASN A 335 43.88 6.48 -2.86
CA ASN A 335 43.98 7.81 -3.50
C ASN A 335 45.21 7.91 -4.36
N GLN A 336 46.29 7.25 -4.01
CA GLN A 336 47.52 7.37 -4.77
C GLN A 336 47.59 6.43 -5.96
N ALA A 337 46.54 5.65 -6.20
CA ALA A 337 46.32 5.10 -7.52
C ALA A 337 45.04 5.74 -8.03
N SER A 338 45.18 6.91 -8.66
CA SER A 338 44.04 7.64 -9.17
C SER A 338 43.66 7.11 -10.55
N GLU A 339 44.69 6.68 -11.29
CA GLU A 339 44.55 5.97 -12.56
C GLU A 339 43.62 4.78 -12.47
N PHE A 340 43.55 4.14 -11.30
CA PHE A 340 42.75 2.94 -11.08
C PHE A 340 41.30 3.28 -10.76
N TYR A 341 41.06 4.42 -10.10
CA TYR A 341 39.73 4.86 -9.74
C TYR A 341 39.11 5.88 -10.69
N LEU A 342 39.91 6.54 -11.54
CA LEU A 342 39.42 7.62 -12.39
C LEU A 342 40.05 7.54 -13.78
N ALA A 343 39.29 7.94 -14.78
CA ALA A 343 39.82 8.02 -16.13
C ALA A 343 40.74 9.23 -16.27
N SER A 344 41.80 9.06 -17.04
CA SER A 344 42.73 10.13 -17.36
C SER A 344 42.18 11.01 -18.49
N SER A 345 43.03 11.90 -18.99
CA SER A 345 42.73 12.78 -20.11
C SER A 345 43.68 12.49 -21.26
N PRO A 346 43.29 12.82 -22.49
CA PRO A 346 44.18 12.65 -23.65
C PRO A 346 45.18 13.78 -23.81
N LEU A 363 51.96 6.42 -25.10
CA LEU A 363 50.84 5.84 -24.35
C LEU A 363 50.42 4.51 -24.95
N LYS A 364 50.69 3.36 -24.22
CA LYS A 364 50.26 2.11 -24.82
C LYS A 364 48.79 1.83 -24.48
N PRO A 365 48.03 1.35 -25.47
CA PRO A 365 46.59 1.15 -25.27
C PRO A 365 46.29 0.11 -24.20
N HIS A 366 45.21 0.35 -23.46
CA HIS A 366 44.73 -0.65 -22.54
C HIS A 366 44.25 -1.88 -23.31
N PRO A 367 44.60 -3.09 -22.87
CA PRO A 367 44.28 -4.29 -23.65
C PRO A 367 42.82 -4.43 -24.02
N GLU A 368 41.91 -3.82 -23.27
CA GLU A 368 40.48 -3.95 -23.55
C GLU A 368 39.93 -2.82 -24.40
N ARG A 369 40.79 -1.93 -24.92
CA ARG A 369 40.32 -0.84 -25.79
C ARG A 369 39.67 -1.40 -27.06
N MET A 370 38.52 -0.97 -27.32
CA MET A 370 37.81 -1.51 -28.47
C MET A 370 38.08 -0.69 -29.73
N PRO A 371 38.19 -1.34 -30.89
CA PRO A 371 38.25 -0.61 -32.17
C PRO A 371 36.92 0.05 -32.47
N PRO A 372 36.90 1.10 -33.29
CA PRO A 372 35.63 1.74 -33.62
C PRO A 372 34.78 0.86 -34.53
N LEU A 373 33.47 0.98 -34.39
CA LEU A 373 32.56 0.31 -35.30
C LEU A 373 32.75 0.89 -36.70
N ILE A 374 32.69 0.03 -37.70
CA ILE A 374 33.01 0.42 -39.08
C ILE A 374 31.71 0.52 -39.86
N ALA A 375 31.32 1.76 -40.22
CA ALA A 375 30.25 2.04 -41.18
C ALA A 375 29.01 1.17 -40.97
N ASP A 376 28.50 0.56 -42.04
CA ASP A 376 27.34 -0.34 -41.97
C ASP A 376 27.52 -1.50 -42.93
N SER A 377 26.85 -2.61 -42.62
CA SER A 377 26.85 -3.81 -43.47
C SER A 377 28.24 -4.26 -43.93
N VAL A 397 33.05 4.95 -38.75
CA VAL A 397 31.64 5.27 -38.49
C VAL A 397 31.47 6.54 -37.66
N LYS A 398 30.32 7.19 -37.83
CA LYS A 398 30.03 8.45 -37.15
C LYS A 398 29.80 8.22 -35.66
N LYS A 399 30.30 9.15 -34.84
CA LYS A 399 30.21 9.04 -33.39
C LYS A 399 28.99 9.83 -32.93
N ALA A 400 27.99 9.13 -32.40
CA ALA A 400 26.76 9.78 -31.98
C ALA A 400 27.00 10.65 -30.76
N LYS A 401 26.32 11.79 -30.72
CA LYS A 401 26.50 12.78 -29.67
C LYS A 401 25.31 12.72 -28.72
N TRP A 402 25.59 12.51 -27.44
CA TRP A 402 24.57 12.66 -26.42
C TRP A 402 24.19 14.13 -26.26
N HIS A 403 22.91 14.37 -26.01
CA HIS A 403 22.41 15.68 -25.69
C HIS A 403 21.62 15.59 -24.40
N LEU A 404 21.36 16.75 -23.80
CA LEU A 404 20.61 16.82 -22.56
C LEU A 404 19.13 16.93 -22.87
N GLY A 405 18.34 16.04 -22.26
CA GLY A 405 16.90 16.10 -22.36
C GLY A 405 16.37 16.22 -23.76
N ILE A 406 15.33 17.03 -23.92
CA ILE A 406 14.57 17.18 -25.15
C ILE A 406 14.57 18.65 -25.55
N ARG A 407 14.88 18.91 -26.81
CA ARG A 407 14.78 20.25 -27.36
C ARG A 407 13.48 20.37 -28.16
N SER A 408 12.85 21.54 -28.08
CA SER A 408 11.69 21.84 -28.90
C SER A 408 11.63 23.34 -29.15
N GLN A 409 11.20 23.74 -30.34
CA GLN A 409 11.11 25.16 -30.70
C GLN A 409 9.71 25.75 -30.53
N SER A 410 8.73 24.97 -30.05
CA SER A 410 7.40 25.52 -29.80
C SER A 410 7.46 26.57 -28.69
N LYS A 411 6.49 27.47 -28.69
CA LYS A 411 6.39 28.48 -27.64
C LYS A 411 6.29 27.79 -26.27
N PRO A 412 6.92 28.35 -25.23
CA PRO A 412 7.00 27.62 -23.95
C PRO A 412 5.65 27.25 -23.36
N TYR A 413 4.65 28.10 -23.49
CA TYR A 413 3.33 27.73 -23.01
C TYR A 413 2.74 26.58 -23.82
N ASP A 414 3.09 26.49 -25.11
CA ASP A 414 2.64 25.37 -25.92
C ASP A 414 3.38 24.10 -25.55
N ILE A 415 4.66 24.20 -25.19
CA ILE A 415 5.41 23.02 -24.77
C ILE A 415 4.80 22.42 -23.51
N MET A 416 4.43 23.27 -22.56
CA MET A 416 3.93 22.76 -21.28
C MET A 416 2.58 22.10 -21.43
N ALA A 417 1.70 22.67 -22.26
CA ALA A 417 0.40 22.05 -22.49
C ALA A 417 0.54 20.65 -23.07
N GLU A 418 1.51 20.46 -23.98
CA GLU A 418 1.72 19.12 -24.49
C GLU A 418 2.30 18.21 -23.40
N VAL A 419 3.06 18.78 -22.45
CA VAL A 419 3.55 17.98 -21.33
C VAL A 419 2.40 17.53 -20.45
N TYR A 420 1.49 18.46 -20.12
CA TYR A 420 0.34 18.12 -19.30
C TYR A 420 -0.54 17.07 -20.00
N ARG A 421 -0.73 17.21 -21.30
CA ARG A 421 -1.55 16.26 -22.05
C ARG A 421 -0.92 14.87 -22.06
N ALA A 422 0.40 14.80 -22.30
CA ALA A 422 1.08 13.52 -22.35
C ALA A 422 1.03 12.80 -21.01
N MET A 423 1.21 13.53 -19.92
CA MET A 423 1.16 12.92 -18.60
C MET A 423 -0.24 12.41 -18.27
N LYS A 424 -1.27 13.20 -18.58
CA LYS A 424 -2.65 12.76 -18.37
C LYS A 424 -2.89 11.41 -19.03
N GLN A 425 -2.47 11.28 -20.29
CA GLN A 425 -2.63 10.03 -21.02
C GLN A 425 -1.90 8.87 -20.34
N LEU A 426 -0.83 9.14 -19.60
CA LEU A 426 0.05 8.10 -19.08
C LEU A 426 -0.22 7.72 -17.62
N ASP A 427 -1.23 8.33 -16.97
CA ASP A 427 -1.50 8.10 -15.55
C ASP A 427 -0.35 8.57 -14.65
N PHE A 428 0.09 9.82 -14.87
CA PHE A 428 1.07 10.47 -14.01
C PHE A 428 0.37 11.47 -13.09
N GLU A 429 0.64 11.39 -11.79
CA GLU A 429 0.23 12.42 -10.85
C GLU A 429 1.40 13.36 -10.60
N TRP A 430 1.10 14.63 -10.40
CA TRP A 430 2.16 15.62 -10.41
C TRP A 430 1.76 16.86 -9.62
N LYS A 431 2.78 17.64 -9.28
CA LYS A 431 2.63 18.90 -8.56
C LYS A 431 3.42 19.98 -9.26
N VAL A 432 2.98 21.22 -9.09
CA VAL A 432 3.49 22.36 -9.83
C VAL A 432 4.32 23.19 -8.86
N VAL A 433 5.64 23.17 -9.03
CA VAL A 433 6.49 24.08 -8.26
C VAL A 433 6.35 25.49 -8.81
N ASN A 434 6.47 25.64 -10.13
CA ASN A 434 6.12 26.87 -10.82
C ASN A 434 5.64 26.50 -12.21
N ALA A 435 5.40 27.51 -13.05
CA ALA A 435 4.86 27.26 -14.38
C ALA A 435 5.72 26.28 -15.16
N TYR A 436 7.05 26.41 -15.06
CA TYR A 436 8.00 25.60 -15.81
C TYR A 436 8.63 24.45 -15.02
N HIS A 437 8.19 24.19 -13.80
CA HIS A 437 8.81 23.17 -12.96
C HIS A 437 7.72 22.27 -12.38
N LEU A 438 7.80 20.98 -12.67
CA LEU A 438 6.81 20.00 -12.22
C LEU A 438 7.50 18.88 -11.46
N ARG A 439 6.80 18.36 -10.46
CA ARG A 439 7.23 17.19 -9.69
C ARG A 439 6.22 16.08 -9.98
N VAL A 440 6.67 15.05 -10.71
CA VAL A 440 5.78 14.04 -11.27
C VAL A 440 6.03 12.71 -10.56
N ARG A 441 4.97 11.92 -10.44
CA ARG A 441 5.15 10.56 -9.95
C ARG A 441 4.17 9.62 -10.62
N ARG A 442 4.55 8.34 -10.66
CA ARG A 442 3.73 7.23 -11.17
C ARG A 442 4.00 6.00 -10.31
N LYS A 443 2.94 5.22 -10.06
CA LYS A 443 3.10 3.97 -9.35
C LYS A 443 3.57 2.89 -10.32
N ASN A 444 4.74 2.33 -10.06
CA ASN A 444 5.25 1.22 -10.85
C ASN A 444 4.36 0.01 -10.59
N PRO A 445 3.65 -0.50 -11.59
CA PRO A 445 2.64 -1.53 -11.31
C PRO A 445 3.22 -2.85 -10.81
N VAL A 446 4.41 -3.25 -11.30
CA VAL A 446 4.96 -4.54 -10.87
C VAL A 446 5.50 -4.47 -9.46
N THR A 447 6.37 -3.49 -9.18
CA THR A 447 7.04 -3.43 -7.88
C THR A 447 6.17 -2.86 -6.78
N GLY A 448 5.16 -2.06 -7.10
CA GLY A 448 4.39 -1.35 -6.10
C GLY A 448 5.05 -0.10 -5.56
N ASN A 449 6.29 0.19 -5.93
CA ASN A 449 6.95 1.41 -5.52
C ASN A 449 6.44 2.61 -6.33
N TYR A 450 6.54 3.78 -5.72
CA TYR A 450 6.36 5.03 -6.44
C TYR A 450 7.69 5.50 -7.01
N VAL A 451 7.65 6.09 -8.21
CA VAL A 451 8.84 6.59 -8.87
C VAL A 451 8.59 8.07 -9.19
N LYS A 452 9.54 8.94 -8.84
CA LYS A 452 9.36 10.37 -8.89
C LYS A 452 10.42 11.02 -9.76
N MET A 453 10.07 12.18 -10.30
CA MET A 453 10.86 12.85 -11.32
C MET A 453 10.54 14.35 -11.26
N SER A 454 11.52 15.17 -11.63
CA SER A 454 11.35 16.63 -11.69
C SER A 454 11.53 17.08 -13.13
N LEU A 455 10.51 17.74 -13.69
CA LEU A 455 10.59 18.30 -15.04
C LEU A 455 10.80 19.81 -14.95
N GLN A 456 11.74 20.32 -15.74
CA GLN A 456 12.06 21.74 -15.75
C GLN A 456 12.26 22.20 -17.19
N LEU A 457 11.67 23.34 -17.54
CA LEU A 457 11.84 23.91 -18.87
C LEU A 457 12.87 25.04 -18.82
N TYR A 458 13.79 25.01 -19.78
CA TYR A 458 14.86 26.01 -19.88
C TYR A 458 14.83 26.67 -21.24
N LEU A 459 15.39 27.88 -21.29
CA LEU A 459 15.69 28.58 -22.53
C LEU A 459 17.14 28.35 -22.89
N VAL A 460 17.41 27.87 -24.10
CA VAL A 460 18.78 27.53 -24.49
C VAL A 460 19.32 28.56 -25.48
N ASP A 461 18.91 28.44 -26.74
CA ASP A 461 19.25 29.43 -27.74
C ASP A 461 18.27 30.59 -27.60
N ASN A 462 18.25 31.48 -28.58
CA ASN A 462 17.36 32.62 -28.51
C ASN A 462 15.91 32.17 -28.31
N ARG A 463 15.29 31.62 -29.34
CA ARG A 463 13.89 31.21 -29.28
C ARG A 463 13.67 29.71 -29.09
N SER A 464 14.72 28.91 -28.91
CA SER A 464 14.54 27.48 -28.72
C SER A 464 14.73 27.10 -27.26
N TYR A 465 14.02 26.03 -26.84
CA TYR A 465 13.91 25.64 -25.45
C TYR A 465 14.28 24.16 -25.27
N LEU A 466 14.47 23.78 -24.02
CA LEU A 466 14.87 22.43 -23.66
C LEU A 466 14.13 22.00 -22.40
N LEU A 467 13.66 20.75 -22.39
CA LEU A 467 12.99 20.16 -21.24
C LEU A 467 13.97 19.20 -20.56
N ASP A 468 14.27 19.45 -19.29
CA ASP A 468 15.22 18.66 -18.53
C ASP A 468 14.52 17.70 -17.59
N PHE A 469 15.07 16.48 -17.48
CA PHE A 469 14.50 15.40 -16.68
C PHE A 469 15.45 15.07 -15.54
N LYS A 470 14.95 15.07 -14.30
CA LYS A 470 15.77 14.86 -13.12
C LYS A 470 15.10 13.88 -12.18
N SER A 471 15.84 12.85 -11.78
CA SER A 471 15.30 11.82 -10.89
C SER A 471 15.24 12.33 -9.46
N ILE A 472 14.33 11.74 -8.69
CA ILE A 472 14.14 12.02 -7.27
C ILE A 472 14.18 10.68 -6.54
N ASP A 473 14.71 10.67 -5.32
CA ASP A 473 14.69 9.47 -4.50
C ASP A 473 14.16 9.81 -3.12
N ASP A 474 13.69 8.77 -2.42
CA ASP A 474 13.18 8.95 -1.06
C ASP A 474 13.30 7.66 -0.25
N PRO A 530 15.29 -7.32 -0.26
CA PRO A 530 15.05 -5.89 0.01
C PRO A 530 13.91 -5.32 -0.84
N ARG A 531 14.24 -4.52 -1.86
CA ARG A 531 13.24 -3.96 -2.76
C ARG A 531 13.48 -4.47 -4.18
N LEU A 532 12.39 -4.89 -4.83
CA LEU A 532 12.47 -5.36 -6.20
C LEU A 532 12.62 -4.18 -7.16
N GLY A 533 13.11 -4.47 -8.36
CA GLY A 533 13.34 -3.45 -9.36
C GLY A 533 14.57 -2.63 -9.07
N SER A 534 14.70 -1.54 -9.82
CA SER A 534 15.85 -0.66 -9.74
C SER A 534 15.38 0.79 -9.84
N HIS A 535 15.85 1.61 -8.90
CA HIS A 535 15.46 3.02 -8.91
C HIS A 535 15.89 3.72 -10.20
N THR A 536 17.07 3.39 -10.71
CA THR A 536 17.60 4.02 -11.91
C THR A 536 16.86 3.54 -13.17
N MET A 537 16.59 2.23 -13.27
CA MET A 537 15.74 1.75 -14.35
C MET A 537 14.34 2.38 -14.29
N ASP A 538 13.76 2.46 -13.09
CA ASP A 538 12.45 3.09 -12.94
C ASP A 538 12.48 4.51 -13.48
N PHE A 539 13.59 5.22 -13.26
CA PHE A 539 13.67 6.58 -13.77
C PHE A 539 13.84 6.61 -15.29
N PHE A 540 14.53 5.62 -15.85
CA PHE A 540 14.71 5.58 -17.30
C PHE A 540 13.40 5.20 -17.99
N GLU A 541 12.68 4.22 -17.46
CA GLU A 541 11.46 3.78 -18.08
C GLU A 541 10.36 4.82 -17.96
N MET A 542 10.39 5.62 -16.91
CA MET A 542 9.41 6.69 -16.77
C MET A 542 9.70 7.83 -17.75
N CYS A 543 10.96 8.24 -17.87
CA CYS A 543 11.36 9.19 -18.90
C CYS A 543 11.05 8.65 -20.29
N ALA A 544 11.33 7.38 -20.53
CA ALA A 544 11.12 6.80 -21.85
C ALA A 544 9.65 6.85 -22.26
N SER A 545 8.75 6.53 -21.33
CA SER A 545 7.32 6.63 -21.60
C SER A 545 6.93 8.04 -22.03
N LEU A 546 7.37 9.04 -21.26
CA LEU A 546 7.00 10.42 -21.57
C LEU A 546 7.59 10.88 -22.90
N ILE A 547 8.83 10.52 -23.18
CA ILE A 547 9.50 10.97 -24.40
C ILE A 547 8.78 10.47 -25.64
N THR A 548 8.38 9.20 -25.65
CA THR A 548 7.71 8.64 -26.82
C THR A 548 6.40 9.35 -27.10
N THR A 549 5.62 9.61 -26.06
CA THR A 549 4.29 10.22 -26.22
C THR A 549 4.37 11.61 -26.86
N LEU A 550 5.45 12.35 -26.61
CA LEU A 550 5.58 13.66 -27.24
C LEU A 550 6.06 13.52 -28.68
N ALA A 551 6.05 14.65 -29.39
CA ALA A 551 6.45 14.73 -30.80
C ALA A 551 6.35 16.18 -31.27
N ALA B 93 21.49 24.84 34.70
CA ALA B 93 20.94 26.18 34.48
C ALA B 93 19.99 26.19 33.28
N ARG B 94 18.89 26.94 33.41
CA ARG B 94 17.86 27.06 32.38
C ARG B 94 17.71 28.55 32.04
N PRO B 95 18.63 29.09 31.24
CA PRO B 95 18.64 30.55 31.01
C PRO B 95 17.43 31.01 30.22
N THR B 96 16.81 32.08 30.68
CA THR B 96 15.66 32.69 30.03
C THR B 96 15.97 34.16 29.81
N VAL B 97 15.75 34.64 28.59
CA VAL B 97 16.11 36.00 28.18
C VAL B 97 14.89 36.90 28.35
N PHE B 98 15.09 38.05 28.98
CA PHE B 98 14.09 39.11 29.06
C PHE B 98 14.68 40.37 28.41
N ARG B 99 14.18 40.71 27.24
CA ARG B 99 14.75 41.76 26.41
C ARG B 99 13.68 42.79 26.11
N TRP B 100 13.98 44.05 26.38
CA TRP B 100 13.12 45.18 26.05
C TRP B 100 13.81 45.98 24.95
N THR B 101 13.15 46.10 23.80
CA THR B 101 13.70 46.85 22.67
C THR B 101 13.15 48.25 22.52
N GLY B 102 12.24 48.68 23.37
CA GLY B 102 11.51 49.91 23.12
C GLY B 102 12.12 51.20 23.63
N GLY B 103 13.41 51.20 23.93
CA GLY B 103 14.06 52.44 24.37
C GLY B 103 13.62 52.85 25.77
N GLY B 104 14.05 54.04 26.15
CA GLY B 104 13.86 54.55 27.49
C GLY B 104 15.19 54.63 28.26
N LYS B 105 15.18 55.46 29.31
CA LYS B 105 16.42 55.71 30.02
C LYS B 105 16.71 54.65 31.07
N GLU B 106 15.71 54.23 31.85
CA GLU B 106 15.89 53.15 32.82
C GLU B 106 14.76 52.13 32.67
N VAL B 107 15.13 50.87 32.57
CA VAL B 107 14.17 49.77 32.44
C VAL B 107 14.44 48.76 33.56
N TYR B 108 13.39 48.38 34.28
CA TYR B 108 13.44 47.32 35.27
C TYR B 108 12.51 46.17 34.85
N LEU B 109 12.87 44.97 35.28
CA LEU B 109 12.06 43.77 35.09
C LEU B 109 11.44 43.31 36.41
N SER B 110 10.12 43.12 36.44
CA SER B 110 9.41 42.59 37.59
C SER B 110 8.53 41.41 37.18
N GLY B 111 8.46 40.40 38.01
CA GLY B 111 7.65 39.24 37.71
C GLY B 111 7.45 38.37 38.92
N SER B 112 6.78 37.24 38.71
CA SER B 112 6.52 36.30 39.79
C SER B 112 7.81 35.69 40.35
N PHE B 113 8.87 35.63 39.54
CA PHE B 113 10.10 34.97 39.94
C PHE B 113 10.85 35.77 41.00
N ASN B 114 10.84 37.09 40.91
CA ASN B 114 11.48 37.96 41.91
C ASN B 114 10.49 38.55 42.91
N ASN B 115 9.25 38.08 42.93
CA ASN B 115 8.21 38.57 43.83
C ASN B 115 7.87 40.03 43.52
N TRP B 116 7.95 40.40 42.24
CA TRP B 116 7.50 41.69 41.74
C TRP B 116 8.30 42.85 42.31
N SER B 117 9.61 42.68 42.37
CA SER B 117 10.55 43.73 42.72
C SER B 117 11.31 44.14 41.47
N LYS B 118 11.80 45.38 41.46
CA LYS B 118 12.39 45.93 40.23
C LYS B 118 13.83 45.43 40.06
N LEU B 119 14.07 44.70 38.98
CA LEU B 119 15.42 44.22 38.65
C LEU B 119 16.04 45.14 37.60
N PRO B 120 17.12 45.85 37.90
CA PRO B 120 17.72 46.73 36.88
C PRO B 120 18.26 45.93 35.71
N LEU B 121 17.99 46.42 34.49
CA LEU B 121 18.41 45.75 33.27
C LEU B 121 19.66 46.39 32.68
N THR B 122 20.53 45.56 32.11
CA THR B 122 21.71 46.05 31.42
C THR B 122 21.35 46.58 30.03
N ARG B 123 21.90 47.72 29.68
CA ARG B 123 21.60 48.36 28.41
C ARG B 123 22.77 48.20 27.43
N HIS B 125 23.30 49.15 23.09
CA HIS B 125 23.06 50.39 22.38
C HIS B 125 21.57 50.73 22.49
N ASN B 126 20.72 49.72 22.43
CA ASN B 126 19.27 49.90 22.51
C ASN B 126 18.66 48.93 23.51
N ASN B 127 18.90 47.63 23.29
CA ASN B 127 18.35 46.56 24.13
C ASN B 127 18.62 46.81 25.60
N PHE B 128 17.60 46.51 26.41
CA PHE B 128 17.74 46.29 27.84
C PHE B 128 17.48 44.81 28.07
N VAL B 129 18.44 44.10 28.67
CA VAL B 129 18.31 42.66 28.82
C VAL B 129 18.64 42.19 30.23
N ALA B 130 18.04 41.07 30.61
CA ALA B 130 18.44 40.24 31.73
C ALA B 130 18.28 38.79 31.31
N ILE B 131 19.20 37.94 31.74
CA ILE B 131 19.12 36.51 31.50
C ILE B 131 19.03 35.83 32.86
N LEU B 132 17.88 35.24 33.14
CA LEU B 132 17.59 34.63 34.44
C LEU B 132 17.53 33.11 34.34
N ASP B 133 17.81 32.46 35.47
CA ASP B 133 17.66 31.01 35.59
C ASP B 133 16.26 30.73 36.12
N LEU B 134 15.41 30.16 35.28
CA LEU B 134 14.03 29.95 35.67
C LEU B 134 13.62 28.50 35.54
N PRO B 135 12.83 27.98 36.46
CA PRO B 135 12.29 26.63 36.29
C PRO B 135 11.23 26.58 35.20
N GLU B 136 11.03 25.38 34.66
CA GLU B 136 10.01 25.21 33.65
C GLU B 136 8.64 25.50 34.24
N GLY B 137 7.68 25.80 33.36
CA GLY B 137 6.35 26.21 33.76
C GLY B 137 6.09 27.68 33.44
N GLU B 138 4.92 28.13 33.90
CA GLU B 138 4.42 29.46 33.56
C GLU B 138 5.02 30.52 34.48
N HIS B 139 5.37 31.67 33.89
CA HIS B 139 5.91 32.79 34.64
C HIS B 139 5.23 34.05 34.16
N GLN B 140 4.81 34.89 35.10
CA GLN B 140 4.23 36.18 34.77
C GLN B 140 5.28 37.27 34.99
N TYR B 141 5.25 38.30 34.15
CA TYR B 141 6.24 39.36 34.27
C TYR B 141 5.71 40.63 33.62
N LYS B 142 6.33 41.76 33.98
CA LYS B 142 6.03 43.07 33.45
C LYS B 142 7.31 43.90 33.41
N PHE B 143 7.42 44.77 32.42
CA PHE B 143 8.53 45.70 32.33
C PHE B 143 8.11 47.03 32.97
N PHE B 144 9.07 47.66 33.65
CA PHE B 144 8.88 48.96 34.27
C PHE B 144 9.86 49.91 33.62
N VAL B 145 9.36 50.87 32.86
CA VAL B 145 10.17 51.73 32.00
C VAL B 145 9.89 53.17 32.35
N ASP B 146 10.88 53.85 32.93
CA ASP B 146 10.81 55.29 33.21
C ASP B 146 9.59 55.63 34.06
N GLY B 147 9.37 54.84 35.10
CA GLY B 147 8.34 55.10 36.07
C GLY B 147 6.97 54.57 35.73
N GLN B 148 6.85 53.68 34.76
CA GLN B 148 5.55 53.26 34.24
C GLN B 148 5.57 51.77 33.93
N TRP B 149 4.54 51.05 34.40
CA TRP B 149 4.35 49.68 33.95
C TRP B 149 4.03 49.67 32.46
N THR B 150 4.72 48.82 31.71
CA THR B 150 4.50 48.71 30.26
C THR B 150 4.61 47.26 29.82
N HIS B 151 3.63 46.80 29.03
CA HIS B 151 3.58 45.41 28.59
C HIS B 151 4.51 45.17 27.39
N ASP B 152 4.94 43.92 27.26
CA ASP B 152 5.76 43.50 26.13
C ASP B 152 4.85 43.13 24.97
N PRO B 153 4.96 43.79 23.81
CA PRO B 153 4.10 43.40 22.67
C PRO B 153 4.46 42.05 22.07
N SER B 154 5.63 41.52 22.37
CA SER B 154 6.11 40.28 21.77
C SER B 154 5.54 39.03 22.42
N GLU B 155 4.93 39.12 23.59
CA GLU B 155 4.49 37.96 24.35
C GLU B 155 3.03 38.09 24.75
N PRO B 156 2.36 36.98 25.05
CA PRO B 156 0.94 37.05 25.41
C PRO B 156 0.74 37.64 26.80
N ILE B 157 -0.50 38.07 27.06
CA ILE B 157 -0.84 38.75 28.30
C ILE B 157 -1.91 37.95 29.04
N VAL B 158 -2.06 38.24 30.32
CA VAL B 158 -3.05 37.60 31.18
C VAL B 158 -3.56 38.66 32.16
N THR B 159 -4.87 38.66 32.42
CA THR B 159 -5.48 39.60 33.35
C THR B 159 -5.91 38.86 34.61
N SER B 160 -5.51 39.37 35.78
CA SER B 160 -5.87 38.72 37.02
C SER B 160 -7.26 39.15 37.46
N GLN B 161 -7.73 38.55 38.56
CA GLN B 161 -9.09 38.79 39.01
C GLN B 161 -9.30 40.24 39.44
N LEU B 162 -8.25 40.91 39.92
CA LEU B 162 -8.32 42.30 40.34
C LEU B 162 -7.88 43.28 39.26
N GLY B 163 -7.62 42.81 38.03
CA GLY B 163 -7.45 43.70 36.91
C GLY B 163 -6.03 44.01 36.46
N THR B 164 -5.00 43.47 37.12
CA THR B 164 -3.64 43.71 36.66
C THR B 164 -3.34 42.82 35.47
N VAL B 165 -2.64 43.37 34.47
CA VAL B 165 -2.29 42.67 33.24
C VAL B 165 -0.77 42.46 33.20
N ASN B 166 -0.38 41.20 33.01
CA ASN B 166 1.02 40.80 32.91
C ASN B 166 1.24 40.02 31.64
N ASN B 167 2.47 40.08 31.14
CA ASN B 167 2.91 39.09 30.16
C ASN B 167 3.13 37.75 30.85
N ILE B 168 2.95 36.67 30.10
CA ILE B 168 3.32 35.33 30.53
C ILE B 168 4.21 34.71 29.47
N ILE B 169 5.28 34.04 29.92
CA ILE B 169 6.09 33.22 29.05
C ILE B 169 6.03 31.79 29.57
N GLN B 170 6.26 30.85 28.66
CA GLN B 170 6.22 29.43 28.97
C GLN B 170 7.61 28.85 28.82
N VAL B 171 8.17 28.40 29.93
CA VAL B 171 9.49 27.75 29.93
C VAL B 171 9.27 26.25 29.80
N LYS B 172 9.64 25.67 28.67
CA LYS B 172 9.40 24.27 28.37
C LYS B 172 10.72 23.52 28.34
N LYS B 173 10.67 22.23 28.70
CA LYS B 173 11.88 21.41 28.67
C LYS B 173 12.52 21.43 27.28
N THR B 174 11.70 21.49 26.23
CA THR B 174 12.19 21.50 24.86
C THR B 174 12.97 22.76 24.51
N ASP B 175 12.97 23.77 25.37
CA ASP B 175 13.68 25.02 25.07
C ASP B 175 15.18 24.94 25.33
N PHE B 176 15.64 23.96 26.10
CA PHE B 176 17.04 23.93 26.52
C PHE B 176 17.90 22.91 25.79
N GLU B 177 17.36 22.19 24.81
CA GLU B 177 18.16 21.41 23.87
C GLU B 177 17.86 21.96 22.48
N VAL B 178 18.92 22.36 21.77
CA VAL B 178 18.72 23.14 20.55
C VAL B 178 17.95 22.35 19.50
N PHE B 179 18.25 21.05 19.34
CA PHE B 179 17.55 20.26 18.34
C PHE B 179 16.10 20.00 18.73
N ASP B 180 15.82 19.89 20.04
CA ASP B 180 14.43 19.83 20.50
C ASP B 180 13.72 21.15 20.22
N ALA B 181 14.44 22.27 20.38
CA ALA B 181 13.82 23.55 20.08
C ALA B 181 13.56 23.69 18.58
N LEU B 182 14.49 23.24 17.74
CA LEU B 182 14.29 23.38 16.31
C LEU B 182 13.16 22.48 15.84
N MET B 183 13.02 21.29 16.44
CA MET B 183 11.93 20.39 16.08
C MET B 183 10.58 21.02 16.43
N VAL B 184 10.47 21.65 17.60
CA VAL B 184 9.26 22.37 17.97
C VAL B 184 9.01 23.54 17.00
N ASP B 185 10.06 24.29 16.67
CA ASP B 185 9.91 25.44 15.79
C ASP B 185 9.52 25.04 14.38
N SER B 186 10.07 23.91 13.89
CA SER B 186 9.70 23.41 12.57
C SER B 186 8.29 22.85 12.55
N GLN B 187 7.76 22.41 13.70
CA GLN B 187 6.37 22.00 13.77
C GLN B 187 5.45 23.22 13.75
N LYS B 188 5.83 24.30 14.42
CA LYS B 188 5.02 25.52 14.37
C LYS B 188 5.05 26.14 12.98
N CYS B 189 6.10 25.88 12.20
CA CYS B 189 6.17 26.42 10.84
C CYS B 189 5.32 25.61 9.88
N SER B 190 5.29 24.28 10.04
CA SER B 190 4.39 23.47 9.23
C SER B 190 2.92 23.73 9.59
N ASP B 191 2.65 24.19 10.82
CA ASP B 191 1.28 24.46 11.24
C ASP B 191 0.73 25.71 10.56
N VAL B 192 1.54 26.78 10.48
CA VAL B 192 1.09 27.98 9.80
C VAL B 192 0.99 27.72 8.30
N SER B 193 1.80 26.81 7.77
CA SER B 193 1.76 26.49 6.35
C SER B 193 0.52 25.70 5.95
N GLU B 194 -0.25 25.19 6.92
CA GLU B 194 -1.50 24.50 6.62
C GLU B 194 -2.66 25.47 6.39
N LEU B 195 -2.67 26.60 7.08
CA LEU B 195 -3.78 27.53 7.08
C LEU B 195 -3.61 28.67 6.07
N SER B 196 -2.52 28.67 5.32
CA SER B 196 -2.27 29.67 4.29
C SER B 196 -2.92 29.29 2.96
N GLY B 201 0.05 20.35 -0.09
CA GLY B 201 -0.74 20.05 -1.28
C GLY B 201 -0.54 18.63 -1.77
N PRO B 202 -1.59 18.03 -2.37
CA PRO B 202 -1.48 16.66 -2.87
C PRO B 202 -1.07 16.57 -4.34
N TYR B 203 -0.89 15.35 -4.84
CA TYR B 203 -0.65 15.13 -6.25
C TYR B 203 -1.97 15.14 -7.00
N HIS B 204 -1.96 15.75 -8.19
CA HIS B 204 -3.19 15.92 -8.96
C HIS B 204 -2.89 15.90 -10.44
N GLN B 205 -3.96 15.89 -11.23
CA GLN B 205 -3.87 15.87 -12.69
C GLN B 205 -4.21 17.19 -13.36
N GLU B 206 -4.46 18.29 -12.59
CA GLU B 206 -4.95 19.50 -13.28
C GLU B 206 -3.78 20.38 -13.74
N PRO B 207 -3.78 20.85 -15.01
CA PRO B 207 -2.73 21.77 -15.50
C PRO B 207 -2.69 23.10 -14.77
N TYR B 208 -1.81 24.01 -15.19
CA TYR B 208 -1.59 25.26 -14.49
C TYR B 208 -2.17 26.44 -15.27
N VAL B 209 -2.65 27.44 -14.53
CA VAL B 209 -3.16 28.68 -15.09
C VAL B 209 -2.65 29.88 -14.30
N ARG B 217 6.73 36.32 -18.83
CA ARG B 217 7.43 35.46 -17.89
C ARG B 217 8.08 34.27 -18.62
N ALA B 218 9.41 34.41 -18.93
CA ALA B 218 10.16 33.45 -19.72
C ALA B 218 10.75 32.34 -18.84
N PRO B 219 11.05 31.19 -19.43
CA PRO B 219 11.72 30.12 -18.66
C PRO B 219 13.11 30.53 -18.25
N PRO B 220 13.64 29.92 -17.19
CA PRO B 220 15.02 30.23 -16.77
C PRO B 220 16.00 29.81 -17.85
N ILE B 221 17.01 30.66 -18.06
CA ILE B 221 18.08 30.33 -18.99
C ILE B 221 18.76 29.02 -18.56
N LEU B 222 19.14 28.22 -19.54
CA LEU B 222 19.80 26.96 -19.27
C LEU B 222 21.22 27.19 -18.74
N PRO B 223 21.57 26.63 -17.58
CA PRO B 223 22.93 26.79 -17.05
C PRO B 223 23.94 25.99 -17.85
N PRO B 224 25.15 26.52 -18.04
CA PRO B 224 26.11 25.89 -18.95
C PRO B 224 26.58 24.53 -18.49
N HIS B 225 26.58 24.26 -17.19
CA HIS B 225 27.17 23.02 -16.69
C HIS B 225 26.46 21.80 -17.25
N LEU B 226 25.16 21.91 -17.53
CA LEU B 226 24.41 20.78 -18.03
C LEU B 226 24.77 20.42 -19.47
N LEU B 227 25.51 21.28 -20.18
CA LEU B 227 25.97 21.01 -21.53
C LEU B 227 27.37 20.41 -21.58
N GLN B 228 27.95 20.06 -20.43
CA GLN B 228 29.15 19.23 -20.42
C GLN B 228 28.67 17.79 -20.33
N VAL B 229 28.78 17.07 -21.44
CA VAL B 229 28.21 15.74 -21.56
C VAL B 229 29.33 14.74 -21.31
N ILE B 230 29.24 13.99 -20.20
CA ILE B 230 30.39 13.21 -19.78
C ILE B 230 30.67 12.07 -20.78
N LEU B 231 29.65 11.60 -21.51
CA LEU B 231 29.84 10.53 -22.49
C LEU B 231 30.26 11.02 -23.87
N ASN B 232 30.31 12.33 -24.10
CA ASN B 232 30.96 12.86 -25.29
C ASN B 232 32.45 13.10 -25.08
N LYS B 233 32.94 13.03 -23.85
CA LYS B 233 34.35 13.29 -23.56
C LYS B 233 35.17 12.04 -23.81
N ASP B 234 36.32 12.22 -24.46
CA ASP B 234 37.24 11.13 -24.67
C ASP B 234 38.10 10.90 -23.43
N THR B 235 38.47 9.65 -23.22
CA THR B 235 39.37 9.26 -22.14
C THR B 235 40.68 8.78 -22.75
N GLY B 236 41.77 8.94 -22.01
CA GLY B 236 43.06 8.47 -22.48
C GLY B 236 43.03 7.00 -22.81
N ILE B 237 43.59 6.60 -23.95
CA ILE B 237 43.47 5.21 -24.40
C ILE B 237 44.21 4.24 -23.52
N SER B 238 45.05 4.72 -22.60
CA SER B 238 45.81 3.82 -21.75
C SER B 238 44.98 3.26 -20.60
N CYS B 239 43.84 3.89 -20.27
CA CYS B 239 43.11 3.46 -19.10
C CYS B 239 41.95 2.52 -19.47
N ASP B 240 41.29 2.00 -18.43
CA ASP B 240 40.20 1.07 -18.59
C ASP B 240 39.03 1.76 -19.29
N PRO B 241 38.50 1.21 -20.39
CA PRO B 241 37.46 1.93 -21.16
C PRO B 241 36.19 2.23 -20.37
N ALA B 242 35.99 1.61 -19.22
CA ALA B 242 34.82 1.91 -18.39
C ALA B 242 34.99 3.11 -17.46
N LEU B 243 36.22 3.60 -17.26
CA LEU B 243 36.43 4.72 -16.36
C LEU B 243 36.00 6.03 -17.02
N LEU B 244 35.48 6.93 -16.18
CA LEU B 244 35.03 8.26 -16.60
C LEU B 244 35.74 9.31 -15.76
N PRO B 245 35.72 10.57 -16.17
CA PRO B 245 36.15 11.64 -15.26
C PRO B 245 35.16 11.81 -14.13
N GLU B 246 35.63 12.44 -13.06
CA GLU B 246 34.76 12.75 -11.91
C GLU B 246 33.70 13.77 -12.33
N PRO B 247 32.42 13.50 -12.10
CA PRO B 247 31.38 14.43 -12.53
C PRO B 247 31.27 15.63 -11.60
N ASN B 248 30.75 16.72 -12.16
CA ASN B 248 30.32 17.85 -11.36
C ASN B 248 29.01 17.48 -10.64
N HIS B 249 28.91 17.86 -9.35
CA HIS B 249 27.76 17.42 -8.56
C HIS B 249 26.45 17.87 -9.19
N VAL B 250 26.51 18.87 -10.05
CA VAL B 250 25.31 19.55 -10.53
C VAL B 250 24.66 18.85 -11.71
N MET B 251 25.40 17.99 -12.43
CA MET B 251 24.89 17.24 -13.55
C MET B 251 24.28 15.90 -13.14
N LEU B 252 24.35 15.54 -11.87
CA LEU B 252 23.85 14.26 -11.43
C LEU B 252 22.32 14.23 -11.53
N ASN B 253 21.79 13.04 -11.83
CA ASN B 253 20.35 12.77 -11.88
C ASN B 253 19.65 13.35 -13.10
N HIS B 254 20.36 14.14 -13.92
CA HIS B 254 19.77 14.66 -15.14
C HIS B 254 19.81 13.61 -16.24
N LEU B 255 18.80 13.64 -17.10
CA LEU B 255 18.66 12.67 -18.18
C LEU B 255 19.43 13.13 -19.41
N TYR B 256 20.19 12.21 -19.98
CA TYR B 256 20.85 12.40 -21.27
C TYR B 256 20.38 11.29 -22.21
N ALA B 257 20.48 11.56 -23.50
CA ALA B 257 19.93 10.63 -24.48
C ALA B 257 20.62 10.81 -25.82
N LEU B 258 20.43 9.80 -26.67
CA LEU B 258 20.76 9.86 -28.08
C LEU B 258 19.46 9.93 -28.86
N SER B 259 19.53 10.50 -30.06
CA SER B 259 18.38 10.49 -30.96
C SER B 259 17.91 9.05 -31.19
N ILE B 260 16.59 8.87 -31.20
CA ILE B 260 16.01 7.60 -31.57
C ILE B 260 16.53 7.20 -32.94
N LYS B 261 17.08 5.99 -33.04
CA LYS B 261 17.48 5.45 -34.33
C LYS B 261 17.26 3.94 -34.31
N ASP B 262 16.75 3.41 -35.43
CA ASP B 262 16.42 2.00 -35.65
C ASP B 262 15.50 1.41 -34.58
N GLY B 263 14.62 2.24 -34.02
CA GLY B 263 13.62 1.75 -33.08
C GLY B 263 14.07 1.60 -31.65
N VAL B 264 15.29 1.99 -31.30
CA VAL B 264 15.76 1.94 -29.92
C VAL B 264 16.07 3.35 -29.45
N MET B 265 15.74 3.61 -28.19
CA MET B 265 16.14 4.84 -27.52
C MET B 265 17.16 4.48 -26.46
N VAL B 266 18.21 5.28 -26.38
CA VAL B 266 19.26 5.09 -25.39
C VAL B 266 19.20 6.25 -24.41
N LEU B 267 19.10 5.94 -23.14
CA LEU B 267 19.08 6.96 -22.08
C LEU B 267 20.28 6.74 -21.18
N SER B 268 20.73 7.82 -20.52
CA SER B 268 21.79 7.69 -19.54
C SER B 268 21.66 8.81 -18.52
N ALA B 269 22.24 8.58 -17.35
CA ALA B 269 22.32 9.55 -16.28
C ALA B 269 23.44 9.12 -15.34
N THR B 270 23.92 10.05 -14.54
CA THR B 270 24.96 9.77 -13.56
C THR B 270 24.36 9.84 -12.16
N HIS B 271 24.53 8.77 -11.39
CA HIS B 271 23.99 8.72 -10.04
C HIS B 271 25.11 8.37 -9.06
N ARG B 272 25.07 9.01 -7.90
CA ARG B 272 25.99 8.75 -6.81
C ARG B 272 25.56 7.53 -6.03
N TYR B 273 26.52 6.65 -5.72
CA TYR B 273 26.40 5.68 -4.64
C TYR B 273 27.51 6.00 -3.63
N LYS B 274 27.11 6.42 -2.42
CA LYS B 274 28.05 6.85 -1.40
C LYS B 274 29.02 7.89 -1.96
N LYS B 275 30.32 7.61 -1.97
CA LYS B 275 31.30 8.55 -2.51
C LYS B 275 31.71 8.25 -3.95
N LYS B 276 31.02 7.32 -4.63
CA LYS B 276 31.36 6.92 -5.99
C LYS B 276 30.21 7.19 -6.96
N TYR B 277 30.55 7.22 -8.26
CA TYR B 277 29.64 7.72 -9.29
C TYR B 277 29.50 6.71 -10.42
N VAL B 278 28.26 6.47 -10.83
CA VAL B 278 27.92 5.50 -11.87
C VAL B 278 27.11 6.19 -12.96
N THR B 279 27.50 5.98 -14.21
CA THR B 279 26.77 6.52 -15.36
C THR B 279 26.18 5.31 -16.08
N THR B 280 24.86 5.16 -16.00
CA THR B 280 24.16 4.00 -16.53
C THR B 280 23.57 4.36 -17.89
N LEU B 281 23.79 3.49 -18.86
CA LEU B 281 23.11 3.59 -20.14
C LEU B 281 22.07 2.48 -20.21
N LEU B 282 20.93 2.79 -20.81
CA LEU B 282 19.89 1.80 -21.00
C LEU B 282 19.46 1.82 -22.45
N TYR B 283 19.48 0.67 -23.09
CA TYR B 283 19.05 0.52 -24.47
C TYR B 283 17.66 -0.09 -24.44
N LYS B 284 16.66 0.71 -24.79
CA LYS B 284 15.26 0.30 -24.74
C LYS B 284 14.67 0.36 -26.13
N PRO B 285 14.21 -0.74 -26.71
CA PRO B 285 13.41 -0.63 -27.94
C PRO B 285 12.16 0.20 -27.71
N ILE B 286 11.80 0.98 -28.72
CA ILE B 286 10.56 1.76 -28.70
C ILE B 286 9.46 1.05 -29.51
N SER C 27 46.61 -17.63 4.01
CA SER C 27 46.88 -16.89 5.25
C SER C 27 46.55 -15.40 5.12
N VAL C 28 47.57 -14.56 5.01
CA VAL C 28 47.37 -13.12 5.19
C VAL C 28 46.54 -12.52 4.06
N TYR C 29 46.76 -12.97 2.82
CA TYR C 29 45.96 -12.43 1.72
C TYR C 29 44.49 -12.84 1.84
N THR C 30 44.22 -13.94 2.55
CA THR C 30 42.84 -14.36 2.76
C THR C 30 42.09 -13.39 3.66
N SER C 31 42.73 -12.97 4.76
CA SER C 31 42.05 -12.05 5.67
C SER C 31 41.94 -10.65 5.06
N PHE C 32 42.89 -10.28 4.20
CA PHE C 32 42.74 -9.05 3.42
C PHE C 32 41.46 -9.07 2.59
N MET C 33 41.23 -10.14 1.83
CA MET C 33 39.99 -10.27 1.06
C MET C 33 38.76 -10.18 1.96
N LYS C 34 38.81 -10.80 3.15
CA LYS C 34 37.65 -10.77 4.04
C LYS C 34 37.47 -9.40 4.69
N SER C 35 38.50 -8.55 4.71
CA SER C 35 38.42 -7.24 5.36
C SER C 35 37.74 -6.19 4.49
N HIS C 36 37.93 -6.23 3.18
CA HIS C 36 37.49 -5.18 2.29
C HIS C 36 36.19 -5.57 1.61
N ARG C 37 35.21 -4.67 1.67
CA ARG C 37 34.01 -4.87 0.89
C ARG C 37 34.29 -4.58 -0.58
N CYS C 38 33.42 -5.13 -1.45
CA CYS C 38 33.57 -4.92 -2.89
C CYS C 38 33.51 -3.45 -3.25
N TYR C 39 32.77 -2.66 -2.48
CA TYR C 39 32.68 -1.21 -2.67
C TYR C 39 34.03 -0.59 -2.93
N ASP C 40 35.05 -1.01 -2.18
CA ASP C 40 36.37 -0.39 -2.30
C ASP C 40 36.98 -0.60 -3.69
N LEU C 41 36.56 -1.63 -4.43
CA LEU C 41 37.08 -1.85 -5.77
C LEU C 41 36.39 -0.99 -6.82
N ILE C 42 35.22 -0.46 -6.49
CA ILE C 42 34.43 0.28 -7.49
C ILE C 42 35.17 1.57 -7.84
N PRO C 43 35.27 1.92 -9.12
CA PRO C 43 35.86 3.20 -9.51
C PRO C 43 35.11 4.37 -8.89
N THR C 44 35.81 5.50 -8.79
CA THR C 44 35.11 6.72 -8.42
C THR C 44 34.07 7.10 -9.47
N SER C 45 34.42 6.95 -10.75
CA SER C 45 33.48 7.27 -11.82
C SER C 45 33.61 6.23 -12.94
N SER C 46 32.48 5.65 -13.32
CA SER C 46 32.51 4.59 -14.32
C SER C 46 31.17 4.55 -15.06
N LYS C 47 31.20 4.00 -16.27
CA LYS C 47 29.99 3.87 -17.05
C LYS C 47 29.60 2.39 -17.13
N LEU C 48 28.31 2.16 -17.23
CA LEU C 48 27.76 0.82 -17.21
C LEU C 48 26.60 0.76 -18.21
N VAL C 49 26.62 -0.25 -19.07
CA VAL C 49 25.64 -0.37 -20.15
C VAL C 49 24.64 -1.45 -19.78
N VAL C 50 23.36 -1.13 -19.88
CA VAL C 50 22.30 -2.10 -19.63
C VAL C 50 21.50 -2.31 -20.91
N PHE C 51 21.13 -3.56 -21.18
CA PHE C 51 20.25 -3.88 -22.29
C PHE C 51 18.92 -4.39 -21.73
N ASP C 52 17.82 -3.83 -22.22
CA ASP C 52 16.53 -4.47 -22.03
C ASP C 52 16.50 -5.79 -22.80
N THR C 53 15.89 -6.81 -22.20
CA THR C 53 15.88 -8.15 -22.81
C THR C 53 15.26 -8.16 -24.20
N SER C 54 14.37 -7.22 -24.50
CA SER C 54 13.70 -7.24 -25.80
C SER C 54 14.53 -6.62 -26.91
N LEU C 55 15.74 -6.16 -26.61
CA LEU C 55 16.64 -5.63 -27.63
C LEU C 55 17.12 -6.74 -28.57
N GLN C 56 17.26 -6.39 -29.85
CA GLN C 56 17.85 -7.29 -30.83
C GLN C 56 19.29 -7.62 -30.46
N VAL C 57 19.65 -8.90 -30.55
CA VAL C 57 20.96 -9.31 -30.03
C VAL C 57 22.09 -8.75 -30.89
N LYS C 58 21.89 -8.61 -32.20
CA LYS C 58 22.93 -8.00 -33.02
C LYS C 58 23.17 -6.54 -32.63
N LYS C 59 22.08 -5.76 -32.49
CA LYS C 59 22.19 -4.39 -31.99
C LYS C 59 22.99 -4.33 -30.69
N ALA C 60 22.82 -5.31 -29.80
CA ALA C 60 23.47 -5.23 -28.49
C ALA C 60 24.97 -5.44 -28.61
N PHE C 61 25.40 -6.40 -29.43
CA PHE C 61 26.83 -6.58 -29.65
C PHE C 61 27.45 -5.32 -30.24
N PHE C 62 26.74 -4.62 -31.14
CA PHE C 62 27.27 -3.37 -31.66
C PHE C 62 27.39 -2.32 -30.55
N ALA C 63 26.44 -2.30 -29.61
CA ALA C 63 26.47 -1.34 -28.51
C ALA C 63 27.62 -1.61 -27.56
N LEU C 64 28.01 -2.87 -27.41
CA LEU C 64 29.25 -3.17 -26.71
C LEU C 64 30.44 -2.48 -27.40
N VAL C 65 30.56 -2.66 -28.72
CA VAL C 65 31.69 -2.08 -29.44
C VAL C 65 31.69 -0.56 -29.31
N THR C 66 30.55 0.08 -29.61
CA THR C 66 30.51 1.54 -29.63
C THR C 66 30.75 2.13 -28.25
N ASN C 67 30.29 1.48 -27.19
CA ASN C 67 30.53 1.98 -25.84
C ASN C 67 31.84 1.46 -25.23
N GLY C 68 32.55 0.57 -25.93
CA GLY C 68 33.87 0.14 -25.51
C GLY C 68 33.91 -0.85 -24.35
N VAL C 69 32.77 -1.41 -23.94
CA VAL C 69 32.72 -2.36 -22.83
C VAL C 69 32.38 -3.74 -23.37
N ARG C 70 32.83 -4.76 -22.65
CA ARG C 70 32.67 -6.13 -23.14
C ARG C 70 31.50 -6.88 -22.52
N ALA C 71 30.78 -6.28 -21.58
CA ALA C 71 29.67 -6.98 -20.96
C ALA C 71 28.65 -5.95 -20.47
N ALA C 72 27.37 -6.36 -20.45
CA ALA C 72 26.24 -5.53 -20.05
C ALA C 72 25.25 -6.32 -19.21
N PRO C 73 24.69 -5.71 -18.17
CA PRO C 73 23.58 -6.34 -17.46
C PRO C 73 22.31 -6.33 -18.28
N LEU C 74 21.46 -7.32 -18.02
CA LEU C 74 20.26 -7.56 -18.81
C LEU C 74 19.04 -7.29 -17.94
N TRP C 75 18.24 -6.31 -18.34
CA TRP C 75 17.07 -5.88 -17.59
C TRP C 75 15.83 -6.40 -18.30
N ASP C 76 14.97 -7.08 -17.55
CA ASP C 76 13.70 -7.57 -18.05
C ASP C 76 12.64 -6.61 -17.55
N SER C 77 12.07 -5.82 -18.46
CA SER C 77 11.09 -4.81 -18.06
C SER C 77 9.74 -5.41 -17.70
N LYS C 78 9.48 -6.66 -18.12
CA LYS C 78 8.26 -7.30 -17.65
C LYS C 78 8.43 -7.84 -16.22
N LYS C 79 9.57 -8.46 -15.94
CA LYS C 79 9.85 -8.94 -14.59
C LYS C 79 10.32 -7.84 -13.65
N GLN C 80 10.76 -6.70 -14.20
CA GLN C 80 11.27 -5.58 -13.41
C GLN C 80 12.43 -6.04 -12.54
N SER C 81 13.33 -6.81 -13.15
CA SER C 81 14.42 -7.45 -12.44
C SER C 81 15.60 -7.64 -13.38
N PHE C 82 16.81 -7.64 -12.83
CA PHE C 82 18.00 -8.00 -13.59
C PHE C 82 18.06 -9.53 -13.69
N VAL C 83 18.04 -10.04 -14.92
CA VAL C 83 17.98 -11.48 -15.17
C VAL C 83 19.30 -12.10 -15.61
N GLY C 84 20.35 -11.31 -15.84
CA GLY C 84 21.60 -11.90 -16.26
C GLY C 84 22.51 -10.90 -16.97
N MET C 85 23.54 -11.45 -17.60
CA MET C 85 24.58 -10.68 -18.25
C MET C 85 24.71 -11.08 -19.71
N LEU C 86 25.07 -10.12 -20.54
CA LEU C 86 25.41 -10.35 -21.93
C LEU C 86 26.89 -10.06 -22.10
N THR C 87 27.65 -11.04 -22.57
CA THR C 87 29.10 -10.93 -22.72
C THR C 87 29.47 -11.34 -24.15
N ILE C 88 30.77 -11.29 -24.42
CA ILE C 88 31.31 -11.73 -25.71
C ILE C 88 31.12 -13.23 -25.89
N THR C 89 31.02 -14.00 -24.80
CA THR C 89 30.82 -15.44 -24.93
C THR C 89 29.48 -15.75 -25.60
N ASP C 90 28.46 -14.92 -25.34
CA ASP C 90 27.20 -15.03 -26.06
C ASP C 90 27.41 -14.91 -27.56
N PHE C 91 28.18 -13.90 -27.96
CA PHE C 91 28.52 -13.72 -29.37
C PHE C 91 29.21 -14.95 -29.93
N ILE C 92 30.17 -15.50 -29.20
CA ILE C 92 30.87 -16.71 -29.66
C ILE C 92 29.90 -17.88 -29.76
N ASN C 93 28.97 -17.98 -28.81
CA ASN C 93 27.99 -19.07 -28.85
C ASN C 93 27.03 -18.94 -30.02
N ILE C 94 26.57 -17.71 -30.30
CA ILE C 94 25.63 -17.52 -31.40
C ILE C 94 26.31 -17.79 -32.73
N LEU C 95 27.56 -17.34 -32.89
CA LEU C 95 28.27 -17.57 -34.14
C LEU C 95 28.53 -19.05 -34.35
N HIS C 96 29.01 -19.76 -33.33
CA HIS C 96 29.36 -21.15 -33.56
C HIS C 96 28.13 -21.99 -33.87
N ARG C 97 26.98 -21.64 -33.33
CA ARG C 97 25.79 -22.47 -33.54
C ARG C 97 25.13 -22.19 -34.89
N TYR C 98 24.98 -20.92 -35.26
CA TYR C 98 24.18 -20.58 -36.42
C TYR C 98 24.96 -20.29 -37.69
N TYR C 99 26.29 -20.26 -37.62
CA TYR C 99 27.05 -19.98 -38.83
C TYR C 99 27.10 -21.22 -39.71
N LYS C 100 26.92 -20.99 -41.01
CA LYS C 100 26.87 -22.05 -42.00
C LYS C 100 27.90 -21.84 -43.10
N SER C 101 27.89 -20.69 -43.75
CA SER C 101 28.82 -20.43 -44.82
C SER C 101 28.97 -18.93 -45.00
N ALA C 102 30.07 -18.52 -45.63
CA ALA C 102 30.23 -17.12 -46.00
C ALA C 102 29.24 -16.69 -47.08
N LEU C 103 28.61 -17.64 -47.76
CA LEU C 103 27.73 -17.37 -48.88
C LEU C 103 26.30 -17.07 -48.47
N VAL C 104 25.96 -17.26 -47.19
CA VAL C 104 24.62 -17.04 -46.69
C VAL C 104 24.69 -16.25 -45.40
N GLN C 105 23.70 -15.40 -45.19
CA GLN C 105 23.61 -14.65 -43.97
C GLN C 105 23.36 -15.60 -42.80
N ILE C 106 23.67 -15.14 -41.59
CA ILE C 106 23.39 -15.90 -40.39
C ILE C 106 22.10 -15.34 -39.83
N TYR C 107 20.99 -16.05 -40.11
CA TYR C 107 19.69 -15.43 -39.96
C TYR C 107 19.34 -15.23 -38.48
N GLU C 108 19.73 -16.17 -37.63
CA GLU C 108 19.36 -16.10 -36.22
C GLU C 108 20.07 -14.98 -35.49
N LEU C 109 21.22 -14.52 -35.98
CA LEU C 109 21.87 -13.36 -35.40
C LEU C 109 21.12 -12.07 -35.69
N GLU C 110 20.47 -11.99 -36.86
CA GLU C 110 19.70 -10.79 -37.19
C GLU C 110 18.31 -10.80 -36.56
N GLU C 111 17.67 -11.97 -36.46
CA GLU C 111 16.29 -12.03 -35.99
C GLU C 111 16.19 -12.08 -34.45
N HIS C 112 17.12 -12.77 -33.78
CA HIS C 112 17.01 -13.01 -32.34
C HIS C 112 16.99 -11.72 -31.53
N LYS C 113 16.00 -11.63 -30.64
CA LYS C 113 16.11 -10.74 -29.49
C LYS C 113 16.92 -11.44 -28.40
N ILE C 114 17.51 -10.63 -27.51
CA ILE C 114 18.21 -11.21 -26.37
C ILE C 114 17.32 -12.23 -25.67
N GLU C 115 16.07 -11.86 -25.40
CA GLU C 115 15.14 -12.75 -24.70
C GLU C 115 15.00 -14.09 -25.42
N THR C 116 14.84 -14.09 -26.73
CA THR C 116 14.67 -15.37 -27.44
C THR C 116 15.98 -16.15 -27.54
N TRP C 117 17.11 -15.47 -27.64
CA TRP C 117 18.38 -16.18 -27.66
C TRP C 117 18.62 -16.88 -26.33
N ARG C 118 18.35 -16.19 -25.21
CA ARG C 118 18.53 -16.80 -23.90
C ARG C 118 17.64 -18.01 -23.73
N GLU C 119 16.41 -17.96 -24.27
CA GLU C 119 15.54 -19.13 -24.22
C GLU C 119 16.16 -20.32 -24.92
N VAL C 120 16.88 -20.08 -26.01
CA VAL C 120 17.52 -21.17 -26.73
C VAL C 120 18.78 -21.62 -26.02
N TYR C 121 19.62 -20.66 -25.61
CA TYR C 121 20.93 -21.00 -25.07
C TYR C 121 20.81 -21.62 -23.67
N LEU C 122 20.03 -20.99 -22.79
CA LEU C 122 19.99 -21.42 -21.39
C LEU C 122 19.38 -22.80 -21.23
N GLN C 123 18.20 -23.01 -21.81
CA GLN C 123 17.55 -24.32 -21.84
C GLN C 123 17.40 -24.92 -20.45
N ASP C 124 18.04 -26.06 -20.21
CA ASP C 124 17.76 -26.82 -18.99
C ASP C 124 18.40 -26.18 -17.76
N SER C 125 19.57 -25.58 -17.94
CA SER C 125 20.30 -25.00 -16.81
C SER C 125 19.49 -23.93 -16.11
N PHE C 126 19.37 -24.05 -14.79
CA PHE C 126 18.71 -23.03 -14.00
C PHE C 126 19.33 -21.65 -14.25
N LYS C 127 20.66 -21.57 -14.11
CA LYS C 127 21.47 -20.40 -14.44
C LYS C 127 20.80 -19.07 -14.05
N PRO C 128 20.50 -18.87 -12.77
CA PRO C 128 19.93 -17.59 -12.32
C PRO C 128 21.02 -16.52 -12.28
N LEU C 129 20.61 -15.29 -11.98
CA LEU C 129 21.56 -14.18 -11.97
C LEU C 129 22.48 -14.26 -10.77
N VAL C 130 23.78 -14.26 -11.02
CA VAL C 130 24.77 -14.27 -9.96
C VAL C 130 25.25 -12.84 -9.75
N CYS C 131 25.08 -12.34 -8.53
CA CYS C 131 25.52 -10.98 -8.23
C CYS C 131 26.08 -10.93 -6.83
N ILE C 132 26.52 -9.74 -6.42
CA ILE C 132 27.12 -9.54 -5.12
C ILE C 132 26.80 -8.12 -4.65
N SER C 133 26.60 -7.98 -3.35
CA SER C 133 26.30 -6.69 -2.75
C SER C 133 27.57 -5.84 -2.67
N PRO C 134 27.42 -4.50 -2.67
CA PRO C 134 28.59 -3.65 -2.46
C PRO C 134 29.24 -3.87 -1.10
N ASN C 135 28.46 -4.30 -0.11
CA ASN C 135 29.00 -4.47 1.23
C ASN C 135 29.51 -5.88 1.50
N ALA C 136 29.48 -6.77 0.52
CA ALA C 136 30.05 -8.10 0.68
C ALA C 136 31.57 -8.02 0.53
N SER C 137 32.26 -8.96 1.17
CA SER C 137 33.71 -8.99 1.18
C SER C 137 34.26 -9.33 -0.20
N LEU C 138 35.55 -9.01 -0.41
CA LEU C 138 36.24 -9.47 -1.60
C LEU C 138 36.36 -10.98 -1.62
N PHE C 139 36.50 -11.60 -0.44
CA PHE C 139 36.54 -13.05 -0.36
C PHE C 139 35.29 -13.63 -1.01
N ASP C 140 34.13 -13.06 -0.69
CA ASP C 140 32.88 -13.53 -1.26
C ASP C 140 32.81 -13.34 -2.76
N ALA C 141 33.47 -12.30 -3.28
CA ALA C 141 33.49 -12.07 -4.72
C ALA C 141 34.31 -13.14 -5.44
N VAL C 142 35.54 -13.37 -4.98
CA VAL C 142 36.36 -14.42 -5.56
C VAL C 142 35.68 -15.77 -5.41
N SER C 143 35.04 -16.02 -4.27
CA SER C 143 34.29 -17.25 -4.08
C SER C 143 33.18 -17.39 -5.10
N SER C 144 32.41 -16.31 -5.30
CA SER C 144 31.34 -16.34 -6.29
C SER C 144 31.87 -16.58 -7.69
N LEU C 145 32.97 -15.90 -8.04
CA LEU C 145 33.55 -16.07 -9.37
C LEU C 145 33.94 -17.51 -9.63
N ILE C 146 34.58 -18.15 -8.66
CA ILE C 146 35.09 -19.50 -8.87
C ILE C 146 33.95 -20.51 -8.84
N ARG C 147 33.04 -20.39 -7.86
CA ARG C 147 31.98 -21.38 -7.70
C ARG C 147 31.12 -21.48 -8.94
N ASN C 148 30.81 -20.33 -9.53
CA ASN C 148 29.95 -20.29 -10.71
C ASN C 148 30.73 -20.29 -12.01
N LYS C 149 32.06 -20.27 -11.96
CA LYS C 149 32.93 -20.30 -13.14
C LYS C 149 32.54 -19.20 -14.13
N ILE C 150 32.67 -17.95 -13.68
CA ILE C 150 32.37 -16.77 -14.48
C ILE C 150 33.48 -15.76 -14.32
N HIS C 151 33.60 -14.87 -15.30
CA HIS C 151 34.58 -13.80 -15.28
C HIS C 151 34.01 -12.42 -14.94
N ARG C 152 32.69 -12.28 -14.77
CA ARG C 152 32.04 -11.00 -14.49
C ARG C 152 31.01 -11.16 -13.39
N LEU C 153 31.20 -10.48 -12.25
CA LEU C 153 30.22 -10.48 -11.16
C LEU C 153 29.63 -9.09 -11.04
N PRO C 154 28.38 -8.88 -11.44
CA PRO C 154 27.78 -7.54 -11.30
C PRO C 154 27.51 -7.21 -9.84
N VAL C 155 27.89 -6.00 -9.44
CA VAL C 155 27.65 -5.50 -8.09
C VAL C 155 26.32 -4.75 -8.07
N ILE C 156 25.32 -5.31 -7.40
CA ILE C 156 23.99 -4.70 -7.26
C ILE C 156 23.84 -4.22 -5.83
N ASP C 157 23.44 -2.95 -5.68
CA ASP C 157 23.11 -2.39 -4.37
C ASP C 157 21.72 -2.85 -3.96
N PRO C 158 21.59 -3.66 -2.91
CA PRO C 158 20.26 -4.16 -2.52
C PRO C 158 19.28 -3.08 -2.06
N GLU C 159 19.74 -1.92 -1.61
CA GLU C 159 18.76 -0.94 -1.14
C GLU C 159 18.11 -0.19 -2.31
N SER C 160 18.88 0.23 -3.32
CA SER C 160 18.27 0.86 -4.48
C SER C 160 17.96 -0.13 -5.62
N GLY C 161 18.49 -1.34 -5.56
CA GLY C 161 18.36 -2.25 -6.68
C GLY C 161 19.21 -1.92 -7.88
N ASN C 162 20.05 -0.90 -7.81
CA ASN C 162 20.83 -0.50 -8.97
C ASN C 162 22.09 -1.35 -9.14
N THR C 163 22.44 -1.61 -10.39
CA THR C 163 23.74 -2.19 -10.68
C THR C 163 24.79 -1.09 -10.67
N LEU C 164 25.93 -1.40 -10.06
CA LEU C 164 27.00 -0.43 -9.81
C LEU C 164 28.19 -0.62 -10.74
N TYR C 165 28.74 -1.82 -10.78
CA TYR C 165 29.98 -2.08 -11.47
C TYR C 165 30.03 -3.55 -11.83
N ILE C 166 30.85 -3.88 -12.83
CA ILE C 166 31.08 -5.27 -13.20
C ILE C 166 32.45 -5.69 -12.67
N LEU C 167 32.44 -6.55 -11.66
CA LEU C 167 33.65 -7.04 -11.03
C LEU C 167 34.32 -8.12 -11.88
N THR C 168 35.65 -8.09 -11.94
CA THR C 168 36.41 -9.11 -12.66
C THR C 168 37.62 -9.55 -11.83
N HIS C 169 38.24 -10.64 -12.29
CA HIS C 169 39.49 -11.11 -11.69
C HIS C 169 40.61 -10.08 -11.80
N LYS C 170 40.75 -9.45 -12.97
CA LYS C 170 41.79 -8.43 -13.12
C LYS C 170 41.63 -7.36 -12.05
N ARG C 171 40.38 -6.95 -11.81
CA ARG C 171 40.14 -5.83 -10.91
C ARG C 171 40.49 -6.22 -9.48
N ILE C 172 40.24 -7.47 -9.10
CA ILE C 172 40.58 -7.95 -7.77
C ILE C 172 42.10 -8.07 -7.62
N LEU C 173 42.79 -8.60 -8.64
CA LEU C 173 44.23 -8.79 -8.49
C LEU C 173 44.97 -7.46 -8.47
N LYS C 174 44.61 -6.53 -9.36
CA LYS C 174 45.25 -5.22 -9.35
C LYS C 174 45.04 -4.53 -8.01
N PHE C 175 43.85 -4.68 -7.43
CA PHE C 175 43.56 -4.10 -6.13
C PHE C 175 44.47 -4.69 -5.05
N LEU C 176 44.61 -6.02 -5.04
CA LEU C 176 45.51 -6.66 -4.10
C LEU C 176 46.95 -6.19 -4.30
N LYS C 177 47.40 -6.12 -5.56
CA LYS C 177 48.75 -5.64 -5.85
C LYS C 177 49.03 -4.31 -5.18
N LEU C 178 48.02 -3.45 -5.03
CA LEU C 178 48.21 -2.16 -4.39
C LEU C 178 48.61 -2.30 -2.93
N PHE C 179 48.16 -3.36 -2.27
CA PHE C 179 48.37 -3.53 -0.84
C PHE C 179 49.49 -4.51 -0.45
N ILE C 180 50.15 -5.18 -1.41
CA ILE C 180 51.16 -6.19 -1.01
C ILE C 180 52.28 -5.58 -0.17
N THR C 181 52.52 -4.28 -0.28
CA THR C 181 53.53 -3.65 0.57
C THR C 181 53.02 -3.34 1.98
N GLU C 182 51.73 -3.52 2.24
CA GLU C 182 51.14 -3.09 3.52
C GLU C 182 51.16 -4.18 4.59
N PHE C 183 51.50 -5.41 4.22
CA PHE C 183 51.48 -6.58 5.09
C PHE C 183 52.78 -7.33 4.91
N PRO C 184 53.18 -8.14 5.89
CA PRO C 184 54.30 -9.04 5.67
C PRO C 184 54.00 -9.98 4.52
N LYS C 185 54.93 -10.08 3.59
CA LYS C 185 54.73 -10.87 2.39
C LYS C 185 54.90 -12.35 2.69
N PRO C 186 53.96 -13.21 2.29
CA PRO C 186 54.09 -14.64 2.61
C PRO C 186 55.32 -15.29 1.99
N GLU C 187 55.52 -16.56 2.32
CA GLU C 187 56.66 -17.32 1.83
C GLU C 187 56.45 -17.87 0.43
N PHE C 188 55.22 -18.24 0.07
CA PHE C 188 54.99 -18.80 -1.24
C PHE C 188 55.13 -17.77 -2.36
N MET C 189 55.08 -16.47 -2.04
CA MET C 189 55.25 -15.44 -3.06
C MET C 189 56.62 -15.53 -3.74
N SER C 190 57.63 -16.03 -3.03
CA SER C 190 58.95 -16.21 -3.59
C SER C 190 59.18 -17.61 -4.16
N LYS C 191 58.24 -18.53 -4.01
CA LYS C 191 58.40 -19.86 -4.59
C LYS C 191 58.08 -19.83 -6.08
N SER C 192 58.74 -20.72 -6.83
CA SER C 192 58.61 -20.74 -8.27
C SER C 192 57.26 -21.33 -8.70
N LEU C 193 56.87 -20.98 -9.94
CA LEU C 193 55.65 -21.54 -10.51
C LEU C 193 55.70 -23.06 -10.56
N GLU C 194 56.88 -23.61 -10.86
CA GLU C 194 57.05 -25.07 -10.86
C GLU C 194 56.76 -25.64 -9.47
N GLU C 195 57.31 -25.04 -8.41
CA GLU C 195 57.21 -25.60 -7.06
C GLU C 195 55.81 -25.49 -6.45
N LEU C 196 55.00 -24.53 -6.90
CA LEU C 196 53.67 -24.35 -6.33
C LEU C 196 52.57 -25.06 -7.10
N GLN C 197 52.87 -25.55 -8.31
CA GLN C 197 51.89 -26.17 -9.22
C GLN C 197 50.61 -25.35 -9.32
N ILE C 198 50.77 -24.14 -9.86
CA ILE C 198 49.66 -23.21 -10.09
C ILE C 198 49.46 -23.08 -11.59
N GLY C 199 48.22 -23.30 -12.04
CA GLY C 199 47.91 -23.26 -13.45
C GLY C 199 47.66 -24.64 -14.03
N THR C 200 47.44 -24.65 -15.34
CA THR C 200 47.09 -25.85 -16.08
C THR C 200 48.26 -26.25 -16.94
N TYR C 201 48.79 -27.46 -16.70
CA TYR C 201 49.91 -27.99 -17.45
C TYR C 201 49.57 -29.12 -18.41
N ALA C 202 48.28 -29.45 -18.57
CA ALA C 202 47.91 -30.58 -19.41
C ALA C 202 46.66 -30.25 -20.23
N ASN C 203 46.59 -30.87 -21.42
CA ASN C 203 45.46 -30.69 -22.35
C ASN C 203 45.22 -29.22 -22.65
N ILE C 204 46.27 -28.54 -23.09
CA ILE C 204 46.16 -27.12 -23.42
C ILE C 204 45.41 -26.98 -24.72
N ALA C 205 44.34 -26.19 -24.71
CA ALA C 205 43.60 -25.89 -25.92
C ALA C 205 44.37 -24.84 -26.71
N MET C 206 44.75 -25.17 -27.95
CA MET C 206 45.52 -24.28 -28.80
C MET C 206 44.98 -24.36 -30.23
N VAL C 207 45.36 -23.37 -31.03
CA VAL C 207 45.04 -23.36 -32.45
C VAL C 207 46.34 -23.16 -33.23
N ARG C 208 46.32 -23.61 -34.47
CA ARG C 208 47.48 -23.33 -35.31
C ARG C 208 47.37 -21.94 -35.90
N THR C 209 48.42 -21.53 -36.60
CA THR C 209 48.40 -20.21 -37.20
C THR C 209 47.35 -20.14 -38.31
N THR C 210 47.12 -21.25 -39.01
CA THR C 210 46.17 -21.32 -40.11
C THR C 210 44.78 -21.74 -39.68
N THR C 211 44.55 -21.97 -38.40
CA THR C 211 43.24 -22.46 -37.96
C THR C 211 42.17 -21.43 -38.27
N PRO C 212 41.07 -21.82 -38.88
CA PRO C 212 39.99 -20.86 -39.14
C PRO C 212 39.32 -20.41 -37.84
N VAL C 213 38.78 -19.19 -37.88
CA VAL C 213 38.10 -18.62 -36.73
C VAL C 213 37.02 -19.55 -36.22
N TYR C 214 36.23 -20.13 -37.14
CA TYR C 214 35.09 -20.93 -36.73
C TYR C 214 35.53 -22.12 -35.88
N VAL C 215 36.69 -22.71 -36.20
CA VAL C 215 37.18 -23.81 -35.38
C VAL C 215 37.56 -23.31 -34.00
N ALA C 216 38.21 -22.15 -33.91
CA ALA C 216 38.55 -21.58 -32.62
C ALA C 216 37.30 -21.32 -31.78
N LEU C 217 36.26 -20.75 -32.40
CA LEU C 217 35.01 -20.56 -31.67
C LEU C 217 34.49 -21.88 -31.13
N GLY C 218 34.55 -22.94 -31.93
CA GLY C 218 34.15 -24.25 -31.45
C GLY C 218 34.99 -24.72 -30.27
N ILE C 219 36.30 -24.46 -30.31
CA ILE C 219 37.14 -24.83 -29.18
C ILE C 219 36.74 -24.02 -27.94
N PHE C 220 36.33 -22.76 -28.14
CA PHE C 220 35.89 -21.95 -27.00
C PHE C 220 34.65 -22.55 -26.37
N VAL C 221 33.73 -23.08 -27.18
CA VAL C 221 32.50 -23.64 -26.66
C VAL C 221 32.75 -24.99 -25.99
N GLN C 222 33.57 -25.85 -26.58
CA GLN C 222 33.76 -27.19 -26.05
C GLN C 222 34.55 -27.16 -24.75
N HIS C 223 35.76 -26.61 -24.79
CA HIS C 223 36.58 -26.40 -23.61
C HIS C 223 36.39 -24.94 -23.19
N ARG C 224 35.87 -24.71 -22.00
CA ARG C 224 35.49 -23.35 -21.67
C ARG C 224 36.71 -22.66 -21.08
N VAL C 225 37.36 -21.84 -21.90
CA VAL C 225 38.65 -21.24 -21.60
C VAL C 225 38.69 -19.89 -22.31
N SER C 226 39.41 -18.94 -21.72
CA SER C 226 39.32 -17.55 -22.14
C SER C 226 40.17 -17.24 -23.38
N ALA C 227 41.20 -18.04 -23.67
CA ALA C 227 42.08 -17.68 -24.77
C ALA C 227 42.78 -18.92 -25.29
N LEU C 228 43.11 -18.89 -26.57
CA LEU C 228 43.81 -19.98 -27.24
C LEU C 228 45.16 -19.47 -27.73
N PRO C 229 46.26 -19.99 -27.22
CA PRO C 229 47.56 -19.63 -27.79
C PRO C 229 47.68 -20.12 -29.22
N VAL C 230 48.28 -19.28 -30.07
CA VAL C 230 48.47 -19.57 -31.49
C VAL C 230 49.90 -20.03 -31.70
N VAL C 231 50.07 -21.20 -32.30
CA VAL C 231 51.39 -21.82 -32.42
C VAL C 231 51.70 -22.17 -33.87
N ASP C 232 52.99 -22.12 -34.19
CA ASP C 232 53.48 -22.50 -35.50
C ASP C 232 53.54 -24.03 -35.59
N GLU C 233 54.08 -24.52 -36.70
CA GLU C 233 54.09 -25.94 -36.97
C GLU C 233 54.89 -26.72 -35.95
N LYS C 234 55.96 -26.12 -35.42
CA LYS C 234 56.80 -26.80 -34.45
C LYS C 234 56.33 -26.60 -33.01
N GLY C 235 55.26 -25.86 -32.78
CA GLY C 235 54.59 -25.85 -31.49
C GLY C 235 54.94 -24.71 -30.56
N ARG C 236 55.58 -23.66 -31.03
CA ARG C 236 55.89 -22.50 -30.20
C ARG C 236 54.95 -21.35 -30.53
N VAL C 237 54.58 -20.59 -29.50
CA VAL C 237 53.47 -19.65 -29.59
C VAL C 237 53.92 -18.37 -30.29
N VAL C 238 53.28 -18.04 -31.41
CA VAL C 238 53.51 -16.78 -32.11
C VAL C 238 52.48 -15.70 -31.81
N ASP C 239 51.35 -16.05 -31.21
CA ASP C 239 50.26 -15.10 -31.00
C ASP C 239 49.28 -15.73 -30.01
N ILE C 240 48.27 -14.95 -29.62
CA ILE C 240 47.25 -15.41 -28.68
C ILE C 240 45.90 -14.88 -29.11
N TYR C 241 44.90 -15.74 -29.14
CA TYR C 241 43.56 -15.38 -29.57
C TYR C 241 42.64 -15.49 -28.36
N SER C 242 42.31 -14.34 -27.77
CA SER C 242 41.38 -14.27 -26.66
C SER C 242 39.95 -14.22 -27.16
N LYS C 243 39.02 -14.59 -26.29
CA LYS C 243 37.61 -14.29 -26.54
C LYS C 243 37.40 -12.82 -26.82
N PHE C 244 38.19 -11.95 -26.18
CA PHE C 244 38.04 -10.52 -26.44
C PHE C 244 38.25 -10.20 -27.92
N ASP C 245 39.22 -10.86 -28.57
CA ASP C 245 39.53 -10.52 -29.95
C ASP C 245 38.42 -10.91 -30.91
N VAL C 246 37.50 -11.78 -30.48
CA VAL C 246 36.37 -12.17 -31.30
C VAL C 246 35.45 -11.00 -31.59
N ILE C 247 35.38 -10.03 -30.68
CA ILE C 247 34.44 -8.93 -30.88
C ILE C 247 34.90 -8.03 -32.01
N ASN C 248 36.16 -8.14 -32.43
CA ASN C 248 36.57 -7.40 -33.61
C ASN C 248 35.75 -7.83 -34.82
N LEU C 249 35.30 -9.09 -34.82
CA LEU C 249 34.33 -9.53 -35.83
C LEU C 249 33.11 -8.64 -35.84
N ALA C 250 32.65 -8.20 -34.67
CA ALA C 250 31.54 -7.26 -34.65
C ALA C 250 31.97 -5.87 -35.09
N ALA C 251 33.14 -5.41 -34.65
CA ALA C 251 33.52 -4.04 -34.95
C ALA C 251 33.79 -3.85 -36.44
N GLU C 252 34.36 -4.85 -37.08
CA GLU C 252 34.64 -4.79 -38.50
C GLU C 252 33.51 -5.36 -39.34
N LYS C 253 32.47 -5.89 -38.70
CA LYS C 253 31.34 -6.50 -39.39
C LYS C 253 31.80 -7.57 -40.36
N THR C 254 32.89 -8.25 -40.01
CA THR C 254 33.41 -9.38 -40.75
C THR C 254 32.90 -10.71 -40.22
N TYR C 255 31.96 -10.68 -39.26
CA TYR C 255 31.45 -11.88 -38.61
C TYR C 255 30.76 -12.84 -39.57
N ASN C 256 30.48 -12.40 -40.80
CA ASN C 256 29.78 -13.26 -41.74
C ASN C 256 30.72 -14.22 -42.46
N ASN C 257 32.04 -13.98 -42.42
CA ASN C 257 33.02 -14.93 -42.94
C ASN C 257 33.89 -15.39 -41.77
N LEU C 258 33.62 -16.60 -41.30
CA LEU C 258 34.42 -17.22 -40.27
C LEU C 258 35.41 -18.24 -40.82
N ASP C 259 35.50 -18.40 -42.14
CA ASP C 259 36.47 -19.31 -42.74
C ASP C 259 37.90 -18.78 -42.64
N VAL C 260 38.07 -17.48 -42.43
CA VAL C 260 39.42 -16.91 -42.36
C VAL C 260 40.18 -17.47 -41.15
N SER C 261 41.51 -17.43 -41.26
CA SER C 261 42.37 -17.95 -40.23
C SER C 261 42.46 -17.00 -39.04
N VAL C 262 42.77 -17.58 -37.86
CA VAL C 262 43.01 -16.76 -36.67
C VAL C 262 44.06 -15.71 -36.95
N THR C 263 45.07 -16.05 -37.76
CA THR C 263 46.11 -15.09 -38.11
C THR C 263 45.52 -13.90 -38.85
N LYS C 264 44.73 -14.16 -39.90
CA LYS C 264 44.07 -13.05 -40.58
C LYS C 264 43.10 -12.33 -39.64
N ALA C 265 42.56 -13.03 -38.65
CA ALA C 265 41.63 -12.37 -37.74
C ALA C 265 42.34 -11.41 -36.79
N LEU C 266 43.64 -11.61 -36.55
CA LEU C 266 44.42 -10.75 -35.66
C LEU C 266 45.28 -9.72 -36.40
N GLN C 267 45.22 -9.62 -37.73
CA GLN C 267 46.14 -8.74 -38.44
C GLN C 267 45.86 -7.26 -38.14
N HIS C 268 44.61 -6.91 -37.81
CA HIS C 268 44.30 -5.54 -37.43
C HIS C 268 45.11 -5.06 -36.24
N ARG C 269 45.60 -5.98 -35.42
CA ARG C 269 46.33 -5.72 -34.20
C ARG C 269 47.83 -5.64 -34.41
N SER C 270 48.32 -5.93 -35.62
CA SER C 270 49.73 -6.25 -35.83
C SER C 270 50.67 -5.07 -35.55
N HIS C 271 50.22 -3.84 -35.77
CA HIS C 271 51.15 -2.71 -35.63
C HIS C 271 51.40 -2.31 -34.19
N TYR C 272 50.40 -2.45 -33.30
CA TYR C 272 50.57 -2.18 -31.88
C TYR C 272 50.79 -3.43 -31.02
N PHE C 273 50.87 -4.62 -31.62
CA PHE C 273 51.07 -5.85 -30.86
C PHE C 273 52.57 -6.05 -30.61
N GLU C 274 52.94 -6.18 -29.33
CA GLU C 274 54.32 -6.35 -28.90
C GLU C 274 54.70 -7.81 -28.66
N GLY C 275 53.79 -8.75 -28.90
CA GLY C 275 54.06 -10.16 -28.73
C GLY C 275 53.31 -10.74 -27.53
N VAL C 276 53.55 -12.04 -27.32
CA VAL C 276 52.80 -12.81 -26.33
C VAL C 276 53.53 -12.74 -24.99
N LEU C 277 52.80 -12.38 -23.95
CA LEU C 277 53.33 -12.33 -22.61
C LEU C 277 53.42 -13.75 -22.05
N LYS C 278 54.63 -14.15 -21.66
CA LYS C 278 54.90 -15.51 -21.26
C LYS C 278 55.54 -15.51 -19.88
N CYS C 279 55.81 -16.72 -19.38
CA CYS C 279 56.60 -16.88 -18.17
C CYS C 279 57.19 -18.28 -18.18
N TYR C 280 58.27 -18.46 -17.42
CA TYR C 280 58.85 -19.77 -17.23
C TYR C 280 58.40 -20.35 -15.90
N LEU C 281 58.74 -21.62 -15.68
CA LEU C 281 58.34 -22.30 -14.46
C LEU C 281 59.28 -22.01 -13.29
N HIS C 282 60.51 -21.59 -13.57
CA HIS C 282 61.41 -21.20 -12.49
C HIS C 282 61.10 -19.81 -11.96
N GLU C 283 60.20 -19.07 -12.59
CA GLU C 283 59.93 -17.71 -12.18
C GLU C 283 58.98 -17.67 -10.99
N THR C 284 59.26 -16.75 -10.05
CA THR C 284 58.55 -16.68 -8.79
C THR C 284 57.10 -16.21 -9.00
N LEU C 285 56.24 -16.57 -8.04
CA LEU C 285 54.83 -16.19 -8.14
C LEU C 285 54.65 -14.69 -8.02
N GLU C 286 55.47 -14.02 -7.21
CA GLU C 286 55.40 -12.57 -7.14
C GLU C 286 55.77 -11.96 -8.49
N THR C 287 56.81 -12.51 -9.13
CA THR C 287 57.16 -12.08 -10.48
C THR C 287 55.96 -12.21 -11.42
N ILE C 288 55.28 -13.37 -11.38
CA ILE C 288 54.10 -13.60 -12.23
C ILE C 288 53.03 -12.55 -11.97
N ILE C 289 52.69 -12.34 -10.69
CA ILE C 289 51.62 -11.41 -10.32
C ILE C 289 51.92 -10.02 -10.85
N ASN C 290 53.15 -9.54 -10.67
CA ASN C 290 53.53 -8.22 -11.18
C ASN C 290 53.42 -8.17 -12.71
N ARG C 291 53.81 -9.25 -13.39
CA ARG C 291 53.76 -9.27 -14.85
C ARG C 291 52.31 -9.17 -15.34
N LEU C 292 51.39 -9.87 -14.68
CA LEU C 292 49.98 -9.86 -15.11
C LEU C 292 49.30 -8.56 -14.73
N VAL C 293 49.53 -8.08 -13.51
CA VAL C 293 48.91 -6.84 -13.09
C VAL C 293 49.36 -5.69 -14.00
N GLU C 294 50.65 -5.67 -14.35
CA GLU C 294 51.17 -4.59 -15.17
C GLU C 294 50.67 -4.70 -16.61
N ALA C 295 50.61 -5.91 -17.15
CA ALA C 295 50.14 -6.10 -18.53
C ALA C 295 48.63 -6.09 -18.64
N GLU C 296 47.91 -6.20 -17.52
CA GLU C 296 46.45 -6.13 -17.49
C GLU C 296 45.78 -7.15 -18.41
N VAL C 297 46.40 -8.31 -18.63
CA VAL C 297 45.76 -9.40 -19.34
C VAL C 297 45.32 -10.46 -18.34
N HIS C 298 44.58 -11.46 -18.82
CA HIS C 298 43.99 -12.46 -17.94
C HIS C 298 44.87 -13.68 -17.71
N ARG C 299 45.86 -13.94 -18.57
CA ARG C 299 46.68 -15.12 -18.37
C ARG C 299 48.02 -14.92 -19.05
N LEU C 300 49.01 -15.68 -18.58
CA LEU C 300 50.31 -15.77 -19.21
C LEU C 300 50.47 -17.17 -19.80
N VAL C 301 51.25 -17.26 -20.87
CA VAL C 301 51.58 -18.54 -21.49
C VAL C 301 52.89 -19.04 -20.91
N VAL C 302 52.83 -20.17 -20.20
CA VAL C 302 54.03 -20.79 -19.65
C VAL C 302 54.74 -21.57 -20.75
N VAL C 303 56.03 -21.29 -20.95
CA VAL C 303 56.78 -21.84 -22.07
C VAL C 303 58.07 -22.45 -21.54
N ASP C 304 58.90 -22.92 -22.48
CA ASP C 304 60.26 -23.36 -22.22
C ASP C 304 61.23 -22.43 -22.94
N GLU C 305 62.52 -22.81 -22.94
CA GLU C 305 63.56 -22.01 -23.60
C GLU C 305 63.20 -21.64 -25.04
N ASN C 306 62.59 -22.59 -25.77
CA ASN C 306 62.37 -22.45 -27.20
C ASN C 306 61.00 -21.88 -27.57
N ASP C 307 60.22 -21.43 -26.59
CA ASP C 307 58.88 -20.81 -26.72
C ASP C 307 57.77 -21.85 -26.89
N VAL C 308 58.08 -23.15 -26.94
CA VAL C 308 57.05 -24.17 -26.99
C VAL C 308 56.25 -24.16 -25.70
N VAL C 309 54.93 -24.27 -25.83
CA VAL C 309 54.00 -24.01 -24.74
C VAL C 309 53.95 -25.22 -23.81
N LYS C 310 54.29 -25.02 -22.54
CA LYS C 310 54.09 -26.04 -21.53
C LYS C 310 52.85 -25.83 -20.65
N GLY C 311 52.13 -24.72 -20.79
CA GLY C 311 50.95 -24.55 -19.96
C GLY C 311 50.45 -23.12 -19.94
N ILE C 312 49.42 -22.91 -19.12
CA ILE C 312 48.76 -21.63 -18.93
C ILE C 312 48.69 -21.33 -17.43
N VAL C 313 48.91 -20.07 -17.06
CA VAL C 313 48.62 -19.60 -15.70
C VAL C 313 47.69 -18.41 -15.82
N SER C 314 46.53 -18.52 -15.17
CA SER C 314 45.46 -17.56 -15.36
C SER C 314 45.12 -16.85 -14.05
N LEU C 315 44.48 -15.68 -14.17
CA LEU C 315 43.96 -15.01 -12.99
C LEU C 315 43.01 -15.91 -12.21
N SER C 316 42.32 -16.83 -12.91
CA SER C 316 41.53 -17.84 -12.22
C SER C 316 42.39 -18.67 -11.29
N ASP C 317 43.47 -19.25 -11.82
CA ASP C 317 44.36 -20.05 -10.99
C ASP C 317 44.93 -19.25 -9.83
N ILE C 318 45.36 -18.01 -10.11
CA ILE C 318 46.12 -17.26 -9.13
C ILE C 318 45.23 -16.83 -7.97
N LEU C 319 44.08 -16.23 -8.28
CA LEU C 319 43.14 -15.86 -7.23
C LEU C 319 42.65 -17.09 -6.48
N GLN C 320 42.42 -18.19 -7.18
CA GLN C 320 41.99 -19.41 -6.48
C GLN C 320 43.04 -19.86 -5.48
N ALA C 321 44.32 -19.82 -5.87
CA ALA C 321 45.39 -20.27 -4.98
C ALA C 321 45.57 -19.36 -3.77
N LEU C 322 45.30 -18.06 -3.93
CA LEU C 322 45.46 -17.15 -2.79
C LEU C 322 44.34 -17.27 -1.76
N VAL C 323 43.20 -17.86 -2.13
CA VAL C 323 42.10 -18.09 -1.18
C VAL C 323 42.05 -19.51 -0.62
N LEU C 324 42.95 -20.39 -1.02
CA LEU C 324 42.93 -21.78 -0.54
C LEU C 324 43.40 -21.89 0.92
N GLY D 9 -18.11 7.02 -43.30
CA GLY D 9 -17.00 6.76 -42.40
C GLY D 9 -17.24 7.22 -40.97
N ARG D 10 -18.18 6.59 -40.28
CA ARG D 10 -18.50 6.91 -38.90
C ARG D 10 -18.33 5.66 -38.04
N VAL D 11 -18.13 5.87 -36.74
CA VAL D 11 -17.76 4.79 -35.83
C VAL D 11 -19.02 4.13 -35.31
N LYS D 12 -19.21 2.84 -35.66
CA LYS D 12 -20.43 2.12 -35.37
C LYS D 12 -20.11 0.86 -34.58
N ILE D 13 -20.91 0.59 -33.56
CA ILE D 13 -20.87 -0.68 -32.86
C ILE D 13 -22.27 -1.28 -32.93
N GLY D 14 -22.42 -2.32 -33.75
CA GLY D 14 -23.71 -2.96 -33.91
C GLY D 14 -24.87 -2.03 -34.21
N HIS D 15 -24.74 -1.18 -35.25
CA HIS D 15 -25.74 -0.27 -35.79
C HIS D 15 -25.85 1.05 -35.01
N TYR D 16 -25.24 1.16 -33.83
CA TYR D 16 -25.21 2.42 -33.09
C TYR D 16 -23.98 3.21 -33.47
N VAL D 17 -24.17 4.49 -33.79
CA VAL D 17 -23.06 5.38 -34.13
C VAL D 17 -22.62 6.08 -32.85
N LEU D 18 -21.37 5.89 -32.48
CA LEU D 18 -20.85 6.48 -31.26
C LEU D 18 -20.58 7.98 -31.47
N GLY D 19 -21.07 8.78 -30.54
CA GLY D 19 -20.98 10.22 -30.53
C GLY D 19 -20.00 10.74 -29.48
N ASP D 20 -20.33 11.90 -28.92
CA ASP D 20 -19.51 12.53 -27.90
C ASP D 20 -19.46 11.72 -26.62
N THR D 21 -18.37 11.91 -25.88
CA THR D 21 -18.25 11.36 -24.55
C THR D 21 -19.27 12.03 -23.63
N LEU D 22 -20.05 11.21 -22.92
CA LEU D 22 -20.93 11.76 -21.90
C LEU D 22 -20.19 11.99 -20.59
N GLY D 23 -19.12 11.23 -20.35
CA GLY D 23 -18.38 11.34 -19.12
C GLY D 23 -17.38 10.21 -18.98
N VAL D 24 -16.57 10.32 -17.94
CA VAL D 24 -15.64 9.28 -17.52
C VAL D 24 -16.09 8.82 -16.14
N GLY D 25 -16.51 7.56 -16.05
CA GLY D 25 -16.94 7.00 -14.78
C GLY D 25 -15.76 6.56 -13.94
N THR D 26 -16.07 5.77 -12.90
CA THR D 26 -15.00 5.23 -12.07
C THR D 26 -14.10 4.30 -12.88
N PHE D 27 -14.69 3.47 -13.71
CA PHE D 27 -13.95 2.74 -14.73
C PHE D 27 -14.77 2.79 -16.01
N GLY D 28 -14.13 3.16 -17.11
CA GLY D 28 -14.77 3.22 -18.40
C GLY D 28 -15.11 4.62 -18.84
N LYS D 29 -15.14 4.82 -20.16
CA LYS D 29 -15.57 6.06 -20.77
C LYS D 29 -16.96 5.82 -21.32
N VAL D 30 -17.87 6.76 -21.08
CA VAL D 30 -19.25 6.63 -21.56
C VAL D 30 -19.45 7.58 -22.73
N LYS D 31 -19.83 7.02 -23.87
CA LYS D 31 -20.16 7.77 -25.08
C LYS D 31 -21.60 7.49 -25.46
N ILE D 32 -22.33 8.56 -25.79
CA ILE D 32 -23.67 8.41 -26.33
C ILE D 32 -23.61 7.69 -27.67
N GLY D 33 -24.67 6.99 -28.00
CA GLY D 33 -24.74 6.33 -29.29
C GLY D 33 -26.15 6.37 -29.83
N GLU D 34 -26.23 6.37 -31.15
CA GLU D 34 -27.45 6.71 -31.86
C GLU D 34 -27.64 5.68 -32.95
N HIS D 35 -28.86 5.16 -33.06
CA HIS D 35 -29.17 4.19 -34.08
C HIS D 35 -29.16 4.88 -35.45
N GLN D 36 -28.37 4.36 -36.39
CA GLN D 36 -28.31 4.97 -37.71
C GLN D 36 -29.63 4.90 -38.46
N LEU D 37 -30.53 4.01 -38.05
CA LEU D 37 -31.84 3.88 -38.69
C LEU D 37 -32.92 4.65 -37.95
N THR D 38 -33.16 4.31 -36.68
CA THR D 38 -34.28 4.89 -35.95
C THR D 38 -33.94 6.16 -35.18
N GLY D 39 -32.66 6.45 -34.97
CA GLY D 39 -32.32 7.55 -34.10
C GLY D 39 -32.38 7.24 -32.62
N HIS D 40 -32.61 5.99 -32.25
CA HIS D 40 -32.71 5.61 -30.85
C HIS D 40 -31.39 5.82 -30.12
N LYS D 41 -31.45 6.39 -28.93
CA LYS D 41 -30.24 6.75 -28.19
C LYS D 41 -29.96 5.78 -27.05
N VAL D 42 -28.68 5.45 -26.89
CA VAL D 42 -28.17 4.61 -25.80
C VAL D 42 -26.92 5.25 -25.24
N ALA D 43 -26.47 4.69 -24.12
CA ALA D 43 -25.23 5.11 -23.48
C ALA D 43 -24.29 3.91 -23.45
N VAL D 44 -23.11 4.08 -24.03
CA VAL D 44 -22.15 2.99 -24.20
C VAL D 44 -21.00 3.23 -23.23
N LYS D 45 -20.89 2.39 -22.22
CA LYS D 45 -19.69 2.37 -21.39
C LYS D 45 -18.63 1.53 -22.09
N ILE D 46 -17.43 2.07 -22.22
CA ILE D 46 -16.34 1.41 -22.92
C ILE D 46 -15.26 1.06 -21.91
N LEU D 47 -14.95 -0.22 -21.77
CA LEU D 47 -13.90 -0.69 -20.88
C LEU D 47 -12.75 -1.29 -21.69
N ASN D 48 -11.55 -0.73 -21.55
CA ASN D 48 -10.40 -1.26 -22.28
C ASN D 48 -9.89 -2.51 -21.58
N ARG D 49 -9.75 -3.60 -22.35
CA ARG D 49 -9.40 -4.88 -21.76
C ARG D 49 -7.98 -4.88 -21.21
N GLN D 50 -7.06 -4.19 -21.88
CA GLN D 50 -5.70 -4.12 -21.34
C GLN D 50 -5.70 -3.51 -19.94
N LYS D 51 -6.49 -2.44 -19.74
CA LYS D 51 -6.54 -1.81 -18.42
C LYS D 51 -7.19 -2.72 -17.39
N ILE D 52 -8.11 -3.59 -17.81
CA ILE D 52 -8.69 -4.56 -16.89
C ILE D 52 -7.63 -5.55 -16.43
N ARG D 53 -6.84 -6.06 -17.38
CA ARG D 53 -5.79 -7.00 -17.05
C ARG D 53 -4.73 -6.35 -16.14
N SER D 54 -4.46 -5.07 -16.35
CA SER D 54 -3.39 -4.39 -15.61
C SER D 54 -3.73 -4.20 -14.14
N LEU D 55 -5.00 -4.00 -13.82
CA LEU D 55 -5.45 -3.84 -12.44
C LEU D 55 -5.95 -5.14 -11.84
N ASP D 56 -5.95 -6.23 -12.61
CA ASP D 56 -6.48 -7.54 -12.18
C ASP D 56 -7.88 -7.40 -11.57
N VAL D 57 -8.65 -6.47 -12.13
CA VAL D 57 -10.02 -6.22 -11.70
C VAL D 57 -10.96 -7.06 -12.57
N VAL D 58 -10.37 -7.96 -13.37
CA VAL D 58 -11.15 -8.84 -14.24
C VAL D 58 -12.28 -9.52 -13.47
N GLY D 59 -12.01 -9.92 -12.23
CA GLY D 59 -13.08 -10.50 -11.41
C GLY D 59 -14.18 -9.50 -11.11
N LYS D 60 -13.79 -8.29 -10.69
CA LYS D 60 -14.77 -7.23 -10.41
C LYS D 60 -15.71 -7.02 -11.58
N ILE D 61 -15.18 -7.02 -12.81
CA ILE D 61 -16.01 -6.79 -13.99
C ILE D 61 -16.97 -7.96 -14.21
N LYS D 62 -16.43 -9.19 -14.21
CA LYS D 62 -17.28 -10.37 -14.36
C LYS D 62 -18.44 -10.35 -13.37
N ARG D 63 -18.13 -10.18 -12.08
CA ARG D 63 -19.16 -10.17 -11.05
C ARG D 63 -20.13 -9.01 -11.25
N GLU D 64 -19.63 -7.81 -11.55
CA GLU D 64 -20.51 -6.67 -11.75
C GLU D 64 -21.33 -6.80 -13.03
N ILE D 65 -20.88 -7.59 -13.99
CA ILE D 65 -21.70 -7.81 -15.18
C ILE D 65 -22.80 -8.81 -14.89
N GLN D 66 -22.50 -9.83 -14.07
CA GLN D 66 -23.48 -10.88 -13.82
C GLN D 66 -24.67 -10.36 -13.02
N ASN D 67 -24.43 -9.49 -12.04
CA ASN D 67 -25.52 -9.02 -11.20
C ASN D 67 -26.15 -7.73 -11.70
N LEU D 68 -25.52 -7.01 -12.62
CA LEU D 68 -26.14 -5.84 -13.23
C LEU D 68 -27.02 -6.23 -14.42
N LYS D 69 -26.84 -7.43 -14.95
CA LYS D 69 -27.62 -7.86 -16.11
C LYS D 69 -29.04 -8.28 -15.73
N LEU D 70 -29.25 -8.83 -14.53
CA LEU D 70 -30.59 -9.21 -14.11
C LEU D 70 -31.27 -8.13 -13.27
N PHE D 71 -30.57 -7.05 -12.98
CA PHE D 71 -31.19 -5.87 -12.39
C PHE D 71 -32.23 -5.31 -13.34
N ARG D 72 -33.47 -5.21 -12.88
CA ARG D 72 -34.47 -4.40 -13.55
C ARG D 72 -35.22 -3.63 -12.48
N HIS D 73 -35.00 -2.33 -12.43
CA HIS D 73 -35.71 -1.45 -11.51
C HIS D 73 -35.89 -0.15 -12.28
N PRO D 74 -37.04 0.51 -12.12
CA PRO D 74 -37.32 1.72 -12.92
C PRO D 74 -36.39 2.89 -12.63
N HIS D 75 -35.77 2.92 -11.45
CA HIS D 75 -34.84 3.98 -11.07
C HIS D 75 -33.37 3.57 -11.10
N ILE D 76 -33.04 2.42 -11.70
CA ILE D 76 -31.66 2.05 -11.95
C ILE D 76 -31.45 1.93 -13.45
N ILE D 77 -30.34 2.50 -13.94
CA ILE D 77 -29.99 2.44 -15.37
C ILE D 77 -29.94 0.98 -15.82
N LYS D 78 -30.69 0.64 -16.87
CA LYS D 78 -30.67 -0.72 -17.39
C LYS D 78 -29.50 -0.94 -18.36
N LEU D 79 -28.96 -2.16 -18.32
CA LEU D 79 -27.91 -2.59 -19.24
C LEU D 79 -28.54 -3.45 -20.34
N TYR D 80 -28.48 -2.97 -21.59
CA TYR D 80 -29.13 -3.68 -22.69
C TYR D 80 -28.31 -4.88 -23.15
N GLN D 81 -27.03 -4.69 -23.45
CA GLN D 81 -26.19 -5.79 -23.88
C GLN D 81 -24.73 -5.43 -23.63
N VAL D 82 -23.89 -6.46 -23.71
CA VAL D 82 -22.44 -6.28 -23.62
C VAL D 82 -21.85 -6.86 -24.89
N ILE D 83 -21.07 -6.05 -25.60
CA ILE D 83 -20.42 -6.44 -26.84
C ILE D 83 -18.93 -6.54 -26.61
N SER D 84 -18.36 -7.68 -26.96
CA SER D 84 -16.95 -7.95 -26.73
C SER D 84 -16.17 -7.80 -28.03
N THR D 85 -15.02 -7.13 -27.96
CA THR D 85 -14.09 -6.96 -29.06
C THR D 85 -12.69 -7.34 -28.57
N PRO D 86 -11.78 -7.68 -29.48
CA PRO D 86 -10.40 -8.01 -29.06
C PRO D 86 -9.74 -6.95 -28.20
N THR D 87 -10.23 -5.71 -28.27
CA THR D 87 -9.64 -4.58 -27.58
C THR D 87 -10.41 -4.22 -26.32
N ASP D 88 -11.70 -3.96 -26.45
CA ASP D 88 -12.50 -3.36 -25.39
C ASP D 88 -13.83 -4.08 -25.27
N PHE D 89 -14.50 -3.84 -24.14
CA PHE D 89 -15.88 -4.25 -23.93
C PHE D 89 -16.78 -3.02 -24.04
N PHE D 90 -17.96 -3.21 -24.64
CA PHE D 90 -18.93 -2.15 -24.89
C PHE D 90 -20.23 -2.50 -24.18
N MET D 91 -20.62 -1.69 -23.21
CA MET D 91 -21.79 -1.94 -22.39
C MET D 91 -22.86 -0.95 -22.80
N VAL D 92 -23.92 -1.44 -23.43
CA VAL D 92 -24.94 -0.60 -24.04
C VAL D 92 -26.06 -0.42 -23.03
N MET D 93 -26.30 0.82 -22.63
CA MET D 93 -27.17 1.11 -21.53
C MET D 93 -28.28 2.07 -21.94
N GLU D 94 -29.38 2.02 -21.20
CA GLU D 94 -30.40 3.04 -21.28
C GLU D 94 -29.78 4.43 -21.15
N TYR D 95 -30.25 5.35 -21.99
CA TYR D 95 -29.80 6.74 -22.00
C TYR D 95 -30.89 7.64 -21.43
N VAL D 96 -30.50 8.64 -20.66
CA VAL D 96 -31.43 9.59 -20.07
C VAL D 96 -30.87 11.00 -20.29
N SER D 97 -31.72 11.90 -20.80
CA SER D 97 -31.26 13.17 -21.33
C SER D 97 -31.24 14.30 -20.31
N GLY D 98 -31.69 14.06 -19.08
CA GLY D 98 -31.71 15.14 -18.12
C GLY D 98 -30.38 15.47 -17.48
N GLY D 99 -29.37 14.62 -17.67
CA GLY D 99 -28.09 14.83 -17.04
C GLY D 99 -28.08 14.58 -15.53
N GLU D 100 -26.99 15.02 -14.91
CA GLU D 100 -26.78 14.76 -13.49
C GLU D 100 -27.78 15.53 -12.64
N LEU D 101 -28.26 14.88 -11.58
CA LEU D 101 -29.00 15.57 -10.53
C LEU D 101 -28.16 16.68 -9.90
N PHE D 102 -26.84 16.48 -9.86
CA PHE D 102 -25.95 17.51 -9.36
C PHE D 102 -26.12 18.82 -10.14
N ASP D 103 -26.16 18.73 -11.47
CA ASP D 103 -26.36 19.94 -12.30
C ASP D 103 -27.76 20.52 -12.14
N TYR D 104 -28.76 19.67 -11.88
CA TYR D 104 -30.11 20.15 -11.62
C TYR D 104 -30.15 21.00 -10.34
N ILE D 105 -29.56 20.48 -9.25
CA ILE D 105 -29.50 21.27 -8.02
C ILE D 105 -28.75 22.56 -8.25
N CYS D 106 -27.64 22.51 -8.98
CA CYS D 106 -26.80 23.70 -9.13
C CYS D 106 -27.54 24.80 -9.88
N LYS D 107 -28.28 24.43 -10.93
CA LYS D 107 -28.95 25.44 -11.74
C LYS D 107 -30.20 25.99 -11.07
N HIS D 108 -30.86 25.19 -10.23
CA HIS D 108 -32.08 25.63 -9.57
C HIS D 108 -31.85 26.11 -8.14
N GLY D 109 -30.61 26.13 -7.65
CA GLY D 109 -30.37 26.40 -6.25
C GLY D 109 -30.89 25.27 -5.38
N ARG D 110 -31.79 25.58 -4.45
CA ARG D 110 -32.44 24.54 -3.69
C ARG D 110 -33.51 23.86 -4.54
N VAL D 111 -33.86 22.64 -4.16
CA VAL D 111 -34.95 21.90 -4.78
C VAL D 111 -36.17 22.00 -3.88
N GLU D 112 -37.33 22.25 -4.50
CA GLU D 112 -38.61 22.38 -3.79
C GLU D 112 -38.93 21.10 -3.02
N GLU D 113 -39.66 21.26 -1.91
CA GLU D 113 -39.86 20.12 -1.01
C GLU D 113 -40.64 18.99 -1.67
N MET D 114 -41.69 19.32 -2.43
CA MET D 114 -42.46 18.27 -3.08
C MET D 114 -41.61 17.48 -4.06
N GLU D 115 -40.81 18.19 -4.87
CA GLU D 115 -39.97 17.49 -5.86
C GLU D 115 -38.77 16.81 -5.20
N ALA D 116 -38.25 17.37 -4.11
CA ALA D 116 -37.15 16.72 -3.40
C ALA D 116 -37.60 15.39 -2.79
N ARG D 117 -38.79 15.37 -2.20
CA ARG D 117 -39.31 14.13 -1.64
C ARG D 117 -39.50 13.08 -2.73
N ARG D 118 -40.07 13.48 -3.86
CA ARG D 118 -40.30 12.51 -4.93
C ARG D 118 -38.99 11.92 -5.42
N LEU D 119 -37.98 12.78 -5.64
CA LEU D 119 -36.68 12.29 -6.10
C LEU D 119 -36.02 11.39 -5.06
N PHE D 120 -36.12 11.77 -3.79
CA PHE D 120 -35.52 10.98 -2.72
C PHE D 120 -36.21 9.63 -2.59
N GLN D 121 -37.54 9.60 -2.72
CA GLN D 121 -38.25 8.32 -2.70
C GLN D 121 -37.78 7.41 -3.82
N GLN D 122 -37.56 7.96 -5.02
CA GLN D 122 -37.12 7.11 -6.13
C GLN D 122 -35.69 6.62 -5.90
N ILE D 123 -34.81 7.49 -5.41
CA ILE D 123 -33.45 7.05 -5.13
C ILE D 123 -33.46 5.96 -4.08
N LEU D 124 -34.17 6.19 -2.97
CA LEU D 124 -34.17 5.22 -1.89
C LEU D 124 -34.76 3.88 -2.34
N SER D 125 -35.81 3.92 -3.16
CA SER D 125 -36.37 2.72 -3.76
C SER D 125 -35.29 1.92 -4.48
N ALA D 126 -34.48 2.61 -5.29
CA ALA D 126 -33.42 1.93 -6.03
C ALA D 126 -32.36 1.38 -5.09
N VAL D 127 -32.00 2.13 -4.06
CA VAL D 127 -31.02 1.66 -3.10
C VAL D 127 -31.54 0.42 -2.36
N ASP D 128 -32.82 0.45 -1.95
CA ASP D 128 -33.37 -0.70 -1.25
C ASP D 128 -33.38 -1.92 -2.16
N TYR D 129 -33.52 -1.71 -3.46
CA TYR D 129 -33.51 -2.85 -4.38
C TYR D 129 -32.12 -3.47 -4.44
N CYS D 130 -31.10 -2.63 -4.58
CA CYS D 130 -29.71 -3.09 -4.52
C CYS D 130 -29.44 -3.90 -3.25
N HIS D 131 -29.83 -3.37 -2.08
CA HIS D 131 -29.50 -4.05 -0.84
C HIS D 131 -30.20 -5.40 -0.72
N ARG D 132 -31.44 -5.49 -1.21
CA ARG D 132 -32.14 -6.78 -1.20
C ARG D 132 -31.45 -7.80 -2.12
N HIS D 133 -30.77 -7.33 -3.16
CA HIS D 133 -29.95 -8.18 -4.01
C HIS D 133 -28.52 -8.29 -3.53
N MET D 134 -28.24 -7.78 -2.32
CA MET D 134 -26.94 -7.93 -1.64
C MET D 134 -25.84 -7.16 -2.37
N VAL D 135 -26.22 -6.13 -3.09
CA VAL D 135 -25.28 -5.19 -3.69
C VAL D 135 -25.35 -3.87 -2.95
N VAL D 136 -24.19 -3.35 -2.55
CA VAL D 136 -24.07 -2.04 -1.96
C VAL D 136 -23.34 -1.15 -2.97
N HIS D 137 -23.91 0.03 -3.23
CA HIS D 137 -23.42 0.88 -4.32
C HIS D 137 -22.09 1.55 -3.97
N ARG D 138 -22.00 2.20 -2.80
CA ARG D 138 -20.81 2.82 -2.22
C ARG D 138 -20.39 4.13 -2.89
N ASP D 139 -20.90 4.44 -4.08
CA ASP D 139 -20.65 5.72 -4.75
C ASP D 139 -21.86 6.65 -4.84
N LEU D 140 -22.92 6.42 -4.08
CA LEU D 140 -24.11 7.29 -4.19
C LEU D 140 -23.75 8.75 -3.96
N LYS D 141 -24.14 9.63 -4.91
CA LYS D 141 -23.94 11.08 -4.87
C LYS D 141 -24.64 11.74 -6.05
N PRO D 142 -24.96 13.03 -5.97
CA PRO D 142 -25.83 13.63 -7.01
C PRO D 142 -25.25 13.62 -8.40
N GLU D 143 -23.93 13.49 -8.56
CA GLU D 143 -23.35 13.38 -9.90
C GLU D 143 -23.62 12.02 -10.53
N ASN D 144 -23.87 10.99 -9.70
CA ASN D 144 -24.17 9.63 -10.14
C ASN D 144 -25.66 9.34 -10.15
N VAL D 145 -26.50 10.32 -9.91
CA VAL D 145 -27.94 10.17 -10.07
C VAL D 145 -28.35 10.95 -11.31
N LEU D 146 -28.84 10.24 -12.32
CA LEU D 146 -29.21 10.86 -13.58
C LEU D 146 -30.72 11.05 -13.63
N LEU D 147 -31.14 12.10 -14.32
CA LEU D 147 -32.54 12.41 -14.53
C LEU D 147 -32.92 12.10 -15.97
N ASP D 148 -34.13 11.56 -16.17
CA ASP D 148 -34.67 11.42 -17.52
C ASP D 148 -35.51 12.66 -17.87
N ALA D 149 -36.11 12.66 -19.06
CA ALA D 149 -36.81 13.85 -19.53
C ALA D 149 -38.02 14.18 -18.68
N HIS D 150 -38.55 13.22 -17.93
CA HIS D 150 -39.69 13.41 -17.04
C HIS D 150 -39.29 13.67 -15.59
N MET D 151 -38.00 13.88 -15.31
CA MET D 151 -37.49 14.13 -13.96
C MET D 151 -37.59 12.90 -13.05
N ASN D 152 -37.32 11.73 -13.61
CA ASN D 152 -37.22 10.50 -12.83
C ASN D 152 -35.75 10.15 -12.62
N ALA D 153 -35.39 9.86 -11.38
CA ALA D 153 -34.00 9.59 -11.03
C ALA D 153 -33.60 8.17 -11.41
N LYS D 154 -32.33 8.00 -11.76
CA LYS D 154 -31.76 6.68 -12.02
C LYS D 154 -30.35 6.60 -11.46
N ILE D 155 -30.11 5.65 -10.56
CA ILE D 155 -28.76 5.37 -10.06
C ILE D 155 -27.91 4.84 -11.20
N ALA D 156 -26.65 5.26 -11.28
CA ALA D 156 -25.88 5.01 -12.50
C ALA D 156 -24.62 4.16 -12.30
N ASP D 157 -23.61 4.62 -11.56
CA ASP D 157 -22.26 4.08 -11.72
C ASP D 157 -21.99 3.02 -10.65
N PHE D 158 -21.82 1.77 -11.08
CA PHE D 158 -21.62 0.67 -10.15
C PHE D 158 -20.16 0.24 -10.02
N GLY D 159 -19.22 0.97 -10.64
CA GLY D 159 -17.82 0.59 -10.62
C GLY D 159 -17.19 0.46 -9.23
N LEU D 160 -17.79 1.06 -8.22
CA LEU D 160 -17.29 0.93 -6.85
C LEU D 160 -18.08 -0.07 -6.02
N SER D 161 -19.06 -0.75 -6.60
CA SER D 161 -20.00 -1.50 -5.80
C SER D 161 -19.42 -2.85 -5.39
N ASN D 162 -20.16 -3.56 -4.55
CA ASN D 162 -19.67 -4.83 -4.04
C ASN D 162 -20.85 -5.71 -3.63
N MET D 163 -20.67 -7.00 -3.79
CA MET D 163 -21.57 -7.97 -3.19
C MET D 163 -21.37 -8.01 -1.68
N MET D 164 -22.43 -8.34 -0.96
CA MET D 164 -22.35 -8.50 0.48
C MET D 164 -22.47 -9.98 0.80
N SER D 165 -21.37 -10.57 1.26
CA SER D 165 -21.38 -11.96 1.68
C SER D 165 -21.76 -12.06 3.16
N ASP D 166 -22.49 -13.12 3.49
CA ASP D 166 -22.87 -13.39 4.87
C ASP D 166 -21.64 -13.53 5.77
N GLY D 167 -21.67 -12.87 6.92
CA GLY D 167 -20.61 -12.95 7.89
C GLY D 167 -19.38 -12.13 7.58
N GLU D 168 -19.38 -11.38 6.48
CA GLU D 168 -18.20 -10.67 6.01
C GLU D 168 -18.46 -9.18 6.03
N PHE D 169 -17.41 -8.41 6.27
CA PHE D 169 -17.48 -6.96 6.32
C PHE D 169 -16.64 -6.37 5.21
N LEU D 170 -16.96 -5.14 4.85
CA LEU D 170 -16.19 -4.41 3.86
C LEU D 170 -15.34 -3.36 4.55
N ARG D 171 -14.09 -3.24 4.10
CA ARG D 171 -13.17 -2.24 4.59
C ARG D 171 -12.94 -1.12 3.57
N THR D 172 -12.56 -1.50 2.35
CA THR D 172 -11.93 -0.59 1.39
C THR D 172 -12.66 0.75 1.30
N SER D 173 -11.89 1.82 1.31
CA SER D 173 -12.46 3.16 1.43
C SER D 173 -12.68 3.73 0.03
N CYS D 174 -13.96 3.88 -0.33
CA CYS D 174 -14.37 4.20 -1.69
C CYS D 174 -15.26 5.43 -1.69
N GLY D 175 -15.13 6.23 -2.74
CA GLY D 175 -16.06 7.30 -3.04
C GLY D 175 -15.50 8.66 -2.70
N SER D 176 -16.34 9.66 -2.93
CA SER D 176 -16.00 11.03 -2.61
C SER D 176 -16.09 11.26 -1.12
N PRO D 177 -15.09 11.93 -0.51
CA PRO D 177 -15.11 12.14 0.94
C PRO D 177 -16.38 12.81 1.44
N ASN D 178 -16.88 13.81 0.69
CA ASN D 178 -18.08 14.52 1.11
C ASN D 178 -19.28 13.60 1.29
N TYR D 179 -19.33 12.50 0.55
CA TYR D 179 -20.44 11.57 0.69
C TYR D 179 -20.10 10.34 1.52
N ALA D 180 -18.87 10.25 2.05
CA ALA D 180 -18.44 9.03 2.73
C ALA D 180 -18.76 9.07 4.21
N ALA D 181 -19.20 7.93 4.72
CA ALA D 181 -19.63 7.83 6.10
C ALA D 181 -18.43 7.91 7.03
N PRO D 182 -18.67 8.20 8.32
CA PRO D 182 -17.56 8.26 9.29
C PRO D 182 -16.72 7.00 9.34
N GLU D 183 -17.35 5.82 9.31
CA GLU D 183 -16.59 4.58 9.33
C GLU D 183 -15.78 4.40 8.06
N VAL D 184 -16.28 4.89 6.92
CA VAL D 184 -15.53 4.79 5.68
C VAL D 184 -14.23 5.59 5.79
N ILE D 185 -14.33 6.87 6.17
CA ILE D 185 -13.14 7.72 6.13
C ILE D 185 -12.14 7.36 7.21
N SER D 186 -12.51 6.52 8.16
CA SER D 186 -11.61 6.09 9.23
C SER D 186 -10.92 4.76 8.92
N GLY D 187 -11.25 4.12 7.80
CA GLY D 187 -10.67 2.83 7.51
C GLY D 187 -11.26 1.67 8.31
N ARG D 188 -12.40 1.88 8.95
CA ARG D 188 -13.06 0.84 9.73
C ARG D 188 -13.77 -0.16 8.84
N LEU D 189 -14.03 -1.34 9.41
CA LEU D 189 -14.87 -2.34 8.77
C LEU D 189 -16.34 -1.97 8.91
N TYR D 190 -17.11 -2.25 7.86
CA TYR D 190 -18.52 -1.92 7.86
C TYR D 190 -19.31 -2.99 7.11
N ALA D 191 -20.61 -3.03 7.40
CA ALA D 191 -21.54 -3.94 6.74
C ALA D 191 -21.87 -3.50 5.32
N GLY D 192 -22.02 -2.20 5.11
CA GLY D 192 -22.23 -1.60 3.81
C GLY D 192 -23.60 -1.03 3.47
N PRO D 193 -24.71 -1.56 3.99
CA PRO D 193 -25.99 -0.84 3.77
C PRO D 193 -26.05 0.48 4.53
N GLU D 194 -25.49 0.53 5.73
CA GLU D 194 -25.50 1.78 6.49
C GLU D 194 -24.61 2.84 5.87
N VAL D 195 -23.63 2.44 5.07
CA VAL D 195 -22.78 3.40 4.38
C VAL D 195 -23.54 4.03 3.21
N ASP D 196 -24.30 3.21 2.47
CA ASP D 196 -25.16 3.76 1.43
C ASP D 196 -26.17 4.75 2.00
N ILE D 197 -26.75 4.44 3.17
CA ILE D 197 -27.80 5.30 3.72
C ILE D 197 -27.23 6.65 4.12
N TRP D 198 -25.99 6.66 4.60
CA TRP D 198 -25.32 7.93 4.89
C TRP D 198 -25.27 8.81 3.65
N SER D 199 -24.79 8.25 2.54
CA SER D 199 -24.78 8.96 1.26
C SER D 199 -26.16 9.51 0.90
N CYS D 200 -27.22 8.73 1.13
CA CYS D 200 -28.57 9.22 0.84
C CYS D 200 -28.93 10.40 1.74
N GLY D 201 -28.48 10.36 3.00
CA GLY D 201 -28.70 11.49 3.89
C GLY D 201 -28.07 12.76 3.35
N VAL D 202 -26.83 12.64 2.86
CA VAL D 202 -26.16 13.78 2.25
C VAL D 202 -26.89 14.22 1.00
N ILE D 203 -27.36 13.28 0.19
CA ILE D 203 -28.10 13.65 -1.00
C ILE D 203 -29.38 14.38 -0.61
N LEU D 204 -30.11 13.86 0.36
CA LEU D 204 -31.32 14.56 0.79
C LEU D 204 -30.98 15.97 1.24
N TYR D 205 -29.89 16.10 2.01
CA TYR D 205 -29.47 17.43 2.47
C TYR D 205 -29.18 18.34 1.28
N ALA D 206 -28.37 17.86 0.33
CA ALA D 206 -28.01 18.68 -0.83
C ALA D 206 -29.24 19.07 -1.64
N LEU D 207 -30.15 18.11 -1.85
CA LEU D 207 -31.41 18.42 -2.52
C LEU D 207 -32.11 19.60 -1.85
N LEU D 208 -32.27 19.53 -0.53
CA LEU D 208 -33.09 20.51 0.18
C LEU D 208 -32.36 21.82 0.43
N CYS D 209 -31.09 21.77 0.83
CA CYS D 209 -30.35 22.99 1.15
C CYS D 209 -29.49 23.53 0.00
N GLY D 210 -29.28 22.76 -1.06
CA GLY D 210 -28.42 23.22 -2.14
C GLY D 210 -26.94 23.31 -1.82
N THR D 211 -26.52 22.81 -0.67
CA THR D 211 -25.10 22.75 -0.29
C THR D 211 -24.85 21.46 0.48
N LEU D 212 -23.63 21.19 0.71
CA LEU D 212 -23.20 19.95 1.35
C LEU D 212 -23.10 20.12 2.86
N PRO D 213 -23.60 19.14 3.61
CA PRO D 213 -23.66 19.29 5.08
C PRO D 213 -22.30 19.34 5.75
N PHE D 214 -21.31 18.61 5.24
CA PHE D 214 -19.94 18.66 5.71
C PHE D 214 -19.05 19.09 4.55
N ASP D 215 -18.53 20.31 4.60
CA ASP D 215 -17.67 20.81 3.54
C ASP D 215 -16.54 21.65 4.12
N ASP D 216 -15.32 21.35 3.72
CA ASP D 216 -14.18 22.19 4.06
C ASP D 216 -13.10 21.98 3.02
N GLU D 217 -12.35 23.03 2.73
CA GLU D 217 -11.26 22.89 1.78
C GLU D 217 -10.06 22.17 2.37
N HIS D 218 -9.96 22.13 3.71
CA HIS D 218 -8.86 21.44 4.38
C HIS D 218 -9.30 20.01 4.70
N VAL D 219 -8.68 19.04 4.02
CA VAL D 219 -9.16 17.66 4.11
C VAL D 219 -9.09 17.11 5.52
N PRO D 220 -8.05 17.36 6.32
CA PRO D 220 -8.12 16.94 7.73
C PRO D 220 -9.37 17.44 8.46
N THR D 221 -9.72 18.73 8.29
CA THR D 221 -10.86 19.25 9.02
C THR D 221 -12.18 18.68 8.48
N LEU D 222 -12.29 18.52 7.17
CA LEU D 222 -13.44 17.83 6.61
C LEU D 222 -13.59 16.46 7.23
N PHE D 223 -12.50 15.72 7.33
CA PHE D 223 -12.54 14.41 7.97
C PHE D 223 -13.00 14.50 9.41
N LYS D 224 -12.66 15.58 10.10
CA LYS D 224 -13.09 15.72 11.49
C LYS D 224 -14.55 16.16 11.58
N LYS D 225 -15.00 17.02 10.66
CA LYS D 225 -16.40 17.44 10.69
C LYS D 225 -17.33 16.27 10.48
N ILE D 226 -16.96 15.36 9.57
CA ILE D 226 -17.77 14.17 9.32
C ILE D 226 -17.76 13.26 10.54
N ARG D 227 -16.57 12.92 11.05
CA ARG D 227 -16.50 12.06 12.22
C ARG D 227 -17.17 12.72 13.42
N GLY D 228 -17.19 14.05 13.48
CA GLY D 228 -17.95 14.72 14.52
C GLY D 228 -19.45 14.60 14.31
N GLY D 229 -19.88 14.65 13.06
CA GLY D 229 -21.29 14.52 12.75
C GLY D 229 -22.14 15.74 13.03
N VAL D 230 -21.53 16.87 13.37
CA VAL D 230 -22.26 18.11 13.57
C VAL D 230 -22.37 18.81 12.22
N PHE D 231 -23.60 19.08 11.80
CA PHE D 231 -23.85 19.82 10.58
C PHE D 231 -24.96 20.81 10.88
N TYR D 232 -25.15 21.79 10.00
CA TYR D 232 -26.11 22.84 10.26
C TYR D 232 -27.45 22.49 9.63
N ILE D 233 -28.52 22.65 10.41
CA ILE D 233 -29.88 22.44 9.93
C ILE D 233 -30.51 23.81 9.72
N PRO D 234 -30.86 24.20 8.49
CA PRO D 234 -31.42 25.53 8.27
C PRO D 234 -32.84 25.65 8.81
N GLU D 235 -33.22 26.88 9.12
CA GLU D 235 -34.52 27.11 9.74
C GLU D 235 -35.66 26.88 8.78
N TYR D 236 -35.41 26.88 7.47
CA TYR D 236 -36.48 26.61 6.52
C TYR D 236 -36.78 25.12 6.40
N LEU D 237 -36.02 24.28 7.08
CA LEU D 237 -36.34 22.87 7.23
C LEU D 237 -37.28 22.68 8.42
N ASN D 238 -38.44 22.10 8.17
CA ASN D 238 -39.36 21.77 9.25
C ASN D 238 -38.79 20.67 10.13
N ARG D 239 -39.31 20.58 11.35
CA ARG D 239 -38.83 19.59 12.31
C ARG D 239 -38.93 18.17 11.76
N SER D 240 -39.98 17.87 11.00
CA SER D 240 -40.18 16.51 10.50
C SER D 240 -38.99 16.05 9.67
N VAL D 241 -38.64 16.82 8.63
CA VAL D 241 -37.56 16.38 7.75
C VAL D 241 -36.21 16.52 8.45
N ALA D 242 -36.10 17.44 9.40
CA ALA D 242 -34.85 17.58 10.13
C ALA D 242 -34.58 16.32 10.97
N THR D 243 -35.60 15.83 11.69
CA THR D 243 -35.42 14.59 12.43
C THR D 243 -35.04 13.42 11.52
N LEU D 244 -35.48 13.44 10.26
CA LEU D 244 -35.09 12.38 9.35
C LEU D 244 -33.62 12.50 8.96
N LEU D 245 -33.15 13.71 8.69
CA LEU D 245 -31.74 13.91 8.35
C LEU D 245 -30.82 13.62 9.54
N MET D 246 -31.25 13.93 10.75
CA MET D 246 -30.43 13.63 11.92
C MET D 246 -30.35 12.13 12.17
N HIS D 247 -31.40 11.40 11.80
CA HIS D 247 -31.38 9.95 11.91
C HIS D 247 -30.50 9.33 10.83
N MET D 248 -30.50 9.86 9.62
CA MET D 248 -29.72 9.26 8.54
C MET D 248 -28.24 9.61 8.63
N LEU D 249 -27.91 10.76 9.20
CA LEU D 249 -26.52 11.19 9.37
C LEU D 249 -25.96 10.89 10.75
N GLN D 250 -26.66 10.07 11.54
CA GLN D 250 -26.14 9.62 12.84
C GLN D 250 -24.77 8.96 12.67
N VAL D 251 -23.82 9.36 13.53
CA VAL D 251 -22.43 8.95 13.35
C VAL D 251 -22.22 7.50 13.76
N ASP D 252 -22.84 7.08 14.86
CA ASP D 252 -22.79 5.67 15.26
C ASP D 252 -23.61 4.84 14.28
N PRO D 253 -23.01 3.88 13.58
CA PRO D 253 -23.79 3.10 12.59
C PRO D 253 -24.92 2.29 13.21
N LEU D 254 -24.81 1.91 14.48
CA LEU D 254 -25.91 1.15 15.09
C LEU D 254 -27.11 2.03 15.36
N LYS D 255 -26.87 3.29 15.73
CA LYS D 255 -27.96 4.22 15.91
C LYS D 255 -28.47 4.79 14.58
N ARG D 256 -27.74 4.58 13.48
CA ARG D 256 -28.13 5.17 12.21
C ARG D 256 -29.38 4.48 11.66
N ALA D 257 -30.18 5.25 10.93
CA ALA D 257 -31.44 4.79 10.41
C ALA D 257 -31.25 3.74 9.32
N THR D 258 -32.19 2.80 9.26
CA THR D 258 -32.24 1.80 8.20
C THR D 258 -33.31 2.21 7.19
N ILE D 259 -33.42 1.43 6.11
CA ILE D 259 -34.42 1.70 5.08
C ILE D 259 -35.83 1.57 5.66
N LYS D 260 -36.04 0.54 6.49
CA LYS D 260 -37.34 0.42 7.14
C LYS D 260 -37.62 1.62 8.04
N ASP D 261 -36.60 2.07 8.79
CA ASP D 261 -36.73 3.29 9.59
C ASP D 261 -37.23 4.45 8.75
N ILE D 262 -36.62 4.66 7.57
CA ILE D 262 -37.00 5.78 6.72
C ILE D 262 -38.41 5.61 6.20
N ARG D 263 -38.72 4.42 5.66
CA ARG D 263 -40.06 4.17 5.12
C ARG D 263 -41.16 4.44 6.13
N GLU D 264 -40.85 4.37 7.43
CA GLU D 264 -41.82 4.64 8.47
C GLU D 264 -41.88 6.11 8.86
N HIS D 265 -40.93 6.92 8.41
CA HIS D 265 -40.89 8.32 8.81
C HIS D 265 -42.04 9.11 8.19
N GLU D 266 -42.62 10.01 8.98
CA GLU D 266 -43.83 10.72 8.55
C GLU D 266 -43.57 11.58 7.32
N TRP D 267 -42.34 12.07 7.14
CA TRP D 267 -42.05 12.90 5.98
C TRP D 267 -41.88 12.07 4.72
N PHE D 268 -41.37 10.85 4.83
CA PHE D 268 -41.04 10.06 3.66
C PHE D 268 -42.29 9.45 3.03
N LYS D 269 -43.21 8.94 3.84
CA LYS D 269 -44.34 8.22 3.28
C LYS D 269 -45.45 9.15 2.82
N GLN D 270 -45.25 10.46 2.92
CA GLN D 270 -46.24 11.40 2.43
C GLN D 270 -46.28 11.38 0.91
N ASP D 271 -47.46 11.09 0.35
CA ASP D 271 -47.67 11.01 -1.10
C ASP D 271 -46.71 10.00 -1.73
N LEU D 272 -46.44 8.92 -1.03
CA LEU D 272 -45.49 7.91 -1.51
C LEU D 272 -46.13 7.03 -2.57
N PRO D 273 -45.64 7.02 -3.80
CA PRO D 273 -46.28 6.20 -4.85
C PRO D 273 -46.17 4.72 -4.53
N SER D 274 -47.22 3.99 -4.83
CA SER D 274 -47.34 2.63 -4.32
C SER D 274 -46.39 1.66 -5.00
N TYR D 275 -45.81 2.02 -6.15
CA TYR D 275 -45.00 1.05 -6.88
C TYR D 275 -43.55 0.97 -6.41
N LEU D 276 -43.14 1.80 -5.44
CA LEU D 276 -41.72 2.00 -5.20
C LEU D 276 -41.07 0.89 -4.38
N PHE D 277 -41.80 0.27 -3.46
CA PHE D 277 -41.19 -0.68 -2.56
C PHE D 277 -41.88 -2.03 -2.62
N PRO D 278 -41.16 -3.14 -2.29
CA PRO D 278 -41.82 -4.44 -2.20
C PRO D 278 -42.82 -4.45 -1.06
N GLU D 279 -43.42 -5.61 -0.74
CA GLU D 279 -44.39 -5.73 0.36
C GLU D 279 -45.49 -4.67 0.27
N ASP D 280 -45.80 -4.25 -0.95
CA ASP D 280 -46.67 -3.12 -1.23
C ASP D 280 -47.57 -3.49 -2.40
N PRO D 281 -48.72 -2.81 -2.56
CA PRO D 281 -49.74 -3.31 -3.50
C PRO D 281 -49.28 -3.42 -4.95
N SER D 282 -48.68 -2.38 -5.52
CA SER D 282 -48.39 -2.36 -6.95
C SER D 282 -46.96 -2.77 -7.30
N TYR D 283 -46.17 -3.21 -6.32
CA TYR D 283 -44.81 -3.65 -6.63
C TYR D 283 -44.81 -4.96 -7.40
N ASP D 284 -45.58 -5.95 -6.94
CA ASP D 284 -45.54 -7.28 -7.53
C ASP D 284 -46.04 -7.28 -8.97
N ALA D 285 -46.97 -6.40 -9.32
CA ALA D 285 -47.50 -6.31 -10.68
C ALA D 285 -46.79 -5.27 -11.53
N ASN D 286 -45.78 -4.58 -10.98
CA ASN D 286 -45.08 -3.50 -11.66
C ASN D 286 -43.70 -3.93 -12.15
N VAL D 287 -42.79 -4.30 -11.25
CA VAL D 287 -41.44 -4.73 -11.62
C VAL D 287 -41.29 -6.21 -11.33
N ILE D 288 -40.46 -6.88 -12.14
CA ILE D 288 -40.42 -8.34 -12.17
C ILE D 288 -39.85 -8.89 -10.87
N ASP D 289 -40.35 -10.07 -10.48
CA ASP D 289 -39.84 -10.80 -9.33
C ASP D 289 -38.45 -11.37 -9.65
N ASP D 290 -37.87 -12.06 -8.69
CA ASP D 290 -36.54 -12.61 -8.94
C ASP D 290 -36.49 -14.11 -8.66
N GLU D 291 -36.55 -14.47 -7.38
CA GLU D 291 -36.41 -15.88 -7.02
C GLU D 291 -37.53 -16.72 -7.60
N ALA D 292 -38.72 -16.14 -7.79
CA ALA D 292 -39.78 -16.90 -8.43
C ALA D 292 -39.46 -17.17 -9.89
N VAL D 293 -38.70 -16.28 -10.54
CA VAL D 293 -38.29 -16.52 -11.91
C VAL D 293 -37.35 -17.71 -11.99
N LYS D 294 -36.30 -17.72 -11.15
CA LYS D 294 -35.34 -18.80 -11.12
C LYS D 294 -35.95 -20.12 -10.65
N GLU D 295 -37.19 -20.11 -10.17
CA GLU D 295 -37.86 -21.34 -9.77
C GLU D 295 -38.51 -21.95 -11.01
N VAL D 296 -38.05 -23.15 -11.38
CA VAL D 296 -38.47 -23.83 -12.61
C VAL D 296 -38.47 -25.33 -12.37
N CYS D 297 -38.89 -26.09 -13.39
CA CYS D 297 -38.89 -27.56 -13.34
C CYS D 297 -38.78 -28.15 -14.75
N PHE D 300 -37.35 -25.90 -17.30
CA PHE D 300 -36.29 -25.08 -17.88
C PHE D 300 -36.67 -23.59 -17.93
N GLU D 301 -37.35 -23.20 -19.02
CA GLU D 301 -37.77 -21.81 -19.26
C GLU D 301 -36.60 -20.83 -19.18
N GLN D 319 -50.55 -27.13 -18.08
CA GLN D 319 -50.05 -27.38 -16.74
C GLN D 319 -48.65 -26.80 -16.56
N LEU D 320 -48.43 -25.60 -17.12
CA LEU D 320 -47.16 -24.91 -17.01
C LEU D 320 -47.33 -23.56 -16.33
N ALA D 321 -48.03 -22.61 -16.96
CA ALA D 321 -48.24 -21.31 -16.35
C ALA D 321 -49.09 -21.39 -15.08
N VAL D 322 -49.85 -22.47 -14.90
CA VAL D 322 -50.74 -22.59 -13.76
C VAL D 322 -49.98 -22.80 -12.46
N ALA D 323 -48.76 -23.34 -12.52
CA ALA D 323 -47.95 -23.52 -11.32
C ALA D 323 -47.21 -22.25 -10.92
N TYR D 324 -46.99 -21.32 -11.86
CA TYR D 324 -46.30 -20.08 -11.54
C TYR D 324 -47.19 -19.14 -10.75
N HIS D 325 -48.45 -18.98 -11.19
CA HIS D 325 -49.37 -18.07 -10.51
C HIS D 325 -49.63 -18.50 -9.06
N LEU D 326 -49.56 -19.80 -8.78
CA LEU D 326 -49.68 -20.26 -7.40
C LEU D 326 -48.61 -19.64 -6.52
N ILE D 327 -47.38 -19.53 -7.03
CA ILE D 327 -46.27 -19.02 -6.23
C ILE D 327 -46.41 -17.51 -6.00
N ILE D 328 -47.02 -16.79 -6.94
CA ILE D 328 -47.28 -15.37 -6.73
C ILE D 328 -48.16 -15.18 -5.50
N ASP D 329 -49.34 -15.80 -5.51
CA ASP D 329 -50.33 -15.60 -4.47
C ASP D 329 -49.84 -16.16 -3.13
N ASN D 330 -49.18 -17.32 -3.17
CA ASN D 330 -48.73 -17.96 -1.94
C ASN D 330 -47.78 -17.06 -1.16
N ARG D 331 -46.80 -16.46 -1.83
CA ARG D 331 -45.88 -15.58 -1.13
C ARG D 331 -46.59 -14.31 -0.65
N ARG D 332 -47.58 -13.83 -1.41
CA ARG D 332 -48.40 -12.73 -0.92
C ARG D 332 -49.01 -13.07 0.43
N ILE D 333 -49.57 -14.27 0.55
CA ILE D 333 -50.27 -14.67 1.77
C ILE D 333 -49.29 -14.88 2.92
N MET D 334 -48.14 -15.50 2.66
CA MET D 334 -47.18 -15.74 3.74
C MET D 334 -46.60 -14.43 4.27
N ASN D 335 -46.28 -13.49 3.38
CA ASN D 335 -45.77 -12.21 3.86
C ASN D 335 -46.86 -11.36 4.51
N GLN D 336 -48.11 -11.51 4.07
CA GLN D 336 -49.18 -10.76 4.71
C GLN D 336 -49.54 -11.27 6.09
N ALA D 337 -48.98 -12.38 6.54
CA ALA D 337 -48.97 -12.73 7.96
C ALA D 337 -47.54 -12.56 8.42
N SER D 338 -47.25 -11.42 9.05
CA SER D 338 -45.90 -11.15 9.51
C SER D 338 -45.66 -11.76 10.88
N GLU D 339 -46.69 -11.73 11.74
CA GLU D 339 -46.64 -12.29 13.09
C GLU D 339 -46.30 -13.78 13.09
N PHE D 340 -46.58 -14.47 11.99
CA PHE D 340 -46.38 -15.91 11.89
C PHE D 340 -44.93 -16.26 11.57
N TYR D 341 -44.27 -15.44 10.75
CA TYR D 341 -42.92 -15.74 10.29
C TYR D 341 -41.80 -15.03 11.05
N LEU D 342 -42.11 -14.05 11.89
CA LEU D 342 -41.10 -13.18 12.46
C LEU D 342 -41.58 -12.64 13.80
N ALA D 343 -40.63 -12.23 14.63
CA ALA D 343 -40.93 -11.80 15.98
C ALA D 343 -41.11 -10.29 16.02
N SER D 344 -42.07 -9.85 16.84
CA SER D 344 -42.29 -8.44 17.14
C SER D 344 -41.40 -8.01 18.31
N SER D 345 -41.51 -6.73 18.68
CA SER D 345 -40.74 -6.20 19.81
C SER D 345 -41.64 -5.72 20.92
N LEU D 363 -52.65 -6.53 24.25
CA LEU D 363 -51.90 -7.69 23.76
C LEU D 363 -51.93 -8.84 24.76
N LYS D 364 -52.61 -9.95 24.38
CA LYS D 364 -52.61 -11.13 25.25
C LYS D 364 -51.32 -11.92 25.05
N PRO D 365 -50.70 -12.38 26.14
CA PRO D 365 -49.44 -13.11 26.01
C PRO D 365 -49.65 -14.47 25.36
N HIS D 366 -48.65 -14.88 24.60
CA HIS D 366 -48.74 -16.15 23.90
C HIS D 366 -48.86 -17.27 24.92
N PRO D 367 -49.67 -18.28 24.66
CA PRO D 367 -49.89 -19.33 25.68
C PRO D 367 -48.63 -20.07 26.09
N GLU D 368 -47.67 -20.22 25.20
CA GLU D 368 -46.45 -20.96 25.54
C GLU D 368 -45.36 -20.06 26.11
N ARG D 369 -45.68 -18.80 26.40
CA ARG D 369 -44.70 -17.89 26.97
C ARG D 369 -44.45 -18.28 28.43
N MET D 370 -43.20 -18.57 28.76
CA MET D 370 -42.93 -19.09 30.08
C MET D 370 -42.56 -17.99 31.07
N PRO D 371 -42.86 -18.20 32.35
CA PRO D 371 -42.43 -17.27 33.37
C PRO D 371 -40.94 -17.40 33.60
N PRO D 372 -40.30 -16.39 34.21
CA PRO D 372 -38.85 -16.48 34.44
C PRO D 372 -38.49 -17.63 35.37
N LEU D 373 -37.25 -18.11 35.24
CA LEU D 373 -36.77 -19.15 36.14
C LEU D 373 -36.46 -18.51 37.49
N ILE D 374 -37.14 -18.98 38.54
CA ILE D 374 -37.06 -18.35 39.85
C ILE D 374 -36.32 -19.25 40.82
N ALA D 396 -36.21 -15.08 43.41
CA ALA D 396 -35.23 -14.30 42.65
C ALA D 396 -35.04 -14.86 41.23
N VAL D 397 -34.99 -13.95 40.25
CA VAL D 397 -34.79 -14.31 38.84
C VAL D 397 -33.49 -13.68 38.36
N LYS D 398 -32.72 -14.44 37.59
CA LYS D 398 -31.42 -13.99 37.09
C LYS D 398 -31.36 -14.13 35.57
N LYS D 399 -30.77 -13.14 34.90
CA LYS D 399 -30.66 -13.11 33.45
C LYS D 399 -29.21 -13.15 33.02
N ALA D 400 -28.91 -13.95 32.00
CA ALA D 400 -27.55 -14.17 31.54
C ALA D 400 -27.35 -13.60 30.15
N LYS D 401 -26.20 -13.00 29.91
CA LYS D 401 -25.94 -12.28 28.67
C LYS D 401 -24.93 -13.05 27.83
N TRP D 402 -25.26 -13.20 26.54
CA TRP D 402 -24.39 -13.77 25.55
C TRP D 402 -23.32 -12.76 25.11
N HIS D 403 -22.24 -13.29 24.56
CA HIS D 403 -21.14 -12.46 24.10
C HIS D 403 -20.43 -13.16 22.95
N LEU D 404 -19.73 -12.37 22.15
CA LEU D 404 -19.05 -12.86 20.96
C LEU D 404 -17.69 -13.44 21.32
N GLY D 405 -17.41 -14.64 20.82
CA GLY D 405 -16.08 -15.23 20.91
C GLY D 405 -15.53 -15.30 22.33
N ILE D 406 -14.23 -15.06 22.45
CA ILE D 406 -13.57 -15.08 23.76
C ILE D 406 -12.67 -13.84 23.86
N ARG D 407 -12.68 -13.22 25.05
CA ARG D 407 -11.91 -12.01 25.32
C ARG D 407 -10.56 -12.37 25.93
N SER D 408 -9.51 -11.66 25.51
CA SER D 408 -8.19 -11.76 26.10
C SER D 408 -7.57 -10.37 26.16
N GLN D 409 -7.03 -10.02 27.33
CA GLN D 409 -6.28 -8.79 27.48
C GLN D 409 -4.79 -8.99 27.22
N SER D 410 -4.39 -10.19 26.79
CA SER D 410 -2.98 -10.51 26.55
C SER D 410 -2.47 -9.79 25.30
N LYS D 411 -1.17 -9.99 25.01
CA LYS D 411 -0.56 -9.32 23.87
C LYS D 411 -0.99 -9.99 22.56
N PRO D 412 -1.06 -9.22 21.47
CA PRO D 412 -1.62 -9.81 20.22
C PRO D 412 -0.74 -10.90 19.64
N TYR D 413 0.59 -10.72 19.65
CA TYR D 413 1.47 -11.78 19.16
C TYR D 413 1.53 -12.97 20.09
N ASP D 414 1.19 -12.78 21.38
CA ASP D 414 1.12 -13.88 22.32
C ASP D 414 -0.20 -14.65 22.20
N ILE D 415 -1.29 -13.94 21.87
CA ILE D 415 -2.57 -14.62 21.68
C ILE D 415 -2.49 -15.57 20.50
N MET D 416 -1.91 -15.10 19.38
CA MET D 416 -1.76 -15.94 18.20
C MET D 416 -0.85 -17.13 18.49
N ALA D 417 0.25 -16.90 19.21
CA ALA D 417 1.14 -18.00 19.56
C ALA D 417 0.40 -19.08 20.35
N GLU D 418 -0.44 -18.67 21.30
CA GLU D 418 -1.22 -19.64 22.06
C GLU D 418 -2.18 -20.40 21.14
N VAL D 419 -2.79 -19.71 20.18
CA VAL D 419 -3.70 -20.38 19.24
C VAL D 419 -2.96 -21.47 18.49
N TYR D 420 -1.76 -21.15 17.99
CA TYR D 420 -1.00 -22.11 17.21
C TYR D 420 -0.72 -23.38 18.01
N ARG D 421 -0.24 -23.23 19.25
CA ARG D 421 0.02 -24.40 20.10
C ARG D 421 -1.25 -25.19 20.33
N ALA D 422 -2.40 -24.51 20.47
CA ALA D 422 -3.65 -25.21 20.70
C ALA D 422 -4.08 -26.01 19.48
N MET D 423 -3.90 -25.45 18.29
CA MET D 423 -4.31 -26.17 17.08
C MET D 423 -3.38 -27.35 16.80
N LYS D 424 -2.08 -27.20 17.03
CA LYS D 424 -1.18 -28.34 16.88
C LYS D 424 -1.50 -29.42 17.89
N GLN D 425 -1.95 -29.02 19.09
CA GLN D 425 -2.27 -29.98 20.15
C GLN D 425 -3.48 -30.83 19.77
N LEU D 426 -4.46 -30.23 19.08
CA LEU D 426 -5.66 -30.94 18.65
C LEU D 426 -5.53 -31.53 17.26
N ASP D 427 -4.35 -31.42 16.64
CA ASP D 427 -4.09 -31.85 15.27
C ASP D 427 -5.07 -31.22 14.28
N PHE D 428 -5.24 -29.90 14.42
CA PHE D 428 -5.87 -29.11 13.37
C PHE D 428 -4.80 -28.67 12.39
N GLU D 429 -5.14 -28.65 11.11
CA GLU D 429 -4.29 -28.05 10.11
C GLU D 429 -4.94 -26.78 9.57
N TRP D 430 -4.13 -25.76 9.33
CA TRP D 430 -4.66 -24.44 9.03
C TRP D 430 -3.84 -23.76 7.93
N LYS D 431 -4.46 -22.78 7.29
CA LYS D 431 -3.78 -21.88 6.38
C LYS D 431 -3.85 -20.48 6.94
N VAL D 432 -2.80 -19.69 6.69
CA VAL D 432 -2.71 -18.33 7.20
C VAL D 432 -2.80 -17.39 6.00
N VAL D 433 -3.93 -16.69 5.88
CA VAL D 433 -4.05 -15.61 4.90
C VAL D 433 -3.60 -14.27 5.50
N ASN D 434 -3.48 -14.19 6.81
CA ASN D 434 -3.10 -12.97 7.50
C ASN D 434 -2.55 -13.38 8.87
N ALA D 435 -1.75 -12.49 9.45
CA ALA D 435 -1.16 -12.77 10.76
C ALA D 435 -2.24 -12.95 11.82
N TYR D 436 -3.31 -12.16 11.74
CA TYR D 436 -4.44 -12.25 12.65
C TYR D 436 -5.65 -12.97 12.07
N HIS D 437 -5.53 -13.54 10.87
CA HIS D 437 -6.65 -14.25 10.24
C HIS D 437 -6.20 -15.64 9.85
N LEU D 438 -6.84 -16.64 10.45
CA LEU D 438 -6.50 -18.05 10.25
C LEU D 438 -7.68 -18.79 9.67
N ARG D 439 -7.41 -19.69 8.74
CA ARG D 439 -8.43 -20.60 8.21
C ARG D 439 -8.05 -21.99 8.69
N VAL D 440 -8.87 -22.56 9.57
CA VAL D 440 -8.53 -23.80 10.27
C VAL D 440 -9.41 -24.93 9.74
N ARG D 441 -8.82 -26.13 9.71
CA ARG D 441 -9.47 -27.31 9.15
C ARG D 441 -9.25 -28.50 10.07
N ARG D 442 -10.24 -29.38 10.12
CA ARG D 442 -10.15 -30.62 10.88
C ARG D 442 -11.03 -31.69 10.25
N LYS D 443 -10.52 -32.93 10.25
CA LYS D 443 -11.27 -34.08 9.77
C LYS D 443 -12.08 -34.67 10.92
N ASN D 444 -13.40 -34.76 10.76
CA ASN D 444 -14.24 -35.38 11.79
C ASN D 444 -13.92 -36.87 11.84
N PRO D 445 -13.43 -37.39 12.97
CA PRO D 445 -13.03 -38.80 12.98
C PRO D 445 -14.20 -39.75 12.78
N VAL D 446 -15.40 -39.40 13.23
CA VAL D 446 -16.54 -40.31 13.10
C VAL D 446 -17.13 -40.27 11.70
N THR D 447 -17.39 -39.06 11.18
CA THR D 447 -18.06 -38.93 9.88
C THR D 447 -17.12 -38.81 8.70
N GLY D 448 -15.82 -38.62 8.93
CA GLY D 448 -14.93 -38.41 7.81
C GLY D 448 -15.13 -37.12 7.06
N ASN D 449 -15.97 -36.21 7.56
CA ASN D 449 -16.15 -34.90 6.96
C ASN D 449 -15.06 -33.95 7.43
N TYR D 450 -14.67 -33.06 6.55
CA TYR D 450 -13.80 -31.95 6.94
C TYR D 450 -14.63 -30.84 7.57
N VAL D 451 -14.01 -30.17 8.54
CA VAL D 451 -14.63 -29.06 9.26
C VAL D 451 -13.74 -27.84 9.10
N LYS D 452 -14.30 -26.74 8.61
CA LYS D 452 -13.57 -25.51 8.36
C LYS D 452 -14.18 -24.36 9.15
N MET D 453 -13.31 -23.49 9.65
CA MET D 453 -13.71 -22.36 10.46
C MET D 453 -12.67 -21.26 10.25
N SER D 454 -13.07 -20.02 10.54
CA SER D 454 -12.21 -18.86 10.35
C SER D 454 -11.99 -18.17 11.70
N LEU D 455 -10.73 -17.96 12.05
CA LEU D 455 -10.32 -17.30 13.27
C LEU D 455 -9.80 -15.92 12.96
N GLN D 456 -10.32 -14.92 13.66
CA GLN D 456 -9.95 -13.54 13.44
C GLN D 456 -9.77 -12.86 14.79
N LEU D 457 -8.63 -12.20 14.98
CA LEU D 457 -8.37 -11.43 16.18
C LEU D 457 -8.77 -9.98 15.93
N TYR D 458 -9.48 -9.38 16.89
CA TYR D 458 -9.98 -8.01 16.79
C TYR D 458 -9.51 -7.21 18.00
N LEU D 459 -9.60 -5.89 17.87
CA LEU D 459 -9.23 -4.97 18.94
C LEU D 459 -10.51 -4.36 19.50
N VAL D 460 -10.69 -4.45 20.82
CA VAL D 460 -11.82 -3.85 21.53
C VAL D 460 -11.26 -2.91 22.59
N ASP D 461 -11.93 -1.77 22.79
CA ASP D 461 -11.54 -0.73 23.75
C ASP D 461 -10.02 -0.49 23.71
N ASN D 462 -9.36 -0.57 24.87
CA ASN D 462 -7.90 -0.40 24.96
C ASN D 462 -7.25 -1.63 25.55
N ARG D 463 -6.26 -2.18 24.84
CA ARG D 463 -5.50 -3.35 25.29
C ARG D 463 -6.41 -4.52 25.67
N SER D 464 -7.54 -4.67 24.98
CA SER D 464 -8.41 -5.83 25.12
C SER D 464 -8.71 -6.38 23.74
N TYR D 465 -8.60 -7.70 23.58
CA TYR D 465 -8.70 -8.32 22.28
C TYR D 465 -9.83 -9.34 22.28
N LEU D 466 -10.26 -9.70 21.07
CA LEU D 466 -11.37 -10.62 20.91
C LEU D 466 -11.05 -11.57 19.76
N LEU D 467 -11.20 -12.86 20.01
CA LEU D 467 -11.01 -13.86 18.98
C LEU D 467 -12.37 -14.31 18.46
N ASP D 468 -12.60 -14.09 17.17
CA ASP D 468 -13.88 -14.35 16.54
C ASP D 468 -13.84 -15.68 15.81
N PHE D 469 -14.90 -16.47 15.97
CA PHE D 469 -15.03 -17.78 15.33
C PHE D 469 -16.13 -17.70 14.28
N LYS D 470 -15.79 -18.03 13.04
CA LYS D 470 -16.72 -17.88 11.93
C LYS D 470 -16.76 -19.17 11.15
N SER D 471 -17.93 -19.80 11.12
CA SER D 471 -18.12 -21.03 10.36
C SER D 471 -17.98 -20.78 8.86
N ILE D 472 -17.62 -21.83 8.14
CA ILE D 472 -17.35 -21.76 6.70
C ILE D 472 -18.16 -22.84 6.00
N ASP D 473 -18.83 -22.47 4.91
CA ASP D 473 -19.68 -23.37 4.16
C ASP D 473 -18.88 -24.10 3.08
N ASP D 474 -19.56 -24.93 2.29
CA ASP D 474 -18.92 -25.64 1.18
C ASP D 474 -19.49 -25.21 -0.16
N ARG D 531 -25.32 -35.52 4.63
CA ARG D 531 -25.53 -36.91 5.04
C ARG D 531 -25.27 -37.05 6.53
N LEU D 532 -24.21 -37.79 6.88
CA LEU D 532 -23.90 -38.06 8.27
C LEU D 532 -23.42 -36.81 9.00
N GLY D 533 -23.73 -36.76 10.29
CA GLY D 533 -23.39 -35.62 11.13
C GLY D 533 -24.29 -34.43 10.87
N SER D 534 -23.92 -33.32 11.51
CA SER D 534 -24.55 -32.02 11.26
C SER D 534 -23.46 -30.97 11.06
N HIS D 535 -23.61 -30.14 10.04
CA HIS D 535 -22.58 -29.13 9.79
C HIS D 535 -22.53 -28.10 10.92
N THR D 536 -23.69 -27.62 11.38
CA THR D 536 -23.72 -26.67 12.48
C THR D 536 -23.13 -27.28 13.76
N MET D 537 -23.49 -28.54 14.04
CA MET D 537 -22.92 -29.17 15.23
C MET D 537 -21.43 -29.43 15.07
N ASP D 538 -20.96 -29.69 13.84
CA ASP D 538 -19.53 -29.86 13.62
C ASP D 538 -18.77 -28.58 13.95
N PHE D 539 -19.41 -27.42 13.76
CA PHE D 539 -18.75 -26.14 14.03
C PHE D 539 -18.68 -25.85 15.52
N PHE D 540 -19.77 -26.10 16.24
CA PHE D 540 -19.76 -25.90 17.69
C PHE D 540 -18.68 -26.73 18.36
N GLU D 541 -18.51 -27.98 17.92
CA GLU D 541 -17.56 -28.85 18.63
C GLU D 541 -16.12 -28.52 18.29
N MET D 542 -15.84 -28.09 17.06
CA MET D 542 -14.50 -27.58 16.76
C MET D 542 -14.21 -26.33 17.57
N CYS D 543 -15.19 -25.42 17.68
CA CYS D 543 -15.06 -24.28 18.60
C CYS D 543 -14.78 -24.74 20.01
N ALA D 544 -15.72 -25.51 20.59
CA ALA D 544 -15.63 -25.90 21.99
C ALA D 544 -14.30 -26.56 22.30
N SER D 545 -13.84 -27.47 21.43
CA SER D 545 -12.58 -28.15 21.69
C SER D 545 -11.42 -27.17 21.74
N LEU D 546 -11.39 -26.23 20.80
CA LEU D 546 -10.32 -25.25 20.79
C LEU D 546 -10.44 -24.26 21.94
N ILE D 547 -11.67 -23.97 22.38
CA ILE D 547 -11.85 -22.98 23.44
C ILE D 547 -11.43 -23.53 24.79
N THR D 548 -11.78 -24.78 25.08
CA THR D 548 -11.37 -25.39 26.35
C THR D 548 -9.86 -25.55 26.47
N THR D 549 -9.14 -25.58 25.35
CA THR D 549 -7.69 -25.68 25.38
C THR D 549 -7.12 -24.29 25.67
N LEU D 550 -6.46 -24.16 26.83
CA LEU D 550 -6.00 -22.89 27.35
C LEU D 550 -5.35 -23.10 28.72
N ARG E 94 -18.13 -9.45 -36.06
CA ARG E 94 -16.82 -9.55 -35.43
C ARG E 94 -16.06 -8.22 -35.44
N PRO E 95 -16.55 -7.23 -34.67
CA PRO E 95 -15.95 -5.89 -34.70
C PRO E 95 -14.61 -5.83 -33.99
N THR E 96 -13.67 -5.11 -34.58
CA THR E 96 -12.35 -4.90 -33.99
C THR E 96 -12.02 -3.42 -33.97
N VAL E 97 -11.44 -2.96 -32.86
CA VAL E 97 -11.17 -1.54 -32.66
C VAL E 97 -9.73 -1.25 -33.03
N PHE E 98 -9.51 -0.20 -33.82
CA PHE E 98 -8.17 0.33 -34.12
C PHE E 98 -8.14 1.78 -33.64
N ARG E 99 -7.37 2.06 -32.59
CA ARG E 99 -7.39 3.37 -31.96
C ARG E 99 -5.98 3.91 -31.79
N TRP E 100 -5.82 5.20 -32.06
CA TRP E 100 -4.54 5.89 -31.98
C TRP E 100 -4.68 7.08 -31.04
N THR E 101 -3.94 7.05 -29.93
CA THR E 101 -4.06 8.04 -28.86
C THR E 101 -3.00 9.12 -28.89
N GLY E 102 -2.03 9.05 -29.80
CA GLY E 102 -1.11 10.15 -29.96
C GLY E 102 -1.80 11.32 -30.63
N GLY E 103 -1.17 12.48 -30.53
CA GLY E 103 -1.73 13.64 -31.16
C GLY E 103 -1.63 13.57 -32.68
N GLY E 104 -2.34 14.46 -33.34
CA GLY E 104 -2.10 14.68 -34.74
C GLY E 104 -3.25 15.40 -35.39
N LYS E 105 -2.99 15.92 -36.60
CA LYS E 105 -4.06 16.48 -37.42
C LYS E 105 -4.83 15.38 -38.15
N GLU E 106 -4.12 14.47 -38.81
CA GLU E 106 -4.72 13.49 -39.70
C GLU E 106 -4.07 12.13 -39.46
N VAL E 107 -4.89 11.10 -39.28
CA VAL E 107 -4.42 9.74 -39.09
C VAL E 107 -5.19 8.84 -40.03
N TYR E 108 -4.48 7.97 -40.73
CA TYR E 108 -5.07 6.92 -41.56
C TYR E 108 -4.62 5.56 -41.04
N LEU E 109 -5.45 4.54 -41.26
CA LEU E 109 -5.11 3.17 -40.94
C LEU E 109 -4.84 2.39 -42.22
N SER E 110 -3.67 1.75 -42.30
CA SER E 110 -3.28 0.96 -43.45
C SER E 110 -2.91 -0.43 -42.97
N GLY E 111 -3.47 -1.46 -43.59
CA GLY E 111 -3.21 -2.80 -43.12
C GLY E 111 -3.46 -3.85 -44.18
N SER E 112 -3.36 -5.12 -43.77
CA SER E 112 -3.54 -6.24 -44.68
C SER E 112 -5.00 -6.51 -45.01
N PHE E 113 -5.93 -5.97 -44.22
CA PHE E 113 -7.35 -6.13 -44.51
C PHE E 113 -7.83 -5.17 -45.59
N ASN E 114 -7.27 -3.97 -45.65
CA ASN E 114 -7.64 -2.96 -46.64
C ASN E 114 -6.71 -2.90 -47.85
N ASN E 115 -5.78 -3.84 -47.98
CA ASN E 115 -4.77 -3.87 -49.05
C ASN E 115 -3.79 -2.70 -48.96
N TRP E 116 -3.50 -2.28 -47.73
CA TRP E 116 -2.51 -1.23 -47.48
C TRP E 116 -2.83 0.06 -48.23
N SER E 117 -4.10 0.45 -48.19
CA SER E 117 -4.57 1.76 -48.59
C SER E 117 -4.92 2.56 -47.35
N LYS E 118 -4.75 3.88 -47.44
CA LYS E 118 -5.03 4.75 -46.31
C LYS E 118 -6.53 4.81 -46.02
N LEU E 119 -6.89 4.54 -44.78
CA LEU E 119 -8.27 4.63 -44.31
C LEU E 119 -8.39 5.73 -43.27
N PRO E 120 -9.07 6.83 -43.56
CA PRO E 120 -9.13 7.95 -42.61
C PRO E 120 -9.90 7.57 -41.36
N LEU E 121 -9.40 8.03 -40.22
CA LEU E 121 -10.03 7.78 -38.92
C LEU E 121 -10.78 9.02 -38.45
N THR E 122 -11.87 8.80 -37.75
CA THR E 122 -12.62 9.92 -37.19
C THR E 122 -12.00 10.33 -35.86
N ARG E 123 -12.07 11.61 -35.57
CA ARG E 123 -11.38 12.18 -34.42
C ARG E 123 -12.34 12.54 -33.30
N HIS E 125 -11.71 14.05 -29.08
CA HIS E 125 -10.84 15.11 -28.55
C HIS E 125 -9.39 14.75 -28.79
N ASN E 126 -9.07 13.47 -28.61
CA ASN E 126 -7.73 12.96 -28.78
C ASN E 126 -7.74 11.77 -29.73
N ASN E 127 -8.54 10.76 -29.39
CA ASN E 127 -8.50 9.47 -30.09
C ASN E 127 -8.80 9.62 -31.58
N PHE E 128 -8.11 8.80 -32.37
CA PHE E 128 -8.47 8.52 -33.77
C PHE E 128 -8.81 7.05 -33.87
N VAL E 129 -10.01 6.73 -34.38
CA VAL E 129 -10.47 5.34 -34.33
C VAL E 129 -11.26 4.99 -35.58
N ALA E 130 -11.28 3.69 -35.88
CA ALA E 130 -12.19 3.06 -36.83
C ALA E 130 -12.45 1.65 -36.32
N ILE E 131 -13.70 1.21 -36.41
CA ILE E 131 -14.09 -0.12 -35.96
C ILE E 131 -14.43 -0.95 -37.19
N LEU E 132 -13.63 -1.96 -37.46
CA LEU E 132 -13.71 -2.76 -38.68
C LEU E 132 -14.17 -4.18 -38.35
N ASP E 133 -14.82 -4.79 -39.33
CA ASP E 133 -15.27 -6.17 -39.22
C ASP E 133 -14.34 -7.01 -40.09
N LEU E 134 -13.55 -7.88 -39.47
CA LEU E 134 -12.61 -8.70 -40.23
C LEU E 134 -12.57 -10.11 -39.65
N PRO E 135 -12.26 -11.11 -40.48
CA PRO E 135 -12.27 -12.49 -40.01
C PRO E 135 -11.14 -12.81 -39.05
N GLU E 136 -11.28 -13.95 -38.38
CA GLU E 136 -10.26 -14.42 -37.46
C GLU E 136 -8.98 -14.75 -38.21
N GLY E 137 -7.86 -14.49 -37.57
CA GLY E 137 -6.57 -14.75 -38.16
C GLY E 137 -5.56 -13.72 -37.69
N GLU E 138 -4.46 -13.64 -38.42
CA GLU E 138 -3.50 -12.58 -38.21
C GLU E 138 -3.72 -11.48 -39.24
N HIS E 139 -3.65 -10.23 -38.78
CA HIS E 139 -3.74 -9.07 -39.65
C HIS E 139 -2.71 -8.06 -39.17
N GLN E 140 -1.92 -7.53 -40.10
CA GLN E 140 -0.91 -6.55 -39.78
C GLN E 140 -1.35 -5.20 -40.32
N TYR E 141 -0.99 -4.13 -39.62
CA TYR E 141 -1.50 -2.80 -39.93
C TYR E 141 -0.47 -1.74 -39.55
N LYS E 142 -0.78 -0.48 -39.87
CA LYS E 142 0.12 0.63 -39.57
C LYS E 142 -0.70 1.92 -39.58
N PHE E 143 -0.18 2.94 -38.90
CA PHE E 143 -0.83 4.26 -38.81
C PHE E 143 0.01 5.31 -39.53
N PHE E 144 -0.67 6.24 -40.21
CA PHE E 144 -0.04 7.34 -40.93
C PHE E 144 -0.47 8.65 -40.28
N VAL E 145 0.47 9.36 -39.64
CA VAL E 145 0.13 10.52 -38.83
C VAL E 145 0.81 11.77 -39.40
N ASP E 146 0.00 12.73 -39.83
CA ASP E 146 0.46 14.07 -40.21
C ASP E 146 1.59 14.02 -41.22
N GLY E 147 1.44 13.13 -42.20
CA GLY E 147 2.45 12.99 -43.24
C GLY E 147 3.57 12.02 -42.92
N GLN E 148 3.44 11.22 -41.87
CA GLN E 148 4.51 10.34 -41.44
C GLN E 148 3.94 9.02 -40.98
N TRP E 149 4.73 7.96 -41.15
CA TRP E 149 4.38 6.65 -40.61
C TRP E 149 4.78 6.55 -39.14
N THR E 150 3.89 5.98 -38.34
CA THR E 150 4.15 5.75 -36.92
C THR E 150 3.46 4.46 -36.51
N HIS E 151 3.87 3.91 -35.36
CA HIS E 151 3.26 2.70 -34.80
C HIS E 151 2.62 2.95 -33.44
N ASP E 152 1.68 2.09 -33.05
CA ASP E 152 0.93 2.25 -31.80
N PRO E 153 3.07 2.05 -29.50
CA PRO E 153 4.23 1.43 -28.84
C PRO E 153 3.84 0.25 -27.95
N SER E 154 2.62 0.28 -27.43
CA SER E 154 2.17 -0.78 -26.52
C SER E 154 1.77 -2.05 -27.23
N GLU E 155 1.39 -1.97 -28.51
CA GLU E 155 1.00 -3.17 -29.22
C GLU E 155 2.22 -3.85 -29.83
N PRO E 156 2.14 -5.15 -30.11
CA PRO E 156 3.31 -5.87 -30.62
C PRO E 156 3.62 -5.54 -32.07
N ILE E 157 4.89 -5.71 -32.44
CA ILE E 157 5.39 -5.43 -33.78
C ILE E 157 6.03 -6.69 -34.34
N VAL E 158 6.07 -6.77 -35.67
CA VAL E 158 6.68 -7.89 -36.39
C VAL E 158 7.25 -7.36 -37.70
N THR E 159 8.40 -7.91 -38.11
CA THR E 159 9.05 -7.51 -39.36
C THR E 159 8.83 -8.54 -40.47
N GLN E 161 10.22 -9.45 -44.30
CA GLN E 161 11.48 -10.05 -44.74
C GLN E 161 12.41 -9.02 -45.35
N LEU E 162 11.84 -7.97 -45.94
CA LEU E 162 12.58 -6.85 -46.49
C LEU E 162 12.69 -5.68 -45.52
N GLY E 163 12.20 -5.83 -44.30
CA GLY E 163 12.34 -4.82 -43.27
C GLY E 163 11.11 -3.99 -42.98
N THR E 164 9.98 -4.30 -43.60
CA THR E 164 8.76 -3.57 -43.30
C THR E 164 8.22 -4.02 -41.95
N VAL E 165 8.09 -3.08 -41.02
CA VAL E 165 7.70 -3.36 -39.65
C VAL E 165 6.36 -2.69 -39.38
N ASN E 166 5.39 -3.48 -38.92
CA ASN E 166 4.03 -3.02 -38.69
C ASN E 166 3.48 -3.68 -37.44
N ASN E 167 2.54 -2.99 -36.78
CA ASN E 167 1.86 -3.54 -35.61
C ASN E 167 1.15 -4.83 -35.97
N ILE E 168 1.03 -5.72 -35.00
CA ILE E 168 0.30 -6.97 -35.20
C ILE E 168 -0.82 -7.05 -34.18
N ILE E 169 -1.91 -7.70 -34.59
CA ILE E 169 -3.02 -7.99 -33.70
C ILE E 169 -3.45 -9.43 -33.95
N GLN E 170 -4.06 -10.01 -32.92
CA GLN E 170 -4.60 -11.36 -32.95
C GLN E 170 -6.10 -11.27 -32.72
N VAL E 171 -6.89 -11.88 -33.60
CA VAL E 171 -8.33 -11.98 -33.42
C VAL E 171 -8.70 -13.45 -33.32
N LYS E 172 -9.28 -13.84 -32.19
CA LYS E 172 -9.72 -15.20 -31.92
C LYS E 172 -11.21 -15.20 -31.59
N LYS E 173 -11.84 -16.37 -31.69
CA LYS E 173 -13.26 -16.48 -31.35
C LYS E 173 -13.52 -16.06 -29.91
N THR E 174 -12.54 -16.27 -29.02
CA THR E 174 -12.71 -15.92 -27.62
C THR E 174 -12.98 -14.43 -27.42
N ASP E 175 -12.67 -13.60 -28.41
CA ASP E 175 -12.77 -12.16 -28.23
C ASP E 175 -14.20 -11.63 -28.42
N PHE E 176 -15.07 -12.34 -29.13
CA PHE E 176 -16.40 -11.82 -29.41
C PHE E 176 -17.50 -12.36 -28.50
N GLU E 177 -17.19 -13.33 -27.64
CA GLU E 177 -18.08 -13.75 -26.58
C GLU E 177 -17.53 -13.23 -25.26
N VAL E 178 -18.36 -12.50 -24.51
CA VAL E 178 -17.85 -11.72 -23.38
C VAL E 178 -17.33 -12.63 -22.27
N PHE E 179 -18.12 -13.63 -21.88
CA PHE E 179 -17.70 -14.50 -20.78
C PHE E 179 -16.41 -15.26 -21.15
N ASP E 180 -16.31 -15.72 -22.40
CA ASP E 180 -15.07 -16.34 -22.86
C ASP E 180 -13.90 -15.38 -22.73
N ALA E 181 -14.10 -14.11 -23.11
CA ALA E 181 -13.00 -13.16 -23.13
C ALA E 181 -12.50 -12.83 -21.74
N LEU E 182 -13.34 -12.95 -20.72
CA LEU E 182 -12.88 -12.71 -19.35
C LEU E 182 -12.20 -13.92 -18.74
N MET E 183 -12.47 -15.12 -19.25
CA MET E 183 -11.76 -16.29 -18.76
C MET E 183 -10.31 -16.29 -19.26
N VAL E 184 -10.12 -16.00 -20.55
CA VAL E 184 -8.77 -15.87 -21.09
C VAL E 184 -8.07 -14.64 -20.54
N ASP E 185 -8.83 -13.61 -20.17
CA ASP E 185 -8.22 -12.39 -19.63
C ASP E 185 -7.86 -12.53 -18.16
N SER E 186 -8.45 -13.49 -17.45
CA SER E 186 -8.25 -13.63 -16.01
C SER E 186 -6.83 -14.01 -15.62
N GLN E 187 -5.96 -14.32 -16.59
CA GLN E 187 -4.58 -14.69 -16.27
C GLN E 187 -3.77 -13.40 -16.20
N LYS E 188 -3.31 -13.06 -15.00
CA LYS E 188 -2.66 -11.79 -14.74
C LYS E 188 -2.12 -11.75 -13.31
N PRO E 200 -4.39 -20.13 -1.42
CA PRO E 200 -2.98 -20.23 -1.81
C PRO E 200 -2.18 -21.22 -0.97
N GLY E 201 -1.69 -22.29 -1.59
CA GLY E 201 -0.91 -23.29 -0.90
C GLY E 201 -1.76 -24.35 -0.22
N PRO E 202 -1.17 -25.51 0.04
CA PRO E 202 -1.85 -26.52 0.86
C PRO E 202 -1.84 -26.20 2.35
N TYR E 203 -2.71 -26.89 3.08
CA TYR E 203 -2.81 -26.75 4.54
C TYR E 203 -1.54 -27.24 5.22
N HIS E 204 -1.31 -26.74 6.45
CA HIS E 204 -0.10 -27.09 7.20
C HIS E 204 -0.34 -26.87 8.68
N GLN E 205 0.51 -27.53 9.49
CA GLN E 205 0.52 -27.40 10.94
C GLN E 205 1.59 -26.44 11.45
N GLU E 206 2.28 -25.71 10.57
CA GLU E 206 3.38 -24.84 10.97
C GLU E 206 2.89 -23.42 11.15
N PRO E 207 3.07 -22.81 12.34
CA PRO E 207 2.74 -21.39 12.51
C PRO E 207 3.79 -20.48 11.89
N TYR E 208 3.39 -19.22 11.67
CA TYR E 208 4.30 -18.28 11.01
C TYR E 208 4.00 -16.84 11.44
N VAL E 209 5.03 -16.00 11.40
CA VAL E 209 4.91 -14.54 11.55
C VAL E 209 5.05 -13.88 10.17
N ALA E 218 -1.07 -3.99 14.37
CA ALA E 218 -2.21 -3.97 15.28
C ALA E 218 -3.42 -4.67 14.66
N PRO E 219 -4.19 -5.41 15.47
CA PRO E 219 -5.34 -6.12 14.95
C PRO E 219 -6.43 -5.17 14.51
N PRO E 220 -7.28 -5.56 13.57
CA PRO E 220 -8.36 -4.68 13.12
C PRO E 220 -9.35 -4.42 14.22
N ILE E 221 -9.91 -3.20 14.23
CA ILE E 221 -10.90 -2.85 15.23
C ILE E 221 -12.16 -3.68 15.00
N LEU E 222 -12.74 -4.17 16.09
CA LEU E 222 -13.95 -4.99 15.97
C LEU E 222 -15.10 -4.14 15.42
N PRO E 223 -15.76 -4.58 14.35
CA PRO E 223 -16.92 -3.84 13.85
C PRO E 223 -18.07 -3.97 14.82
N PRO E 224 -18.79 -2.87 15.10
CA PRO E 224 -19.76 -2.89 16.21
C PRO E 224 -20.98 -3.78 15.95
N HIS E 225 -21.29 -4.12 14.69
CA HIS E 225 -22.46 -4.96 14.43
C HIS E 225 -22.38 -6.31 15.11
N LEU E 226 -21.15 -6.83 15.29
CA LEU E 226 -20.99 -8.12 15.93
C LEU E 226 -21.35 -8.10 17.41
N LEU E 227 -21.56 -6.92 18.00
CA LEU E 227 -21.94 -6.82 19.40
C LEU E 227 -23.44 -6.75 19.59
N GLN E 228 -24.23 -6.83 18.52
CA GLN E 228 -25.67 -6.95 18.64
C GLN E 228 -25.98 -8.44 18.63
N VAL E 229 -26.36 -8.99 19.78
CA VAL E 229 -26.52 -10.42 19.94
C VAL E 229 -28.01 -10.74 19.95
N ILE E 230 -28.43 -11.63 19.05
CA ILE E 230 -29.85 -11.82 18.84
C ILE E 230 -30.52 -12.43 20.06
N LEU E 231 -29.76 -13.13 20.90
CA LEU E 231 -30.33 -13.84 22.04
C LEU E 231 -30.45 -12.98 23.31
N ASN E 232 -29.88 -11.78 23.32
CA ASN E 232 -30.17 -10.84 24.39
C ASN E 232 -31.36 -9.93 24.10
N LYS E 233 -31.85 -9.92 22.85
CA LYS E 233 -32.98 -9.08 22.49
C LYS E 233 -34.28 -9.71 22.95
N ASP E 234 -35.14 -8.91 23.58
CA ASP E 234 -36.45 -9.36 24.00
C ASP E 234 -37.42 -9.31 22.85
N THR E 235 -38.47 -10.13 22.95
CA THR E 235 -39.51 -10.24 21.94
C THR E 235 -40.83 -9.81 22.56
N GLY E 236 -41.75 -9.33 21.74
CA GLY E 236 -43.10 -9.10 22.20
C GLY E 236 -43.71 -10.36 22.80
N ILE E 237 -44.33 -10.24 23.98
CA ILE E 237 -44.83 -11.41 24.69
C ILE E 237 -45.99 -12.09 23.99
N SER E 238 -46.54 -11.47 22.94
CA SER E 238 -47.62 -12.09 22.19
C SER E 238 -47.12 -13.03 21.10
N CYS E 239 -45.82 -13.01 20.80
CA CYS E 239 -45.17 -13.85 19.79
C CYS E 239 -44.91 -15.24 20.32
N ASP E 240 -44.82 -16.19 19.39
CA ASP E 240 -44.24 -17.48 19.70
C ASP E 240 -42.86 -17.29 20.32
N PRO E 241 -42.57 -17.95 21.45
CA PRO E 241 -41.28 -17.70 22.13
C PRO E 241 -40.06 -18.10 21.31
N ALA E 242 -40.24 -18.91 20.26
CA ALA E 242 -39.11 -19.34 19.44
C ALA E 242 -38.80 -18.36 18.33
N LEU E 243 -39.69 -17.41 18.08
CA LEU E 243 -39.45 -16.44 17.02
C LEU E 243 -38.40 -15.44 17.45
N LEU E 244 -37.55 -15.05 16.50
CA LEU E 244 -36.50 -14.06 16.64
C LEU E 244 -36.69 -13.01 15.56
N PRO E 245 -36.08 -11.84 15.72
CA PRO E 245 -36.08 -10.85 14.64
C PRO E 245 -35.20 -11.29 13.49
N GLU E 246 -35.39 -10.64 12.35
CA GLU E 246 -34.53 -10.91 11.20
C GLU E 246 -33.10 -10.46 11.52
N PRO E 247 -32.10 -11.33 11.31
CA PRO E 247 -30.73 -10.94 11.63
C PRO E 247 -30.09 -10.08 10.54
N ASN E 248 -29.11 -9.30 10.97
CA ASN E 248 -28.20 -8.65 10.03
C ASN E 248 -27.29 -9.70 9.43
N HIS E 249 -27.05 -9.61 8.13
CA HIS E 249 -26.30 -10.65 7.44
C HIS E 249 -24.85 -10.73 7.91
N VAL E 250 -24.29 -9.65 8.46
CA VAL E 250 -22.88 -9.71 8.85
C VAL E 250 -22.64 -10.55 10.09
N MET E 251 -23.66 -10.75 10.93
CA MET E 251 -23.43 -11.54 12.13
C MET E 251 -23.75 -13.02 11.92
N LEU E 252 -24.17 -13.43 10.73
CA LEU E 252 -24.34 -14.85 10.44
C LEU E 252 -23.00 -15.57 10.52
N ASN E 253 -23.04 -16.81 11.02
CA ASN E 253 -21.96 -17.79 11.15
C ASN E 253 -20.99 -17.46 12.29
N HIS E 254 -21.15 -16.32 12.98
CA HIS E 254 -20.23 -15.96 14.06
C HIS E 254 -20.66 -16.62 15.36
N LEU E 255 -19.68 -17.12 16.10
CA LEU E 255 -19.93 -17.81 17.36
C LEU E 255 -20.22 -16.86 18.49
N TYR E 256 -21.24 -17.20 19.28
CA TYR E 256 -21.56 -16.53 20.52
C TYR E 256 -21.61 -17.57 21.63
N ALA E 257 -21.38 -17.13 22.87
CA ALA E 257 -21.24 -18.07 23.97
C ALA E 257 -21.74 -17.46 25.26
N LEU E 258 -22.18 -18.34 26.16
CA LEU E 258 -22.38 -18.00 27.56
C LEU E 258 -21.11 -18.34 28.33
N SER E 259 -20.80 -17.53 29.33
CA SER E 259 -19.74 -17.88 30.26
C SER E 259 -19.99 -19.28 30.81
N ILE E 260 -18.93 -20.07 30.89
CA ILE E 260 -19.08 -21.46 31.34
C ILE E 260 -19.67 -21.46 32.74
N LYS E 261 -20.85 -22.09 32.88
CA LYS E 261 -21.30 -22.52 34.19
C LYS E 261 -20.64 -23.86 34.48
N ASP E 262 -20.35 -24.10 35.75
CA ASP E 262 -19.24 -24.97 36.15
C ASP E 262 -19.16 -26.23 35.31
N GLY E 263 -20.31 -26.82 34.98
CA GLY E 263 -20.29 -27.98 34.12
C GLY E 263 -20.38 -27.74 32.63
N VAL E 264 -21.06 -26.69 32.20
CA VAL E 264 -21.63 -26.64 30.85
C VAL E 264 -21.11 -25.46 30.07
N MET E 265 -20.76 -25.71 28.81
CA MET E 265 -20.49 -24.68 27.83
C MET E 265 -21.73 -24.55 26.95
N VAL E 266 -22.15 -23.32 26.68
CA VAL E 266 -23.33 -23.06 25.86
C VAL E 266 -22.91 -22.19 24.70
N LEU E 267 -22.98 -22.73 23.49
CA LEU E 267 -22.53 -22.04 22.29
C LEU E 267 -23.70 -21.76 21.37
N SER E 268 -23.56 -20.72 20.54
CA SER E 268 -24.64 -20.39 19.62
C SER E 268 -24.11 -19.72 18.35
N ALA E 269 -24.89 -19.85 17.30
CA ALA E 269 -24.66 -19.14 16.06
C ALA E 269 -25.96 -19.10 15.26
N THR E 270 -26.04 -18.16 14.32
CA THR E 270 -27.16 -18.01 13.40
C THR E 270 -26.73 -18.42 12.01
N HIS E 271 -27.48 -19.32 11.40
CA HIS E 271 -27.17 -19.81 10.06
C HIS E 271 -28.36 -19.67 9.14
N ARG E 272 -28.05 -19.39 7.87
CA ARG E 272 -29.07 -19.29 6.82
C ARG E 272 -29.40 -20.68 6.29
N TYR E 273 -30.69 -20.93 6.06
CA TYR E 273 -31.12 -22.05 5.23
C TYR E 273 -32.06 -21.49 4.17
N LYS E 274 -31.60 -21.51 2.92
CA LYS E 274 -32.31 -20.86 1.81
C LYS E 274 -32.63 -19.42 2.19
N LYS E 275 -33.92 -19.07 2.27
CA LYS E 275 -34.30 -17.71 2.62
C LYS E 275 -34.61 -17.52 4.11
N LYS E 276 -34.37 -18.54 4.93
CA LYS E 276 -34.72 -18.49 6.34
C LYS E 276 -33.49 -18.64 7.21
N TYR E 277 -33.64 -18.26 8.46
CA TYR E 277 -32.53 -18.16 9.39
C TYR E 277 -32.84 -18.94 10.66
N VAL E 278 -31.81 -19.62 11.17
CA VAL E 278 -31.92 -20.48 12.34
C VAL E 278 -30.78 -20.17 13.30
N THR E 279 -31.14 -19.86 14.53
CA THR E 279 -30.16 -19.59 15.57
C THR E 279 -30.18 -20.78 16.52
N THR E 280 -29.11 -21.55 16.49
CA THR E 280 -29.01 -22.78 17.24
C THR E 280 -28.22 -22.56 18.52
N LEU E 281 -28.69 -23.15 19.60
CA LEU E 281 -27.96 -23.23 20.85
C LEU E 281 -27.61 -24.68 21.13
N LEU E 282 -26.38 -24.92 21.56
CA LEU E 282 -25.93 -26.24 22.00
C LEU E 282 -25.42 -26.16 23.43
N TYR E 283 -25.99 -26.99 24.30
CA TYR E 283 -25.53 -27.14 25.68
C TYR E 283 -24.59 -28.34 25.74
N LYS E 284 -23.29 -28.06 25.94
CA LYS E 284 -22.24 -29.08 25.90
C LYS E 284 -21.53 -29.14 27.25
N PRO E 285 -21.56 -30.25 27.96
CA PRO E 285 -20.75 -30.35 29.19
C PRO E 285 -19.27 -30.43 28.85
N ILE E 286 -18.46 -30.08 29.85
CA ILE E 286 -17.02 -30.10 29.65
C ILE E 286 -16.37 -31.13 30.57
N SER F 27 -60.75 -33.93 0.82
CA SER F 27 -60.46 -33.82 -0.60
C SER F 27 -59.43 -32.71 -0.88
N VAL F 28 -59.87 -31.46 -0.75
CA VAL F 28 -59.03 -30.31 -1.12
C VAL F 28 -57.96 -30.04 -0.08
N TYR F 29 -58.26 -30.25 1.21
CA TYR F 29 -57.27 -30.04 2.26
C TYR F 29 -56.17 -31.08 2.19
N THR F 30 -56.54 -32.33 1.93
CA THR F 30 -55.54 -33.37 1.69
C THR F 30 -54.61 -32.99 0.56
N SER F 31 -55.18 -32.58 -0.58
CA SER F 31 -54.35 -32.18 -1.70
C SER F 31 -53.56 -30.91 -1.41
N PHE F 32 -54.05 -30.09 -0.49
CA PHE F 32 -53.30 -28.91 -0.07
C PHE F 32 -52.04 -29.33 0.70
N MET F 33 -52.20 -30.21 1.70
CA MET F 33 -51.06 -30.70 2.46
C MET F 33 -50.02 -31.40 1.59
N LYS F 34 -50.42 -31.90 0.41
CA LYS F 34 -49.46 -32.57 -0.44
C LYS F 34 -48.69 -31.63 -1.35
N SER F 35 -49.17 -30.39 -1.53
CA SER F 35 -48.54 -29.44 -2.43
C SER F 35 -47.55 -28.51 -1.75
N HIS F 36 -47.50 -28.49 -0.42
CA HIS F 36 -46.63 -27.56 0.31
C HIS F 36 -45.53 -28.32 1.03
N ARG F 37 -44.29 -27.84 0.89
CA ARG F 37 -43.16 -28.41 1.60
C ARG F 37 -43.14 -27.92 3.06
N CYS F 38 -42.57 -28.74 3.94
CA CYS F 38 -42.47 -28.32 5.33
C CYS F 38 -41.71 -27.01 5.47
N TYR F 39 -40.77 -26.75 4.56
CA TYR F 39 -40.01 -25.51 4.58
C TYR F 39 -40.91 -24.28 4.62
N ASP F 40 -42.05 -24.31 3.92
CA ASP F 40 -42.92 -23.14 3.88
C ASP F 40 -43.43 -22.76 5.27
N LEU F 41 -43.49 -23.71 6.20
CA LEU F 41 -43.98 -23.43 7.56
C LEU F 41 -42.91 -22.84 8.47
N ILE F 42 -41.65 -22.93 8.06
CA ILE F 42 -40.54 -22.56 8.94
C ILE F 42 -40.50 -21.05 9.10
N PRO F 43 -40.40 -20.53 10.31
CA PRO F 43 -40.29 -19.08 10.49
C PRO F 43 -39.10 -18.51 9.75
N THR F 44 -39.17 -17.21 9.47
CA THR F 44 -38.04 -16.56 8.82
C THR F 44 -36.82 -16.54 9.73
N SER F 45 -37.05 -16.34 11.02
CA SER F 45 -35.98 -16.30 12.02
C SER F 45 -36.47 -16.98 13.28
N SER F 46 -35.74 -17.98 13.77
CA SER F 46 -36.23 -18.76 14.90
C SER F 46 -35.07 -19.29 15.72
N LYS F 47 -35.40 -19.71 16.93
CA LYS F 47 -34.47 -20.18 17.94
C LYS F 47 -34.62 -21.68 18.10
N LEU F 48 -33.50 -22.38 18.27
CA LEU F 48 -33.50 -23.82 18.43
C LEU F 48 -32.46 -24.20 19.47
N VAL F 49 -32.86 -24.91 20.53
CA VAL F 49 -31.92 -25.34 21.57
C VAL F 49 -31.66 -26.83 21.39
N VAL F 50 -30.39 -27.22 21.40
CA VAL F 50 -29.97 -28.60 21.27
C VAL F 50 -29.19 -28.97 22.52
N PHE F 51 -29.46 -30.16 23.05
CA PHE F 51 -28.71 -30.68 24.19
C PHE F 51 -27.79 -31.80 23.73
N ASP F 52 -26.53 -31.74 24.14
CA ASP F 52 -25.70 -32.94 24.15
C ASP F 52 -26.33 -33.90 25.16
N THR F 53 -26.51 -35.16 24.74
CA THR F 53 -27.13 -36.15 25.62
C THR F 53 -26.32 -36.49 26.87
N SER F 54 -25.09 -36.00 27.01
CA SER F 54 -24.34 -36.23 28.24
C SER F 54 -24.59 -35.16 29.31
N LEU F 55 -25.51 -34.23 29.06
CA LEU F 55 -25.89 -33.19 30.02
C LEU F 55 -26.81 -33.76 31.11
N GLN F 56 -26.76 -33.16 32.31
CA GLN F 56 -27.68 -33.55 33.37
C GLN F 56 -29.13 -33.23 32.98
N VAL F 57 -30.07 -34.06 33.45
CA VAL F 57 -31.46 -33.82 33.06
C VAL F 57 -32.01 -32.58 33.76
N LYS F 58 -31.58 -32.31 34.99
CA LYS F 58 -32.09 -31.12 35.67
C LYS F 58 -31.66 -29.86 34.96
N LYS F 59 -30.40 -29.80 34.52
CA LYS F 59 -29.91 -28.63 33.79
C LYS F 59 -30.66 -28.46 32.48
N ALA F 60 -30.99 -29.56 31.81
CA ALA F 60 -31.70 -29.45 30.54
C ALA F 60 -33.11 -28.89 30.74
N PHE F 61 -33.83 -29.38 31.74
CA PHE F 61 -35.16 -28.84 32.03
C PHE F 61 -35.08 -27.37 32.40
N PHE F 62 -34.01 -26.97 33.10
CA PHE F 62 -33.84 -25.56 33.41
C PHE F 62 -33.48 -24.75 32.19
N ALA F 63 -32.75 -25.35 31.25
CA ALA F 63 -32.41 -24.65 30.03
C ALA F 63 -33.64 -24.50 29.14
N LEU F 64 -34.55 -25.48 29.17
CA LEU F 64 -35.85 -25.26 28.53
C LEU F 64 -36.51 -24.01 29.09
N VAL F 65 -36.63 -23.92 30.43
CA VAL F 65 -37.28 -22.75 31.02
C VAL F 65 -36.53 -21.48 30.67
N THR F 66 -35.21 -21.49 30.83
CA THR F 66 -34.40 -20.31 30.59
C THR F 66 -34.65 -19.75 29.19
N ASN F 67 -34.64 -20.61 28.19
CA ASN F 67 -34.70 -20.19 26.79
C ASN F 67 -36.13 -20.05 26.26
N GLY F 68 -37.14 -20.30 27.08
CA GLY F 68 -38.51 -20.07 26.65
C GLY F 68 -39.11 -21.11 25.72
N VAL F 69 -38.48 -22.28 25.54
CA VAL F 69 -38.99 -23.31 24.66
C VAL F 69 -39.21 -24.60 25.43
N ARG F 70 -40.18 -25.40 24.95
CA ARG F 70 -40.64 -26.59 25.64
C ARG F 70 -40.08 -27.90 25.09
N ALA F 71 -39.28 -27.87 24.03
CA ALA F 71 -38.73 -29.10 23.49
C ALA F 71 -37.41 -28.81 22.79
N ALA F 72 -36.51 -29.78 22.83
CA ALA F 72 -35.18 -29.64 22.28
C ALA F 72 -34.70 -30.94 21.65
N PRO F 73 -34.03 -30.86 20.50
CA PRO F 73 -33.40 -32.04 19.91
C PRO F 73 -32.21 -32.50 20.74
N LEU F 74 -31.94 -33.79 20.64
CA LEU F 74 -30.90 -34.45 21.42
C LEU F 74 -29.76 -34.85 20.51
N TRP F 75 -28.57 -34.42 20.85
CA TRP F 75 -27.37 -34.64 20.05
C TRP F 75 -26.44 -35.59 20.79
N ASP F 76 -26.11 -36.73 20.16
CA ASP F 76 -25.16 -37.71 20.70
C ASP F 76 -23.82 -37.46 20.02
N SER F 77 -22.86 -36.94 20.78
CA SER F 77 -21.59 -36.55 20.18
C SER F 77 -20.71 -37.75 19.87
N LYS F 78 -20.90 -38.87 20.57
CA LYS F 78 -20.06 -40.04 20.28
C LYS F 78 -20.42 -40.65 18.93
N LYS F 79 -21.71 -40.80 18.63
CA LYS F 79 -22.10 -41.31 17.32
C LYS F 79 -22.47 -40.21 16.33
N GLN F 80 -22.39 -38.94 16.74
CA GLN F 80 -22.47 -37.81 15.81
C GLN F 80 -23.82 -37.78 15.09
N SER F 81 -24.89 -37.81 15.87
CA SER F 81 -26.21 -37.91 15.29
C SER F 81 -27.24 -37.37 16.28
N PHE F 82 -28.38 -36.96 15.75
CA PHE F 82 -29.52 -36.59 16.57
C PHE F 82 -30.30 -37.84 16.92
N VAL F 83 -30.46 -38.12 18.22
CA VAL F 83 -31.10 -39.35 18.65
C VAL F 83 -32.52 -39.17 19.18
N GLY F 84 -33.01 -37.94 19.33
CA GLY F 84 -34.38 -37.80 19.79
C GLY F 84 -34.67 -36.40 20.30
N MET F 85 -35.75 -36.29 21.06
CA MET F 85 -36.25 -35.03 21.60
C MET F 85 -36.37 -35.10 23.11
N LEU F 86 -36.13 -33.97 23.75
CA LEU F 86 -36.45 -33.82 25.17
C LEU F 86 -37.61 -32.84 25.30
N THR F 87 -38.72 -33.33 25.84
CA THR F 87 -39.95 -32.54 25.98
C THR F 87 -40.37 -32.49 27.45
N ILE F 88 -41.47 -31.78 27.71
CA ILE F 88 -42.01 -31.72 29.06
C ILE F 88 -42.52 -33.09 29.51
N THR F 89 -42.88 -33.95 28.56
CA THR F 89 -43.29 -35.31 28.92
C THR F 89 -42.17 -36.06 29.63
N ASP F 90 -40.91 -35.85 29.22
CA ASP F 90 -39.80 -36.45 29.94
C ASP F 90 -39.77 -35.98 31.39
N PHE F 91 -39.93 -34.68 31.60
CA PHE F 91 -40.03 -34.14 32.96
C PHE F 91 -41.16 -34.80 33.72
N ILE F 92 -42.32 -34.98 33.07
CA ILE F 92 -43.46 -35.58 33.76
C ILE F 92 -43.18 -37.03 34.12
N ASN F 93 -42.50 -37.75 33.24
CA ASN F 93 -42.18 -39.15 33.51
C ASN F 93 -41.13 -39.28 34.61
N ILE F 94 -40.10 -38.45 34.57
CA ILE F 94 -39.07 -38.50 35.58
C ILE F 94 -39.67 -38.24 36.95
N LEU F 95 -40.54 -37.23 37.04
CA LEU F 95 -41.11 -36.87 38.31
C LEU F 95 -42.02 -37.96 38.84
N HIS F 96 -42.94 -38.44 37.99
CA HIS F 96 -43.85 -39.47 38.46
C HIS F 96 -43.11 -40.72 38.91
N ARG F 97 -41.99 -41.02 38.26
CA ARG F 97 -41.29 -42.27 38.54
C ARG F 97 -40.49 -42.21 39.85
N TYR F 98 -39.70 -41.15 40.03
CA TYR F 98 -38.76 -41.09 41.15
C TYR F 98 -39.25 -40.32 42.36
N TYR F 99 -40.35 -39.59 42.26
CA TYR F 99 -40.83 -38.82 43.42
C TYR F 99 -41.28 -39.76 44.51
N LYS F 100 -40.78 -39.53 45.72
CA LYS F 100 -41.12 -40.36 46.87
C LYS F 100 -41.92 -39.56 47.90
N SER F 101 -41.38 -38.48 48.43
CA SER F 101 -42.18 -37.60 49.27
C SER F 101 -41.53 -36.22 49.28
N ALA F 102 -42.27 -35.25 49.81
CA ALA F 102 -41.71 -33.93 50.04
C ALA F 102 -40.54 -33.96 51.02
N LEU F 103 -40.43 -35.00 51.85
CA LEU F 103 -39.39 -35.06 52.87
C LEU F 103 -38.01 -35.45 52.33
N VAL F 104 -37.91 -35.98 51.11
CA VAL F 104 -36.61 -36.43 50.61
C VAL F 104 -36.42 -35.93 49.18
N GLN F 105 -35.16 -35.76 48.81
CA GLN F 105 -34.83 -35.31 47.46
C GLN F 105 -35.22 -36.37 46.43
N ILE F 106 -35.33 -35.91 45.19
CA ILE F 106 -35.45 -36.82 44.05
C ILE F 106 -34.05 -36.92 43.46
N TYR F 107 -33.34 -38.01 43.78
CA TYR F 107 -31.91 -38.08 43.48
C TYR F 107 -31.66 -38.29 42.00
N GLU F 108 -32.47 -39.13 41.36
CA GLU F 108 -32.27 -39.44 39.95
C GLU F 108 -32.40 -38.19 39.08
N LEU F 109 -33.30 -37.28 39.43
CA LEU F 109 -33.39 -36.02 38.72
C LEU F 109 -32.11 -35.19 38.89
N GLU F 110 -31.46 -35.27 40.04
CA GLU F 110 -30.18 -34.58 40.24
C GLU F 110 -28.99 -35.36 39.70
N GLU F 111 -29.12 -36.67 39.53
CA GLU F 111 -28.01 -37.54 39.13
C GLU F 111 -28.01 -37.81 37.62
N HIS F 112 -29.12 -38.31 37.08
CA HIS F 112 -29.22 -38.75 35.70
C HIS F 112 -28.71 -37.72 34.69
N LYS F 113 -27.87 -38.19 33.77
CA LYS F 113 -27.69 -37.55 32.49
C LYS F 113 -28.86 -37.89 31.58
N ILE F 114 -29.08 -37.05 30.56
CA ILE F 114 -30.04 -37.39 29.51
C ILE F 114 -29.76 -38.78 28.98
N GLU F 115 -28.48 -39.10 28.76
CA GLU F 115 -28.08 -40.46 28.38
C GLU F 115 -28.68 -41.51 29.31
N THR F 116 -28.50 -41.35 30.62
CA THR F 116 -28.91 -42.44 31.50
C THR F 116 -30.43 -42.47 31.66
N TRP F 117 -31.08 -41.31 31.74
CA TRP F 117 -32.54 -41.32 31.82
C TRP F 117 -33.14 -42.04 30.63
N ARG F 118 -32.63 -41.77 29.42
CA ARG F 118 -33.11 -42.44 28.22
C ARG F 118 -33.01 -43.96 28.35
N GLU F 119 -31.88 -44.48 28.86
CA GLU F 119 -31.72 -45.92 28.94
C GLU F 119 -32.74 -46.55 29.87
N VAL F 120 -33.18 -45.81 30.88
CA VAL F 120 -34.18 -46.32 31.81
C VAL F 120 -35.57 -46.26 31.19
N TYR F 121 -35.91 -45.12 30.60
CA TYR F 121 -37.26 -44.93 30.08
C TYR F 121 -37.51 -45.80 28.85
N LEU F 122 -36.52 -45.85 27.96
CA LEU F 122 -36.62 -46.57 26.69
C LEU F 122 -36.19 -48.03 26.81
N GLN F 123 -36.03 -48.54 28.03
CA GLN F 123 -35.58 -49.91 28.27
C GLN F 123 -36.25 -50.91 27.32
N ASP F 124 -37.57 -51.01 27.37
CA ASP F 124 -38.28 -51.89 26.44
C ASP F 124 -38.54 -51.25 25.06
N SER F 125 -38.18 -49.98 24.87
CA SER F 125 -38.58 -49.24 23.66
C SER F 125 -37.52 -49.28 22.56
N PHE F 126 -36.39 -48.60 22.77
CA PHE F 126 -35.37 -48.36 21.73
C PHE F 126 -35.93 -47.54 20.57
N LYS F 127 -36.66 -46.47 20.90
CA LYS F 127 -37.34 -45.66 19.89
C LYS F 127 -36.34 -44.84 19.10
N PRO F 128 -36.31 -44.96 17.76
CA PRO F 128 -35.44 -44.09 16.95
C PRO F 128 -36.05 -42.70 16.80
N LEU F 129 -35.34 -41.86 16.08
CA LEU F 129 -35.71 -40.46 15.93
C LEU F 129 -36.66 -40.30 14.75
N VAL F 130 -37.85 -39.77 15.02
CA VAL F 130 -38.83 -39.43 13.99
C VAL F 130 -38.57 -38.01 13.54
N CYS F 131 -38.22 -37.84 12.27
CA CYS F 131 -37.96 -36.50 11.75
C CYS F 131 -38.49 -36.39 10.33
N ILE F 132 -38.29 -35.22 9.75
CA ILE F 132 -38.82 -34.95 8.43
C ILE F 132 -37.90 -33.95 7.73
N SER F 133 -37.70 -34.14 6.44
CA SER F 133 -36.93 -33.22 5.64
C SER F 133 -37.75 -31.96 5.37
N PRO F 134 -37.09 -30.81 5.19
CA PRO F 134 -37.82 -29.59 4.80
C PRO F 134 -38.48 -29.70 3.43
N ASN F 135 -38.02 -30.59 2.56
CA ASN F 135 -38.62 -30.74 1.25
C ASN F 135 -39.79 -31.70 1.24
N ALA F 136 -40.08 -32.36 2.36
CA ALA F 136 -41.23 -33.24 2.43
C ALA F 136 -42.52 -32.45 2.53
N SER F 137 -43.62 -33.09 2.12
CA SER F 137 -44.92 -32.44 2.11
C SER F 137 -45.49 -32.31 3.53
N LEU F 138 -46.41 -31.36 3.68
CA LEU F 138 -47.17 -31.26 4.93
C LEU F 138 -48.02 -32.49 5.17
N PHE F 139 -48.40 -33.21 4.10
CA PHE F 139 -49.10 -34.46 4.27
C PHE F 139 -48.24 -35.46 5.03
N ASP F 140 -46.98 -35.59 4.61
CA ASP F 140 -46.05 -36.44 5.33
C ASP F 140 -45.87 -36.00 6.77
N ALA F 141 -45.92 -34.69 7.03
CA ALA F 141 -45.76 -34.19 8.39
C ALA F 141 -46.97 -34.54 9.25
N VAL F 142 -48.17 -34.25 8.76
CA VAL F 142 -49.36 -34.61 9.52
C VAL F 142 -49.43 -36.12 9.66
N SER F 143 -48.99 -36.85 8.64
CA SER F 143 -49.06 -38.30 8.71
C SER F 143 -48.17 -38.84 9.82
N SER F 144 -46.95 -38.32 9.97
CA SER F 144 -46.06 -38.89 10.97
C SER F 144 -46.43 -38.42 12.37
N LEU F 145 -46.98 -37.21 12.50
CA LEU F 145 -47.46 -36.75 13.80
C LEU F 145 -48.56 -37.67 14.34
N ILE F 146 -49.53 -38.00 13.51
CA ILE F 146 -50.69 -38.79 13.93
C ILE F 146 -50.31 -40.26 14.06
N ARG F 147 -49.61 -40.81 13.06
CA ARG F 147 -49.26 -42.23 13.10
C ARG F 147 -48.36 -42.54 14.31
N ASN F 148 -47.39 -41.67 14.60
CA ASN F 148 -46.47 -41.90 15.69
C ASN F 148 -46.95 -41.33 17.02
N LYS F 149 -48.13 -40.70 17.06
CA LYS F 149 -48.70 -40.11 18.27
C LYS F 149 -47.66 -39.25 19.02
N ILE F 150 -47.18 -38.22 18.32
CA ILE F 150 -46.20 -37.27 18.82
C ILE F 150 -46.70 -35.86 18.52
N HIS F 151 -46.29 -34.91 19.33
CA HIS F 151 -46.66 -33.52 19.13
C HIS F 151 -45.55 -32.66 18.53
N ARG F 152 -44.34 -33.18 18.40
CA ARG F 152 -43.17 -32.40 18.03
C ARG F 152 -42.39 -33.18 16.98
N LEU F 153 -42.24 -32.62 15.80
CA LEU F 153 -41.52 -33.28 14.71
C LEU F 153 -40.36 -32.40 14.30
N PRO F 154 -39.10 -32.79 14.54
CA PRO F 154 -37.99 -31.94 14.08
C PRO F 154 -37.83 -32.02 12.57
N VAL F 155 -37.56 -30.86 11.97
CA VAL F 155 -37.28 -30.75 10.55
C VAL F 155 -35.77 -30.73 10.39
N ILE F 156 -35.23 -31.73 9.70
CA ILE F 156 -33.78 -31.89 9.56
C ILE F 156 -33.41 -31.88 8.09
N ASP F 157 -32.59 -30.91 7.69
CA ASP F 157 -32.10 -30.82 6.32
C ASP F 157 -31.23 -32.03 6.02
N PRO F 158 -31.58 -32.85 5.03
CA PRO F 158 -30.75 -34.01 4.71
C PRO F 158 -29.39 -33.65 4.09
N GLU F 159 -29.22 -32.43 3.58
CA GLU F 159 -27.92 -32.06 3.02
C GLU F 159 -26.90 -31.71 4.10
N SER F 160 -27.24 -30.81 5.02
CA SER F 160 -26.29 -30.38 6.04
C SER F 160 -26.40 -31.16 7.33
N GLY F 161 -27.43 -31.99 7.46
CA GLY F 161 -27.73 -32.65 8.71
C GLY F 161 -28.16 -31.74 9.84
N ASN F 162 -28.36 -30.46 9.58
CA ASN F 162 -28.73 -29.54 10.64
C ASN F 162 -30.21 -29.68 10.95
N THR F 163 -30.54 -29.64 12.23
CA THR F 163 -31.94 -29.48 12.61
C THR F 163 -32.33 -28.02 12.42
N LEU F 164 -33.51 -27.82 11.88
CA LEU F 164 -33.97 -26.49 11.46
C LEU F 164 -35.05 -25.94 12.37
N TYR F 165 -36.10 -26.71 12.61
CA TYR F 165 -37.30 -26.25 13.28
C TYR F 165 -37.98 -27.46 13.91
N ILE F 166 -38.76 -27.21 14.95
CA ILE F 166 -39.64 -28.22 15.54
C ILE F 166 -41.06 -27.91 15.09
N LEU F 167 -41.70 -28.88 14.44
CA LEU F 167 -43.01 -28.74 13.84
C LEU F 167 -44.09 -29.25 14.78
N THR F 168 -45.22 -28.55 14.83
CA THR F 168 -46.31 -28.92 15.73
C THR F 168 -47.65 -28.87 15.00
N HIS F 169 -48.65 -29.50 15.62
CA HIS F 169 -50.03 -29.32 15.17
C HIS F 169 -50.41 -27.84 15.11
N LYS F 170 -50.06 -27.06 16.15
CA LYS F 170 -50.48 -25.67 16.16
C LYS F 170 -50.00 -24.95 14.91
N ARG F 171 -48.76 -25.23 14.49
CA ARG F 171 -48.19 -24.51 13.37
C ARG F 171 -48.86 -24.90 12.06
N ILE F 172 -49.14 -26.19 11.88
CA ILE F 172 -49.75 -26.68 10.66
C ILE F 172 -51.17 -26.13 10.49
N LEU F 173 -51.97 -26.16 11.57
CA LEU F 173 -53.33 -25.68 11.44
C LEU F 173 -53.39 -24.17 11.20
N LYS F 174 -52.54 -23.41 11.88
CA LYS F 174 -52.52 -21.97 11.65
C LYS F 174 -52.10 -21.67 10.22
N PHE F 175 -51.12 -22.42 9.70
CA PHE F 175 -50.73 -22.29 8.30
C PHE F 175 -51.90 -22.54 7.37
N LEU F 176 -52.63 -23.64 7.60
CA LEU F 176 -53.76 -23.98 6.76
C LEU F 176 -54.84 -22.91 6.85
N LYS F 177 -55.05 -22.34 8.03
CA LYS F 177 -56.04 -21.28 8.20
C LYS F 177 -55.75 -20.11 7.27
N LEU F 178 -54.46 -19.82 7.01
CA LEU F 178 -54.11 -18.69 6.15
C LEU F 178 -54.60 -18.90 4.73
N PHE F 179 -54.72 -20.15 4.29
CA PHE F 179 -55.04 -20.50 2.91
C PHE F 179 -56.49 -20.94 2.66
N ILE F 180 -57.34 -20.95 3.68
CA ILE F 180 -58.66 -21.55 3.49
C ILE F 180 -59.49 -20.76 2.47
N THR F 181 -59.23 -19.46 2.29
CA THR F 181 -59.98 -18.70 1.29
C THR F 181 -59.40 -18.84 -0.13
N GLU F 182 -58.30 -19.57 -0.29
CA GLU F 182 -57.69 -19.78 -1.59
C GLU F 182 -58.20 -21.01 -2.30
N PHE F 183 -58.97 -21.84 -1.61
CA PHE F 183 -59.55 -23.08 -2.10
C PHE F 183 -61.01 -23.12 -1.68
N PRO F 184 -61.87 -23.75 -2.48
CA PRO F 184 -63.27 -23.86 -2.07
C PRO F 184 -63.39 -24.62 -0.77
N LYS F 185 -64.17 -24.09 0.16
CA LYS F 185 -64.39 -24.80 1.42
C LYS F 185 -65.29 -26.01 1.20
N PRO F 186 -64.94 -27.17 1.75
CA PRO F 186 -65.78 -28.37 1.57
C PRO F 186 -67.08 -28.27 2.35
N GLU F 187 -67.96 -29.26 2.20
CA GLU F 187 -69.28 -29.16 2.82
C GLU F 187 -69.24 -29.55 4.30
N PHE F 188 -68.40 -30.53 4.67
CA PHE F 188 -68.28 -30.91 6.07
C PHE F 188 -67.84 -29.76 6.97
N MET F 189 -67.21 -28.72 6.39
CA MET F 189 -66.78 -27.58 7.19
C MET F 189 -67.95 -26.82 7.81
N SER F 190 -69.10 -26.85 7.14
CA SER F 190 -70.30 -26.16 7.63
C SER F 190 -71.16 -27.01 8.55
N LYS F 191 -70.91 -28.32 8.63
CA LYS F 191 -71.69 -29.23 9.43
C LYS F 191 -71.29 -29.16 10.91
N SER F 192 -72.23 -29.53 11.78
CA SER F 192 -72.04 -29.42 13.21
C SER F 192 -71.01 -30.42 13.72
N LEU F 193 -70.45 -30.11 14.90
CA LEU F 193 -69.50 -31.01 15.52
C LEU F 193 -70.15 -32.32 15.96
N GLU F 194 -71.46 -32.29 16.23
CA GLU F 194 -72.14 -33.53 16.61
C GLU F 194 -72.31 -34.46 15.42
N GLU F 195 -72.62 -33.90 14.24
CA GLU F 195 -72.83 -34.73 13.06
C GLU F 195 -71.59 -35.56 12.72
N LEU F 196 -70.42 -34.96 12.78
CA LEU F 196 -69.18 -35.67 12.55
C LEU F 196 -68.64 -36.14 13.88
N GLN F 197 -68.12 -37.37 13.93
CA GLN F 197 -67.59 -37.82 15.22
C GLN F 197 -66.13 -37.38 15.23
N ILE F 198 -65.87 -36.27 15.93
CA ILE F 198 -64.58 -35.60 15.90
C ILE F 198 -64.24 -35.25 17.35
N GLY F 199 -63.19 -35.86 17.87
CA GLY F 199 -62.86 -35.74 19.28
C GLY F 199 -63.36 -36.92 20.09
N THR F 200 -63.04 -36.89 21.38
CA THR F 200 -63.30 -38.00 22.28
C THR F 200 -64.42 -37.63 23.24
N TYR F 201 -65.50 -38.41 23.21
CA TYR F 201 -66.66 -38.18 24.08
C TYR F 201 -66.83 -39.19 25.22
N ALA F 202 -65.93 -40.16 25.37
CA ALA F 202 -66.01 -41.14 26.46
C ALA F 202 -64.64 -41.38 27.07
N ASN F 203 -64.63 -41.75 28.36
CA ASN F 203 -63.41 -42.01 29.12
C ASN F 203 -62.50 -40.79 29.14
N ILE F 204 -63.07 -39.66 29.54
CA ILE F 204 -62.34 -38.39 29.55
C ILE F 204 -61.53 -38.28 30.84
N ALA F 205 -60.21 -38.13 30.71
CA ALA F 205 -59.33 -37.99 31.86
C ALA F 205 -59.48 -36.59 32.45
N MET F 206 -59.81 -36.53 33.75
CA MET F 206 -60.01 -35.27 34.43
C MET F 206 -59.39 -35.33 35.81
N VAL F 207 -59.24 -34.16 36.43
CA VAL F 207 -58.83 -34.05 37.82
C VAL F 207 -59.79 -33.10 38.51
N ARG F 208 -59.94 -33.28 39.81
CA ARG F 208 -60.78 -32.36 40.56
C ARG F 208 -59.93 -31.18 41.03
N THR F 209 -60.62 -30.21 41.64
CA THR F 209 -59.95 -29.05 42.22
C THR F 209 -58.80 -29.47 43.12
N THR F 210 -59.02 -30.46 43.97
CA THR F 210 -58.08 -30.83 45.02
C THR F 210 -57.16 -31.98 44.64
N THR F 211 -57.20 -32.46 43.40
CA THR F 211 -56.33 -33.55 42.99
C THR F 211 -54.86 -33.13 43.07
N PRO F 212 -54.04 -33.85 43.83
CA PRO F 212 -52.62 -33.47 43.92
C PRO F 212 -51.87 -33.72 42.61
N VAL F 213 -50.83 -32.91 42.41
CA VAL F 213 -50.09 -32.90 41.15
C VAL F 213 -49.59 -34.29 40.78
N TYR F 214 -48.97 -34.98 41.75
CA TYR F 214 -48.43 -36.31 41.49
C TYR F 214 -49.48 -37.21 40.87
N VAL F 215 -50.72 -37.12 41.36
CA VAL F 215 -51.82 -37.90 40.80
C VAL F 215 -52.08 -37.48 39.36
N ALA F 216 -52.08 -36.18 39.08
CA ALA F 216 -52.28 -35.71 37.71
C ALA F 216 -51.18 -36.20 36.80
N LEU F 217 -49.93 -36.18 37.27
CA LEU F 217 -48.83 -36.70 36.47
C LEU F 217 -49.04 -38.18 36.13
N GLY F 218 -49.55 -38.95 37.09
CA GLY F 218 -49.84 -40.35 36.81
C GLY F 218 -50.91 -40.53 35.75
N ILE F 219 -51.89 -39.64 35.72
CA ILE F 219 -52.90 -39.72 34.66
C ILE F 219 -52.29 -39.37 33.32
N PHE F 220 -51.36 -38.40 33.29
CA PHE F 220 -50.59 -38.11 32.07
C PHE F 220 -49.80 -39.33 31.60
N VAL F 221 -49.10 -40.02 32.52
CA VAL F 221 -48.30 -41.18 32.14
C VAL F 221 -49.20 -42.34 31.71
N GLN F 222 -50.30 -42.57 32.44
CA GLN F 222 -51.18 -43.70 32.14
C GLN F 222 -51.99 -43.47 30.87
N HIS F 223 -52.71 -42.35 30.77
CA HIS F 223 -53.60 -42.10 29.64
C HIS F 223 -52.94 -41.41 28.46
N ARG F 224 -51.76 -40.83 28.64
CA ARG F 224 -50.99 -40.22 27.56
C ARG F 224 -51.83 -39.21 26.77
N VAL F 225 -52.43 -38.27 27.49
CA VAL F 225 -53.16 -37.18 26.88
C VAL F 225 -52.47 -35.89 27.29
N SER F 226 -52.68 -34.85 26.49
CA SER F 226 -51.90 -33.62 26.62
C SER F 226 -52.42 -32.64 27.67
N ALA F 227 -53.68 -32.78 28.11
CA ALA F 227 -54.23 -31.83 29.07
C ALA F 227 -55.35 -32.46 29.87
N LEU F 228 -55.46 -32.05 31.13
CA LEU F 228 -56.48 -32.56 32.04
C LEU F 228 -57.44 -31.45 32.45
N PRO F 229 -58.72 -31.51 32.06
CA PRO F 229 -59.69 -30.55 32.59
C PRO F 229 -59.78 -30.63 34.10
N VAL F 230 -59.96 -29.48 34.75
CA VAL F 230 -60.07 -29.37 36.20
C VAL F 230 -61.52 -29.05 36.54
N VAL F 231 -62.18 -29.94 37.27
CA VAL F 231 -63.61 -29.82 37.56
C VAL F 231 -63.82 -29.52 39.04
N ASP F 232 -64.93 -28.83 39.32
CA ASP F 232 -65.33 -28.49 40.67
C ASP F 232 -66.08 -29.67 41.30
N GLU F 233 -66.45 -29.50 42.58
CA GLU F 233 -67.22 -30.53 43.26
C GLU F 233 -68.57 -30.77 42.59
N LYS F 234 -69.10 -29.80 41.85
CA LYS F 234 -70.39 -29.94 41.17
C LYS F 234 -70.25 -30.45 39.74
N GLY F 235 -69.04 -30.58 39.21
CA GLY F 235 -68.81 -31.20 37.91
C GLY F 235 -68.46 -30.26 36.79
N ARG F 236 -68.41 -28.95 37.02
CA ARG F 236 -68.10 -27.97 36.00
C ARG F 236 -66.60 -27.64 36.00
N VAL F 237 -66.07 -27.35 34.82
CA VAL F 237 -64.64 -27.10 34.69
C VAL F 237 -64.31 -25.67 35.11
N VAL F 238 -63.47 -25.54 36.14
CA VAL F 238 -62.95 -24.23 36.53
C VAL F 238 -61.60 -23.91 35.91
N ASP F 239 -60.89 -24.91 35.39
CA ASP F 239 -59.53 -24.69 34.92
C ASP F 239 -59.11 -25.89 34.09
N ILE F 240 -57.90 -25.80 33.54
CA ILE F 240 -57.36 -26.83 32.65
C ILE F 240 -55.88 -26.98 33.00
N TYR F 241 -55.42 -28.22 33.15
CA TYR F 241 -54.03 -28.49 33.49
C TYR F 241 -53.38 -29.16 32.29
N SER F 242 -52.63 -28.39 31.51
CA SER F 242 -51.91 -28.91 30.36
C SER F 242 -50.55 -29.44 30.78
N LYS F 243 -50.03 -30.39 29.99
CA LYS F 243 -48.66 -30.85 30.18
C LYS F 243 -47.71 -29.68 30.31
N PHE F 244 -47.94 -28.66 29.50
CA PHE F 244 -47.10 -27.46 29.51
C PHE F 244 -47.01 -26.83 30.89
N ASP F 245 -48.12 -26.81 31.62
CA ASP F 245 -48.11 -26.14 32.91
C ASP F 245 -47.22 -26.84 33.93
N VAL F 246 -46.92 -28.13 33.70
CA VAL F 246 -46.03 -28.85 34.62
C VAL F 246 -44.65 -28.23 34.67
N ILE F 247 -44.20 -27.59 33.58
CA ILE F 247 -42.86 -26.99 33.56
C ILE F 247 -42.74 -25.81 34.49
N ASN F 248 -43.87 -25.28 34.98
CA ASN F 248 -43.82 -24.25 36.00
C ASN F 248 -43.21 -24.79 37.28
N LEU F 249 -43.35 -26.09 37.54
CA LEU F 249 -42.63 -26.73 38.64
C LEU F 249 -41.13 -26.53 38.49
N ALA F 250 -40.61 -26.65 37.27
CA ALA F 250 -39.20 -26.39 37.07
C ALA F 250 -38.88 -24.90 37.18
N ALA F 251 -39.79 -24.04 36.70
CA ALA F 251 -39.53 -22.60 36.72
C ALA F 251 -39.48 -22.08 38.16
N GLU F 252 -40.47 -22.43 38.96
CA GLU F 252 -40.50 -21.99 40.35
C GLU F 252 -39.68 -22.87 41.27
N LYS F 253 -39.13 -23.98 40.76
CA LYS F 253 -38.38 -24.95 41.58
C LYS F 253 -39.22 -25.51 42.72
N THR F 254 -40.51 -25.72 42.45
CA THR F 254 -41.44 -26.34 43.38
C THR F 254 -41.61 -27.84 43.14
N TYR F 255 -40.79 -28.43 42.26
CA TYR F 255 -40.96 -29.83 41.86
C TYR F 255 -40.70 -30.82 43.00
N ASN F 256 -40.19 -30.38 44.14
CA ASN F 256 -39.89 -31.33 45.21
C ASN F 256 -41.03 -31.46 46.21
N ASN F 257 -42.13 -30.73 46.03
CA ASN F 257 -43.39 -31.01 46.70
C ASN F 257 -44.45 -31.22 45.63
N LEU F 258 -44.81 -32.48 45.39
CA LEU F 258 -45.84 -32.84 44.43
C LEU F 258 -47.18 -33.12 45.10
N ASP F 259 -47.28 -32.91 46.41
CA ASP F 259 -48.53 -33.13 47.12
C ASP F 259 -49.50 -31.95 47.03
N VAL F 260 -49.05 -30.79 46.56
CA VAL F 260 -49.96 -29.65 46.45
C VAL F 260 -51.06 -29.96 45.43
N SER F 261 -52.18 -29.26 45.58
CA SER F 261 -53.30 -29.43 44.68
C SER F 261 -52.97 -28.93 43.27
N VAL F 262 -53.65 -29.51 42.29
CA VAL F 262 -53.59 -28.97 40.93
C VAL F 262 -53.96 -27.49 40.94
N THR F 263 -54.99 -27.13 41.72
CA THR F 263 -55.40 -25.73 41.81
C THR F 263 -54.26 -24.87 42.35
N LYS F 264 -53.50 -25.40 43.31
CA LYS F 264 -52.36 -24.65 43.82
C LYS F 264 -51.26 -24.51 42.79
N ALA F 265 -50.98 -25.59 42.04
CA ALA F 265 -49.97 -25.53 40.99
C ALA F 265 -50.32 -24.57 39.87
N LEU F 266 -51.60 -24.25 39.70
CA LEU F 266 -52.04 -23.30 38.68
C LEU F 266 -52.22 -21.89 39.22
N GLN F 267 -51.88 -21.64 40.49
CA GLN F 267 -52.13 -20.33 41.06
C GLN F 267 -51.29 -19.25 40.39
N HIS F 268 -50.09 -19.58 39.92
CA HIS F 268 -49.20 -18.57 39.33
C HIS F 268 -49.86 -17.86 38.16
N ARG F 269 -50.83 -18.51 37.53
CA ARG F 269 -51.52 -18.03 36.35
C ARG F 269 -52.77 -17.19 36.66
N SER F 270 -53.02 -16.90 37.93
CA SER F 270 -54.33 -16.40 38.37
C SER F 270 -54.72 -15.08 37.70
N HIS F 271 -53.75 -14.18 37.50
CA HIS F 271 -54.14 -12.82 37.11
C HIS F 271 -54.51 -12.71 35.62
N TYR F 272 -53.75 -13.36 34.73
CA TYR F 272 -53.99 -13.23 33.29
C TYR F 272 -54.87 -14.34 32.71
N PHE F 273 -55.33 -15.29 33.53
CA PHE F 273 -56.11 -16.40 33.00
C PHE F 273 -57.56 -15.96 32.80
N GLU F 274 -58.01 -16.01 31.55
CA GLU F 274 -59.33 -15.54 31.15
C GLU F 274 -60.37 -16.64 31.14
N GLY F 275 -60.01 -17.84 31.60
CA GLY F 275 -60.94 -18.95 31.67
C GLY F 275 -60.66 -19.99 30.61
N VAL F 276 -61.39 -21.10 30.75
CA VAL F 276 -61.19 -22.26 29.87
C VAL F 276 -61.89 -22.01 28.55
N LEU F 277 -61.22 -22.38 27.46
CA LEU F 277 -61.77 -22.22 26.12
C LEU F 277 -62.55 -23.47 25.78
N LYS F 278 -63.86 -23.33 25.61
CA LYS F 278 -64.77 -24.43 25.41
C LYS F 278 -65.48 -24.26 24.08
N CYS F 279 -66.33 -25.23 23.77
CA CYS F 279 -67.19 -25.18 22.58
C CYS F 279 -68.38 -26.08 22.84
N TYR F 280 -69.44 -25.90 22.06
CA TYR F 280 -70.63 -26.73 22.18
C TYR F 280 -70.65 -27.80 21.10
N LEU F 281 -71.62 -28.70 21.21
CA LEU F 281 -71.68 -29.82 20.29
C LEU F 281 -72.32 -29.42 18.97
N HIS F 282 -73.20 -28.42 19.00
CA HIS F 282 -73.91 -27.96 17.81
C HIS F 282 -73.09 -26.98 16.96
N GLU F 283 -71.92 -26.54 17.40
CA GLU F 283 -71.16 -25.57 16.65
C GLU F 283 -70.47 -26.22 15.46
N THR F 284 -70.29 -25.43 14.41
CA THR F 284 -69.72 -25.91 13.15
C THR F 284 -68.22 -26.11 13.26
N LEU F 285 -67.69 -26.92 12.36
CA LEU F 285 -66.26 -27.23 12.39
C LEU F 285 -65.43 -25.98 12.11
N GLU F 286 -65.92 -25.09 11.26
CA GLU F 286 -65.15 -23.90 10.92
C GLU F 286 -64.98 -22.97 12.12
N THR F 287 -66.07 -22.68 12.84
CA THR F 287 -65.98 -21.87 14.05
C THR F 287 -64.97 -22.46 15.02
N ILE F 288 -65.01 -23.78 15.19
CA ILE F 288 -64.11 -24.44 16.15
C ILE F 288 -62.66 -24.27 15.72
N ILE F 289 -62.38 -24.60 14.45
CA ILE F 289 -61.03 -24.42 13.91
C ILE F 289 -60.55 -22.99 14.11
N ASN F 290 -61.43 -22.02 13.86
CA ASN F 290 -61.03 -20.62 13.99
C ASN F 290 -60.77 -20.24 15.44
N ARG F 291 -61.58 -20.77 16.36
CA ARG F 291 -61.37 -20.48 17.77
C ARG F 291 -60.02 -21.00 18.24
N LEU F 292 -59.67 -22.22 17.83
CA LEU F 292 -58.38 -22.80 18.20
C LEU F 292 -57.22 -22.02 17.61
N VAL F 293 -57.31 -21.70 16.31
CA VAL F 293 -56.21 -21.01 15.64
C VAL F 293 -55.98 -19.62 16.24
N GLU F 294 -57.06 -18.96 16.65
CA GLU F 294 -56.91 -17.66 17.30
C GLU F 294 -56.42 -17.81 18.75
N ALA F 295 -56.82 -18.89 19.43
CA ALA F 295 -56.40 -19.11 20.81
C ALA F 295 -54.99 -19.68 20.94
N GLU F 296 -54.52 -20.43 19.94
CA GLU F 296 -53.21 -21.07 19.93
C GLU F 296 -53.06 -22.09 21.06
N VAL F 297 -54.15 -22.78 21.39
CA VAL F 297 -54.16 -23.87 22.36
C VAL F 297 -54.45 -25.17 21.62
N HIS F 298 -54.04 -26.28 22.23
CA HIS F 298 -54.07 -27.55 21.51
C HIS F 298 -55.45 -28.20 21.48
N ARG F 299 -56.36 -27.82 22.38
CA ARG F 299 -57.67 -28.47 22.45
C ARG F 299 -58.69 -27.52 23.06
N LEU F 300 -59.95 -27.75 22.70
CA LEU F 300 -61.10 -27.14 23.34
C LEU F 300 -61.84 -28.21 24.13
N VAL F 301 -62.47 -27.80 25.23
CA VAL F 301 -63.27 -28.70 26.04
C VAL F 301 -64.71 -28.63 25.58
N VAL F 302 -65.23 -29.74 25.05
CA VAL F 302 -66.60 -29.78 24.57
C VAL F 302 -67.54 -29.77 25.77
N VAL F 303 -68.51 -28.87 25.74
CA VAL F 303 -69.40 -28.62 26.87
C VAL F 303 -70.81 -28.42 26.31
N ASP F 304 -71.81 -28.88 27.07
CA ASP F 304 -73.20 -28.60 26.75
C ASP F 304 -73.84 -27.90 27.93
N GLU F 305 -74.91 -27.16 27.63
CA GLU F 305 -75.81 -26.58 28.63
C GLU F 305 -75.01 -25.69 29.59
N ASN F 306 -74.90 -26.03 30.87
CA ASN F 306 -74.54 -25.08 31.92
C ASN F 306 -73.04 -24.93 32.17
N ASP F 307 -72.18 -25.54 31.32
CA ASP F 307 -70.74 -25.80 31.51
C ASP F 307 -70.31 -27.20 31.99
N VAL F 308 -71.23 -28.16 32.13
CA VAL F 308 -70.78 -29.55 32.31
C VAL F 308 -70.12 -30.02 31.02
N VAL F 309 -69.07 -30.85 31.14
CA VAL F 309 -68.19 -31.20 30.03
C VAL F 309 -68.60 -32.55 29.43
N LYS F 310 -68.93 -32.56 28.13
CA LYS F 310 -69.25 -33.81 27.45
C LYS F 310 -68.13 -34.38 26.59
N GLY F 311 -66.99 -33.69 26.43
CA GLY F 311 -65.96 -34.25 25.59
C GLY F 311 -64.76 -33.33 25.42
N ILE F 312 -63.88 -33.75 24.49
CA ILE F 312 -62.65 -33.04 24.14
C ILE F 312 -62.50 -33.03 22.62
N VAL F 313 -62.12 -31.89 22.07
CA VAL F 313 -61.82 -31.77 20.64
C VAL F 313 -60.45 -31.11 20.50
N SER F 314 -59.50 -31.83 19.88
CA SER F 314 -58.10 -31.44 19.89
C SER F 314 -57.57 -31.35 18.46
N LEU F 315 -56.44 -30.64 18.30
CA LEU F 315 -55.83 -30.51 16.99
C LEU F 315 -55.48 -31.88 16.41
N SER F 316 -55.11 -32.84 17.27
CA SER F 316 -54.94 -34.21 16.82
C SER F 316 -56.19 -34.74 16.14
N ASP F 317 -57.37 -34.43 16.69
CA ASP F 317 -58.62 -34.83 16.06
C ASP F 317 -58.88 -34.04 14.79
N ILE F 318 -58.67 -32.72 14.83
CA ILE F 318 -58.97 -31.89 13.68
C ILE F 318 -58.08 -32.27 12.51
N LEU F 319 -56.76 -32.29 12.74
CA LEU F 319 -55.86 -32.61 11.63
C LEU F 319 -56.10 -34.00 11.08
N GLN F 320 -56.50 -34.95 11.93
CA GLN F 320 -56.75 -36.30 11.44
C GLN F 320 -57.95 -36.32 10.49
N ALA F 321 -59.05 -35.65 10.87
CA ALA F 321 -60.22 -35.65 10.02
C ALA F 321 -59.99 -34.89 8.71
N LEU F 322 -59.23 -33.79 8.75
CA LEU F 322 -59.11 -32.91 7.58
C LEU F 322 -58.30 -33.55 6.46
N VAL F 323 -57.18 -34.18 6.81
CA VAL F 323 -56.22 -34.66 5.82
C VAL F 323 -56.32 -36.17 5.63
N LEU F 324 -56.22 -36.94 6.72
CA LEU F 324 -56.29 -38.40 6.65
C LEU F 324 -57.65 -38.91 6.20
N THR F 325 -58.61 -38.01 6.00
CA THR F 325 -59.91 -38.36 5.40
C THR F 325 -59.74 -39.25 4.15
#